data_3C7I
# 
_entry.id   3C7I 
# 
_audit_conform.dict_name       mmcif_pdbx.dic 
_audit_conform.dict_version    5.387 
_audit_conform.dict_location   http://mmcif.pdb.org/dictionaries/ascii/mmcif_pdbx.dic 
# 
loop_
_database_2.database_id 
_database_2.database_code 
_database_2.pdbx_database_accession 
_database_2.pdbx_DOI 
PDB   3C7I         pdb_00003c7i 10.2210/pdb3c7i/pdb 
RCSB  RCSB046438   ?            ?                   
WWPDB D_1000046438 ?            ?                   
# 
loop_
_pdbx_audit_revision_history.ordinal 
_pdbx_audit_revision_history.data_content_type 
_pdbx_audit_revision_history.major_revision 
_pdbx_audit_revision_history.minor_revision 
_pdbx_audit_revision_history.revision_date 
1 'Structure model' 1 0 2008-08-12 
2 'Structure model' 1 1 2011-07-13 
3 'Structure model' 1 2 2024-02-21 
# 
_pdbx_audit_revision_details.ordinal             1 
_pdbx_audit_revision_details.revision_ordinal    1 
_pdbx_audit_revision_details.data_content_type   'Structure model' 
_pdbx_audit_revision_details.provider            repository 
_pdbx_audit_revision_details.type                'Initial release' 
_pdbx_audit_revision_details.description         ? 
_pdbx_audit_revision_details.details             ? 
# 
loop_
_pdbx_audit_revision_group.ordinal 
_pdbx_audit_revision_group.revision_ordinal 
_pdbx_audit_revision_group.data_content_type 
_pdbx_audit_revision_group.group 
1 2 'Structure model' 'Version format compliance' 
2 3 'Structure model' 'Data collection'           
3 3 'Structure model' 'Database references'       
4 3 'Structure model' 'Derived calculations'      
# 
loop_
_pdbx_audit_revision_category.ordinal 
_pdbx_audit_revision_category.revision_ordinal 
_pdbx_audit_revision_category.data_content_type 
_pdbx_audit_revision_category.category 
1 3 'Structure model' chem_comp_atom     
2 3 'Structure model' chem_comp_bond     
3 3 'Structure model' database_2         
4 3 'Structure model' struct_ref_seq_dif 
5 3 'Structure model' struct_site        
# 
loop_
_pdbx_audit_revision_item.ordinal 
_pdbx_audit_revision_item.revision_ordinal 
_pdbx_audit_revision_item.data_content_type 
_pdbx_audit_revision_item.item 
1 3 'Structure model' '_database_2.pdbx_DOI'                
2 3 'Structure model' '_database_2.pdbx_database_accession' 
3 3 'Structure model' '_struct_ref_seq_dif.details'         
4 3 'Structure model' '_struct_site.pdbx_auth_asym_id'      
5 3 'Structure model' '_struct_site.pdbx_auth_comp_id'      
6 3 'Structure model' '_struct_site.pdbx_auth_seq_id'       
# 
_pdbx_database_PDB_obs_spr.id               SPRSDE 
_pdbx_database_PDB_obs_spr.date             2008-08-12 
_pdbx_database_PDB_obs_spr.pdb_id           3C7I 
_pdbx_database_PDB_obs_spr.replace_pdb_id   2HUY 
_pdbx_database_PDB_obs_spr.details          ? 
# 
_pdbx_database_status.status_code                     REL 
_pdbx_database_status.entry_id                        3C7I 
_pdbx_database_status.recvd_initial_deposition_date   2008-02-07 
_pdbx_database_status.deposit_site                    RCSB 
_pdbx_database_status.process_site                    RCSB 
_pdbx_database_status.status_code_sf                  REL 
_pdbx_database_status.status_code_mr                  ? 
_pdbx_database_status.SG_entry                        ? 
_pdbx_database_status.pdb_format_compatible           Y 
_pdbx_database_status.status_code_cs                  ? 
_pdbx_database_status.status_code_nmr_data            ? 
_pdbx_database_status.methods_development_category    ? 
# 
_pdbx_database_related.db_name        PDB 
_pdbx_database_related.db_id          2HUW 
_pdbx_database_related.details        
;X-RAY crystal structure of the grb2 sh2 domain complexed 
to a constrained and cyclopropane-derived ligand
;
_pdbx_database_related.content_type   unspecified 
# 
loop_
_audit_author.name 
_audit_author.pdbx_ordinal 
'Benfield, A.P.' 1 
'Martin, S.F.'   2 
# 
_citation.id                        primary 
_citation.title                     
'Ligand Preorganization May be Accompanied by Entropic Penalties in Protein-Ligand Interactions.' 
_citation.journal_abbrev            Angew.Chem.Int.Ed.Engl. 
_citation.journal_volume            118 
_citation.page_first                6984 
_citation.page_last                 6989 
_citation.year                      2006 
_citation.journal_id_ASTM           ACIEAY 
_citation.country                   GE 
_citation.journal_id_ISSN           0570-0833 
_citation.journal_id_CSD            0179 
_citation.book_publisher            ? 
_citation.pdbx_database_id_PubMed   17001728 
_citation.pdbx_database_id_DOI      10.1002/ange.200600844 
# 
loop_
_citation_author.citation_id 
_citation_author.name 
_citation_author.ordinal 
_citation_author.identifier_ORCID 
primary 'Benfield, A.P.'   1 ? 
primary 'Teresk, M.G.'     2 ? 
primary 'Plake, H.R.'      3 ? 
primary 'Delorbe, J.E.'    4 ? 
primary 'Millspaugh, L.E.' 5 ? 
primary 'Martin, S.F.'     6 ? 
# 
loop_
_entity.id 
_entity.type 
_entity.src_method 
_entity.pdbx_description 
_entity.formula_weight 
_entity.pdbx_number_of_molecules 
_entity.pdbx_ec 
_entity.pdbx_mutation 
_entity.pdbx_fragment 
_entity.details 
1 polymer     man 'Growth factor receptor-bound protein 2'                                                  13687.465 1   ? ? ? ? 
2 non-polymer syn 'N-{(2R)-4-(methylamino)-4-oxo-2-[4-(phosphonooxy)benzyl]butanoyl}-L-valyl-L-aspartamide' 529.481   1   ? ? ? ? 
3 non-polymer syn 'FORMIC ACID'                                                                             46.025    1   ? ? ? ? 
4 water       nat water                                                                                     18.015    121 ? ? ? ? 
# 
_entity_name_com.entity_id   1 
_entity_name_com.name        'Adapter protein GRB2, SH2/SH3 adapter GRB2, Protein Ash' 
# 
_entity_poly.entity_id                      1 
_entity_poly.type                           'polypeptide(L)' 
_entity_poly.nstd_linkage                   no 
_entity_poly.nstd_monomer                   no 
_entity_poly.pdbx_seq_one_letter_code       
;IEMKPHPWFFGKIPRAKAEEMLSKQRHDGAFLIRESESAPGDFSLSVKFGNDVQHFKVLRDGAGKYFLWVVKFNSLNELV
DYHRSTSVSRNQQIFLRDIEQVPQQPTYVQHHHHHH
;
_entity_poly.pdbx_seq_one_letter_code_can   
;IEMKPHPWFFGKIPRAKAEEMLSKQRHDGAFLIRESESAPGDFSLSVKFGNDVQHFKVLRDGAGKYFLWVVKFNSLNELV
DYHRSTSVSRNQQIFLRDIEQVPQQPTYVQHHHHHH
;
_entity_poly.pdbx_strand_id                 A 
_entity_poly.pdbx_target_identifier         ? 
# 
loop_
_pdbx_entity_nonpoly.entity_id 
_pdbx_entity_nonpoly.name 
_pdbx_entity_nonpoly.comp_id 
2 'N-{(2R)-4-(methylamino)-4-oxo-2-[4-(phosphonooxy)benzyl]butanoyl}-L-valyl-L-aspartamide' TVN 
3 'FORMIC ACID'                                                                             FMT 
4 water                                                                                     HOH 
# 
loop_
_entity_poly_seq.entity_id 
_entity_poly_seq.num 
_entity_poly_seq.mon_id 
_entity_poly_seq.hetero 
1 1   ILE n 
1 2   GLU n 
1 3   MET n 
1 4   LYS n 
1 5   PRO n 
1 6   HIS n 
1 7   PRO n 
1 8   TRP n 
1 9   PHE n 
1 10  PHE n 
1 11  GLY n 
1 12  LYS n 
1 13  ILE n 
1 14  PRO n 
1 15  ARG n 
1 16  ALA n 
1 17  LYS n 
1 18  ALA n 
1 19  GLU n 
1 20  GLU n 
1 21  MET n 
1 22  LEU n 
1 23  SER n 
1 24  LYS n 
1 25  GLN n 
1 26  ARG n 
1 27  HIS n 
1 28  ASP n 
1 29  GLY n 
1 30  ALA n 
1 31  PHE n 
1 32  LEU n 
1 33  ILE n 
1 34  ARG n 
1 35  GLU n 
1 36  SER n 
1 37  GLU n 
1 38  SER n 
1 39  ALA n 
1 40  PRO n 
1 41  GLY n 
1 42  ASP n 
1 43  PHE n 
1 44  SER n 
1 45  LEU n 
1 46  SER n 
1 47  VAL n 
1 48  LYS n 
1 49  PHE n 
1 50  GLY n 
1 51  ASN n 
1 52  ASP n 
1 53  VAL n 
1 54  GLN n 
1 55  HIS n 
1 56  PHE n 
1 57  LYS n 
1 58  VAL n 
1 59  LEU n 
1 60  ARG n 
1 61  ASP n 
1 62  GLY n 
1 63  ALA n 
1 64  GLY n 
1 65  LYS n 
1 66  TYR n 
1 67  PHE n 
1 68  LEU n 
1 69  TRP n 
1 70  VAL n 
1 71  VAL n 
1 72  LYS n 
1 73  PHE n 
1 74  ASN n 
1 75  SER n 
1 76  LEU n 
1 77  ASN n 
1 78  GLU n 
1 79  LEU n 
1 80  VAL n 
1 81  ASP n 
1 82  TYR n 
1 83  HIS n 
1 84  ARG n 
1 85  SER n 
1 86  THR n 
1 87  SER n 
1 88  VAL n 
1 89  SER n 
1 90  ARG n 
1 91  ASN n 
1 92  GLN n 
1 93  GLN n 
1 94  ILE n 
1 95  PHE n 
1 96  LEU n 
1 97  ARG n 
1 98  ASP n 
1 99  ILE n 
1 100 GLU n 
1 101 GLN n 
1 102 VAL n 
1 103 PRO n 
1 104 GLN n 
1 105 GLN n 
1 106 PRO n 
1 107 THR n 
1 108 TYR n 
1 109 VAL n 
1 110 GLN n 
1 111 HIS n 
1 112 HIS n 
1 113 HIS n 
1 114 HIS n 
1 115 HIS n 
1 116 HIS n 
# 
_entity_src_gen.entity_id                          1 
_entity_src_gen.pdbx_src_id                        1 
_entity_src_gen.pdbx_alt_source_flag               sample 
_entity_src_gen.pdbx_seq_type                      ? 
_entity_src_gen.pdbx_beg_seq_num                   ? 
_entity_src_gen.pdbx_end_seq_num                   ? 
_entity_src_gen.gene_src_common_name               Human 
_entity_src_gen.gene_src_genus                     ? 
_entity_src_gen.pdbx_gene_src_gene                 'GRB2, ASH' 
_entity_src_gen.gene_src_species                   ? 
_entity_src_gen.gene_src_strain                    ? 
_entity_src_gen.gene_src_tissue                    ? 
_entity_src_gen.gene_src_tissue_fraction           ? 
_entity_src_gen.gene_src_details                   ? 
_entity_src_gen.pdbx_gene_src_fragment             ? 
_entity_src_gen.pdbx_gene_src_scientific_name      'Homo sapiens' 
_entity_src_gen.pdbx_gene_src_ncbi_taxonomy_id     ? 
_entity_src_gen.pdbx_gene_src_variant              ? 
_entity_src_gen.pdbx_gene_src_cell_line            ? 
_entity_src_gen.pdbx_gene_src_atcc                 ? 
_entity_src_gen.pdbx_gene_src_organ                ? 
_entity_src_gen.pdbx_gene_src_organelle            ? 
_entity_src_gen.pdbx_gene_src_cell                 ? 
_entity_src_gen.pdbx_gene_src_cellular_location    ? 
_entity_src_gen.host_org_common_name               ? 
_entity_src_gen.pdbx_host_org_scientific_name      'ESCHERICHIA COLI' 
_entity_src_gen.pdbx_host_org_ncbi_taxonomy_id     ? 
_entity_src_gen.host_org_genus                     ? 
_entity_src_gen.pdbx_host_org_gene                 ? 
_entity_src_gen.pdbx_host_org_organ                ? 
_entity_src_gen.host_org_species                   ? 
_entity_src_gen.pdbx_host_org_tissue               ? 
_entity_src_gen.pdbx_host_org_tissue_fraction      ? 
_entity_src_gen.pdbx_host_org_strain               ? 
_entity_src_gen.pdbx_host_org_variant              ? 
_entity_src_gen.pdbx_host_org_cell_line            ? 
_entity_src_gen.pdbx_host_org_atcc                 ? 
_entity_src_gen.pdbx_host_org_culture_collection   ? 
_entity_src_gen.pdbx_host_org_cell                 ? 
_entity_src_gen.pdbx_host_org_organelle            ? 
_entity_src_gen.pdbx_host_org_cellular_location    ? 
_entity_src_gen.pdbx_host_org_vector_type          ? 
_entity_src_gen.pdbx_host_org_vector               ? 
_entity_src_gen.host_org_details                   ? 
_entity_src_gen.expression_system_id               ? 
_entity_src_gen.plasmid_name                       ? 
_entity_src_gen.plasmid_details                    ? 
_entity_src_gen.pdbx_description                   ? 
# 
loop_
_chem_comp.id 
_chem_comp.type 
_chem_comp.mon_nstd_flag 
_chem_comp.name 
_chem_comp.pdbx_synonyms 
_chem_comp.formula 
_chem_comp.formula_weight 
ALA 'L-peptide linking' y ALANINE                                                                                   ? 'C3 H7 N O2' 
89.093  
ARG 'L-peptide linking' y ARGININE                                                                                  ? 
'C6 H15 N4 O2 1'  175.209 
ASN 'L-peptide linking' y ASPARAGINE                                                                                ? 
'C4 H8 N2 O3'     132.118 
ASP 'L-peptide linking' y 'ASPARTIC ACID'                                                                           ? 'C4 H7 N O4' 
133.103 
FMT non-polymer         . 'FORMIC ACID'                                                                             ? 'C H2 O2' 
46.025  
GLN 'L-peptide linking' y GLUTAMINE                                                                                 ? 
'C5 H10 N2 O3'    146.144 
GLU 'L-peptide linking' y 'GLUTAMIC ACID'                                                                           ? 'C5 H9 N O4' 
147.129 
GLY 'peptide linking'   y GLYCINE                                                                                   ? 'C2 H5 N O2' 
75.067  
HIS 'L-peptide linking' y HISTIDINE                                                                                 ? 
'C6 H10 N3 O2 1'  156.162 
HOH non-polymer         . WATER                                                                                     ? 'H2 O' 
18.015  
ILE 'L-peptide linking' y ISOLEUCINE                                                                                ? 
'C6 H13 N O2'     131.173 
LEU 'L-peptide linking' y LEUCINE                                                                                   ? 
'C6 H13 N O2'     131.173 
LYS 'L-peptide linking' y LYSINE                                                                                    ? 
'C6 H15 N2 O2 1'  147.195 
MET 'L-peptide linking' y METHIONINE                                                                                ? 
'C5 H11 N O2 S'   149.211 
PHE 'L-peptide linking' y PHENYLALANINE                                                                             ? 
'C9 H11 N O2'     165.189 
PRO 'L-peptide linking' y PROLINE                                                                                   ? 'C5 H9 N O2' 
115.130 
SER 'L-peptide linking' y SERINE                                                                                    ? 'C3 H7 N O3' 
105.093 
THR 'L-peptide linking' y THREONINE                                                                                 ? 'C4 H9 N O3' 
119.119 
TRP 'L-peptide linking' y TRYPTOPHAN                                                                                ? 
'C11 H12 N2 O2'   204.225 
TVN non-polymer         . 'N-{(2R)-4-(methylamino)-4-oxo-2-[4-(phosphonooxy)benzyl]butanoyl}-L-valyl-L-aspartamide' ? 
'C21 H32 N5 O9 P' 529.481 
TYR 'L-peptide linking' y TYROSINE                                                                                  ? 
'C9 H11 N O3'     181.189 
VAL 'L-peptide linking' y VALINE                                                                                    ? 
'C5 H11 N O2'     117.146 
# 
loop_
_pdbx_poly_seq_scheme.asym_id 
_pdbx_poly_seq_scheme.entity_id 
_pdbx_poly_seq_scheme.seq_id 
_pdbx_poly_seq_scheme.mon_id 
_pdbx_poly_seq_scheme.ndb_seq_num 
_pdbx_poly_seq_scheme.pdb_seq_num 
_pdbx_poly_seq_scheme.auth_seq_num 
_pdbx_poly_seq_scheme.pdb_mon_id 
_pdbx_poly_seq_scheme.auth_mon_id 
_pdbx_poly_seq_scheme.pdb_strand_id 
_pdbx_poly_seq_scheme.pdb_ins_code 
_pdbx_poly_seq_scheme.hetero 
A 1 1   ILE 1   53  ?   ?   ?   A . n 
A 1 2   GLU 2   54  ?   ?   ?   A . n 
A 1 3   MET 3   55  55  MET MET A . n 
A 1 4   LYS 4   56  56  LYS LYS A . n 
A 1 5   PRO 5   57  57  PRO PRO A . n 
A 1 6   HIS 6   58  58  HIS HIS A . n 
A 1 7   PRO 7   59  59  PRO PRO A . n 
A 1 8   TRP 8   60  60  TRP TRP A . n 
A 1 9   PHE 9   61  61  PHE PHE A . n 
A 1 10  PHE 10  62  62  PHE PHE A . n 
A 1 11  GLY 11  63  63  GLY GLY A . n 
A 1 12  LYS 12  64  64  LYS LYS A . n 
A 1 13  ILE 13  65  65  ILE ILE A . n 
A 1 14  PRO 14  66  66  PRO PRO A . n 
A 1 15  ARG 15  67  67  ARG ARG A . n 
A 1 16  ALA 16  68  68  ALA ALA A . n 
A 1 17  LYS 17  69  69  LYS LYS A . n 
A 1 18  ALA 18  70  70  ALA ALA A . n 
A 1 19  GLU 19  71  71  GLU GLU A . n 
A 1 20  GLU 20  72  72  GLU GLU A . n 
A 1 21  MET 21  73  73  MET MET A . n 
A 1 22  LEU 22  74  74  LEU LEU A . n 
A 1 23  SER 23  75  75  SER SER A . n 
A 1 24  LYS 24  76  76  LYS LYS A . n 
A 1 25  GLN 25  77  77  GLN GLN A . n 
A 1 26  ARG 26  78  78  ARG ARG A . n 
A 1 27  HIS 27  79  79  HIS HIS A . n 
A 1 28  ASP 28  80  80  ASP ASP A . n 
A 1 29  GLY 29  81  81  GLY GLY A . n 
A 1 30  ALA 30  82  82  ALA ALA A . n 
A 1 31  PHE 31  83  83  PHE PHE A . n 
A 1 32  LEU 32  84  84  LEU LEU A . n 
A 1 33  ILE 33  85  85  ILE ILE A . n 
A 1 34  ARG 34  86  86  ARG ARG A . n 
A 1 35  GLU 35  87  87  GLU GLU A . n 
A 1 36  SER 36  88  88  SER SER A . n 
A 1 37  GLU 37  89  89  GLU GLU A . n 
A 1 38  SER 38  90  90  SER SER A . n 
A 1 39  ALA 39  91  91  ALA ALA A . n 
A 1 40  PRO 40  92  92  PRO PRO A . n 
A 1 41  GLY 41  93  93  GLY GLY A . n 
A 1 42  ASP 42  94  94  ASP ASP A . n 
A 1 43  PHE 43  95  95  PHE PHE A . n 
A 1 44  SER 44  96  96  SER SER A . n 
A 1 45  LEU 45  97  97  LEU LEU A . n 
A 1 46  SER 46  98  98  SER SER A . n 
A 1 47  VAL 47  99  99  VAL VAL A . n 
A 1 48  LYS 48  100 100 LYS LYS A . n 
A 1 49  PHE 49  101 101 PHE PHE A . n 
A 1 50  GLY 50  102 102 GLY GLY A . n 
A 1 51  ASN 51  103 103 ASN ASN A . n 
A 1 52  ASP 52  104 104 ASP ASP A . n 
A 1 53  VAL 53  105 105 VAL VAL A . n 
A 1 54  GLN 54  106 106 GLN GLN A . n 
A 1 55  HIS 55  107 107 HIS HIS A . n 
A 1 56  PHE 56  108 108 PHE PHE A . n 
A 1 57  LYS 57  109 109 LYS LYS A . n 
A 1 58  VAL 58  110 110 VAL VAL A . n 
A 1 59  LEU 59  111 111 LEU LEU A . n 
A 1 60  ARG 60  112 112 ARG ARG A . n 
A 1 61  ASP 61  113 113 ASP ASP A . n 
A 1 62  GLY 62  114 114 GLY GLY A . n 
A 1 63  ALA 63  115 115 ALA ALA A . n 
A 1 64  GLY 64  116 116 GLY GLY A . n 
A 1 65  LYS 65  117 117 LYS LYS A . n 
A 1 66  TYR 66  118 118 TYR TYR A . n 
A 1 67  PHE 67  119 119 PHE PHE A . n 
A 1 68  LEU 68  120 120 LEU LEU A . n 
A 1 69  TRP 69  121 121 TRP TRP A . n 
A 1 70  VAL 70  122 122 VAL VAL A . n 
A 1 71  VAL 71  123 123 VAL VAL A . n 
A 1 72  LYS 72  124 124 LYS LYS A . n 
A 1 73  PHE 73  125 125 PHE PHE A . n 
A 1 74  ASN 74  126 126 ASN ASN A . n 
A 1 75  SER 75  127 127 SER SER A . n 
A 1 76  LEU 76  128 128 LEU LEU A . n 
A 1 77  ASN 77  129 129 ASN ASN A . n 
A 1 78  GLU 78  130 130 GLU GLU A . n 
A 1 79  LEU 79  131 131 LEU LEU A . n 
A 1 80  VAL 80  132 132 VAL VAL A . n 
A 1 81  ASP 81  133 133 ASP ASP A . n 
A 1 82  TYR 82  134 134 TYR TYR A . n 
A 1 83  HIS 83  135 135 HIS HIS A . n 
A 1 84  ARG 84  136 136 ARG ARG A . n 
A 1 85  SER 85  137 137 SER SER A . n 
A 1 86  THR 86  138 138 THR THR A . n 
A 1 87  SER 87  139 139 SER SER A . n 
A 1 88  VAL 88  140 140 VAL VAL A . n 
A 1 89  SER 89  141 141 SER SER A . n 
A 1 90  ARG 90  142 142 ARG ARG A . n 
A 1 91  ASN 91  143 143 ASN ASN A . n 
A 1 92  GLN 92  144 144 GLN GLN A . n 
A 1 93  GLN 93  145 145 GLN GLN A . n 
A 1 94  ILE 94  146 146 ILE ILE A . n 
A 1 95  PHE 95  147 147 PHE PHE A . n 
A 1 96  LEU 96  148 148 LEU LEU A . n 
A 1 97  ARG 97  149 149 ARG ARG A . n 
A 1 98  ASP 98  150 150 ASP ASP A . n 
A 1 99  ILE 99  151 151 ILE ILE A . n 
A 1 100 GLU 100 152 152 GLU GLU A . n 
A 1 101 GLN 101 153 153 GLN GLN A . n 
A 1 102 VAL 102 154 154 VAL VAL A . n 
A 1 103 PRO 103 155 155 PRO PRO A . n 
A 1 104 GLN 104 156 ?   ?   ?   A . n 
A 1 105 GLN 105 157 ?   ?   ?   A . n 
A 1 106 PRO 106 158 ?   ?   ?   A . n 
A 1 107 THR 107 159 ?   ?   ?   A . n 
A 1 108 TYR 108 160 ?   ?   ?   A . n 
A 1 109 VAL 109 161 ?   ?   ?   A . n 
A 1 110 GLN 110 162 ?   ?   ?   A . n 
A 1 111 HIS 111 163 ?   ?   ?   A . n 
A 1 112 HIS 112 164 ?   ?   ?   A . n 
A 1 113 HIS 113 165 ?   ?   ?   A . n 
A 1 114 HIS 114 166 ?   ?   ?   A . n 
A 1 115 HIS 115 167 ?   ?   ?   A . n 
A 1 116 HIS 116 168 ?   ?   ?   A . n 
# 
loop_
_pdbx_nonpoly_scheme.asym_id 
_pdbx_nonpoly_scheme.entity_id 
_pdbx_nonpoly_scheme.mon_id 
_pdbx_nonpoly_scheme.ndb_seq_num 
_pdbx_nonpoly_scheme.pdb_seq_num 
_pdbx_nonpoly_scheme.auth_seq_num 
_pdbx_nonpoly_scheme.pdb_mon_id 
_pdbx_nonpoly_scheme.auth_mon_id 
_pdbx_nonpoly_scheme.pdb_strand_id 
_pdbx_nonpoly_scheme.pdb_ins_code 
B 2 TVN 1   202 202 TVN TVN A . 
C 3 FMT 1   201 201 FMT FMT A . 
D 4 HOH 1   203 1   HOH HOH A . 
D 4 HOH 2   204 2   HOH HOH A . 
D 4 HOH 3   205 3   HOH HOH A . 
D 4 HOH 4   206 4   HOH HOH A . 
D 4 HOH 5   207 5   HOH HOH A . 
D 4 HOH 6   208 6   HOH HOH A . 
D 4 HOH 7   209 7   HOH HOH A . 
D 4 HOH 8   210 8   HOH HOH A . 
D 4 HOH 9   211 9   HOH HOH A . 
D 4 HOH 10  212 10  HOH HOH A . 
D 4 HOH 11  213 11  HOH HOH A . 
D 4 HOH 12  214 12  HOH HOH A . 
D 4 HOH 13  215 13  HOH HOH A . 
D 4 HOH 14  216 14  HOH HOH A . 
D 4 HOH 15  217 15  HOH HOH A . 
D 4 HOH 16  218 16  HOH HOH A . 
D 4 HOH 17  219 17  HOH HOH A . 
D 4 HOH 18  220 18  HOH HOH A . 
D 4 HOH 19  221 19  HOH HOH A . 
D 4 HOH 20  222 20  HOH HOH A . 
D 4 HOH 21  223 21  HOH HOH A . 
D 4 HOH 22  224 22  HOH HOH A . 
D 4 HOH 23  225 23  HOH HOH A . 
D 4 HOH 24  226 24  HOH HOH A . 
D 4 HOH 25  227 25  HOH HOH A . 
D 4 HOH 26  228 26  HOH HOH A . 
D 4 HOH 27  229 27  HOH HOH A . 
D 4 HOH 28  230 28  HOH HOH A . 
D 4 HOH 29  231 29  HOH HOH A . 
D 4 HOH 30  232 30  HOH HOH A . 
D 4 HOH 31  233 31  HOH HOH A . 
D 4 HOH 32  234 32  HOH HOH A . 
D 4 HOH 33  235 33  HOH HOH A . 
D 4 HOH 34  236 34  HOH HOH A . 
D 4 HOH 35  237 35  HOH HOH A . 
D 4 HOH 36  238 36  HOH HOH A . 
D 4 HOH 37  239 37  HOH HOH A . 
D 4 HOH 38  240 38  HOH HOH A . 
D 4 HOH 39  241 39  HOH HOH A . 
D 4 HOH 40  242 40  HOH HOH A . 
D 4 HOH 41  243 41  HOH HOH A . 
D 4 HOH 42  244 42  HOH HOH A . 
D 4 HOH 43  245 43  HOH HOH A . 
D 4 HOH 44  246 44  HOH HOH A . 
D 4 HOH 45  247 45  HOH HOH A . 
D 4 HOH 46  248 46  HOH HOH A . 
D 4 HOH 47  249 47  HOH HOH A . 
D 4 HOH 48  250 48  HOH HOH A . 
D 4 HOH 49  251 49  HOH HOH A . 
D 4 HOH 50  252 50  HOH HOH A . 
D 4 HOH 51  253 51  HOH HOH A . 
D 4 HOH 52  254 52  HOH HOH A . 
D 4 HOH 53  255 53  HOH HOH A . 
D 4 HOH 54  256 54  HOH HOH A . 
D 4 HOH 55  257 55  HOH HOH A . 
D 4 HOH 56  258 56  HOH HOH A . 
D 4 HOH 57  259 57  HOH HOH A . 
D 4 HOH 58  260 58  HOH HOH A . 
D 4 HOH 59  261 59  HOH HOH A . 
D 4 HOH 60  262 60  HOH HOH A . 
D 4 HOH 61  263 61  HOH HOH A . 
D 4 HOH 62  264 62  HOH HOH A . 
D 4 HOH 63  265 63  HOH HOH A . 
D 4 HOH 64  266 64  HOH HOH A . 
D 4 HOH 65  267 65  HOH HOH A . 
D 4 HOH 66  268 66  HOH HOH A . 
D 4 HOH 67  269 67  HOH HOH A . 
D 4 HOH 68  270 68  HOH HOH A . 
D 4 HOH 69  271 69  HOH HOH A . 
D 4 HOH 70  272 70  HOH HOH A . 
D 4 HOH 71  273 71  HOH HOH A . 
D 4 HOH 72  274 72  HOH HOH A . 
D 4 HOH 73  275 73  HOH HOH A . 
D 4 HOH 74  276 74  HOH HOH A . 
D 4 HOH 75  277 75  HOH HOH A . 
D 4 HOH 76  278 76  HOH HOH A . 
D 4 HOH 77  279 77  HOH HOH A . 
D 4 HOH 78  280 78  HOH HOH A . 
D 4 HOH 79  281 79  HOH HOH A . 
D 4 HOH 80  282 80  HOH HOH A . 
D 4 HOH 81  283 81  HOH HOH A . 
D 4 HOH 82  284 82  HOH HOH A . 
D 4 HOH 83  285 83  HOH HOH A . 
D 4 HOH 84  286 84  HOH HOH A . 
D 4 HOH 85  287 85  HOH HOH A . 
D 4 HOH 86  288 86  HOH HOH A . 
D 4 HOH 87  289 87  HOH HOH A . 
D 4 HOH 88  290 88  HOH HOH A . 
D 4 HOH 89  291 89  HOH HOH A . 
D 4 HOH 90  292 90  HOH HOH A . 
D 4 HOH 91  293 91  HOH HOH A . 
D 4 HOH 92  294 92  HOH HOH A . 
D 4 HOH 93  295 93  HOH HOH A . 
D 4 HOH 94  296 94  HOH HOH A . 
D 4 HOH 95  297 95  HOH HOH A . 
D 4 HOH 96  298 96  HOH HOH A . 
D 4 HOH 97  299 97  HOH HOH A . 
D 4 HOH 98  300 98  HOH HOH A . 
D 4 HOH 99  301 99  HOH HOH A . 
D 4 HOH 100 302 100 HOH HOH A . 
D 4 HOH 101 303 101 HOH HOH A . 
D 4 HOH 102 304 102 HOH HOH A . 
D 4 HOH 103 305 103 HOH HOH A . 
D 4 HOH 104 306 104 HOH HOH A . 
D 4 HOH 105 307 105 HOH HOH A . 
D 4 HOH 106 308 106 HOH HOH A . 
D 4 HOH 107 309 107 HOH HOH A . 
D 4 HOH 108 310 108 HOH HOH A . 
D 4 HOH 109 311 109 HOH HOH A . 
D 4 HOH 110 312 110 HOH HOH A . 
D 4 HOH 111 313 111 HOH HOH A . 
D 4 HOH 112 314 113 HOH HOH A . 
D 4 HOH 113 315 114 HOH HOH A . 
D 4 HOH 114 316 115 HOH HOH A . 
D 4 HOH 115 317 116 HOH HOH A . 
D 4 HOH 116 318 117 HOH HOH A . 
D 4 HOH 117 319 118 HOH HOH A . 
D 4 HOH 118 320 119 HOH HOH A . 
D 4 HOH 119 321 120 HOH HOH A . 
D 4 HOH 120 322 121 HOH HOH A . 
D 4 HOH 121 323 122 HOH HOH A . 
# 
loop_
_software.name 
_software.classification 
_software.version 
_software.citation_id 
_software.pdbx_ordinal 
CCP4     'model building' . ? 1 
CNS      refinement       . ? 2 
HKL-2000 'data reduction' . ? 3 
HKL-2000 'data scaling'   . ? 4 
CCP4     phasing          . ? 5 
# 
_cell.entry_id           3C7I 
_cell.length_a           42.053 
_cell.length_b           42.053 
_cell.length_c           109.426 
_cell.angle_alpha        90.00 
_cell.angle_beta         90.00 
_cell.angle_gamma        90.00 
_cell.Z_PDB              8 
_cell.pdbx_unique_axis   ? 
_cell.length_a_esd       ? 
_cell.length_b_esd       ? 
_cell.length_c_esd       ? 
_cell.angle_alpha_esd    ? 
_cell.angle_beta_esd     ? 
_cell.angle_gamma_esd    ? 
# 
_symmetry.entry_id                         3C7I 
_symmetry.space_group_name_H-M             'P 43 21 2' 
_symmetry.pdbx_full_space_group_name_H-M   ? 
_symmetry.cell_setting                     ? 
_symmetry.Int_Tables_number                96 
_symmetry.space_group_name_Hall            ? 
# 
_exptl.entry_id          3C7I 
_exptl.method            'X-RAY DIFFRACTION' 
_exptl.crystals_number   1 
# 
_exptl_crystal.id                    1 
_exptl_crystal.density_meas          ? 
_exptl_crystal.density_Matthews      1.77 
_exptl_crystal.density_percent_sol   30.40 
_exptl_crystal.description           ? 
_exptl_crystal.F_000                 ? 
_exptl_crystal.preparation           ? 
# 
_exptl_crystal_grow.crystal_id      1 
_exptl_crystal_grow.method          'VAPOR DIFFUSION, HANGING DROP' 
_exptl_crystal_grow.temp            293 
_exptl_crystal_grow.temp_details    ? 
_exptl_crystal_grow.pH              5.00 
_exptl_crystal_grow.pdbx_details    
;LIGAND (FPTVN) was added in a 1.5 molar excess to 15 MG/ML GRB2-SH2 in pure water. 
This solution was mixed with an equal volume of 4.0 m sodium formate., pH 5.00, VAPOR DIFFUSION, HANGING DROP, temperature 293KK
;
_exptl_crystal_grow.pdbx_pH_range   . 
# 
_diffrn.id                     1 
_diffrn.ambient_temp           100.0 
_diffrn.ambient_temp_details   ? 
_diffrn.crystal_id             1 
# 
_diffrn_detector.diffrn_id              1 
_diffrn_detector.detector               'IMAGE PLATE' 
_diffrn_detector.type                   'RIGAKU RAXIS IV' 
_diffrn_detector.pdbx_collection_date   2005-01-01 
_diffrn_detector.details                ? 
# 
_diffrn_radiation.diffrn_id                        1 
_diffrn_radiation.wavelength_id                    1 
_diffrn_radiation.pdbx_monochromatic_or_laue_m_l   M 
_diffrn_radiation.monochromator                    ? 
_diffrn_radiation.pdbx_diffrn_protocol             'SINGLE WAVELENGTH' 
_diffrn_radiation.pdbx_scattering_type             x-ray 
# 
_diffrn_radiation_wavelength.id           1 
_diffrn_radiation_wavelength.wavelength   1.5418 
_diffrn_radiation_wavelength.wt           1.0 
# 
_diffrn_source.diffrn_id                   1 
_diffrn_source.source                      'ROTATING ANODE' 
_diffrn_source.type                        'RIGAKU RU200' 
_diffrn_source.pdbx_synchrotron_site       ? 
_diffrn_source.pdbx_synchrotron_beamline   ? 
_diffrn_source.pdbx_wavelength             1.5418 
_diffrn_source.pdbx_wavelength_list        ? 
# 
_reflns.entry_id                     3C7I 
_reflns.observed_criterion_sigma_I   1.000 
_reflns.observed_criterion_sigma_F   ? 
_reflns.d_resolution_low             30.000 
_reflns.d_resolution_high            1.700 
_reflns.number_obs                   11224 
_reflns.number_all                   ? 
_reflns.percent_possible_obs         97.2 
_reflns.pdbx_Rmerge_I_obs            0.05400 
_reflns.pdbx_Rsym_value              ? 
_reflns.pdbx_netI_over_sigmaI        23.3000 
_reflns.B_iso_Wilson_estimate        ? 
_reflns.pdbx_redundancy              5.200 
_reflns.R_free_details               ? 
_reflns.limit_h_max                  ? 
_reflns.limit_h_min                  ? 
_reflns.limit_k_max                  ? 
_reflns.limit_k_min                  ? 
_reflns.limit_l_max                  ? 
_reflns.limit_l_min                  ? 
_reflns.observed_criterion_F_max     ? 
_reflns.observed_criterion_F_min     ? 
_reflns.pdbx_chi_squared             ? 
_reflns.pdbx_scaling_rejects         ? 
_reflns.pdbx_diffrn_id               1 
_reflns.pdbx_ordinal                 1 
# 
_reflns_shell.d_res_high             1.70 
_reflns_shell.d_res_low              1.76 
_reflns_shell.percent_possible_all   79.7 
_reflns_shell.Rmerge_I_obs           0.17400 
_reflns_shell.pdbx_Rsym_value        ? 
_reflns_shell.meanI_over_sigI_obs    ? 
_reflns_shell.pdbx_redundancy        2.60 
_reflns_shell.percent_possible_obs   ? 
_reflns_shell.number_unique_all      ? 
_reflns_shell.number_measured_all    ? 
_reflns_shell.number_measured_obs    ? 
_reflns_shell.number_unique_obs      ? 
_reflns_shell.pdbx_chi_squared       ? 
_reflns_shell.pdbx_diffrn_id         ? 
_reflns_shell.pdbx_ordinal           1 
# 
_refine.entry_id                                 3C7I 
_refine.ls_number_reflns_obs                     10985 
_refine.ls_number_reflns_all                     ? 
_refine.pdbx_ls_sigma_I                          ? 
_refine.pdbx_ls_sigma_F                          0.000 
_refine.pdbx_data_cutoff_high_absF               ? 
_refine.pdbx_data_cutoff_low_absF                ? 
_refine.pdbx_data_cutoff_high_rms_absF           ? 
_refine.ls_d_res_low                             14.70 
_refine.ls_d_res_high                            1.70 
_refine.ls_percent_reflns_obs                    95.8 
_refine.ls_R_factor_obs                          0.207 
_refine.ls_R_factor_all                          ? 
_refine.ls_R_factor_R_work                       0.207 
_refine.ls_R_factor_R_free                       0.234 
_refine.ls_R_factor_R_free_error                 ? 
_refine.ls_R_factor_R_free_error_details         ? 
_refine.ls_percent_reflns_R_free                 4.800 
_refine.ls_number_reflns_R_free                  555 
_refine.ls_number_parameters                     ? 
_refine.ls_number_restraints                     ? 
_refine.occupancy_min                            ? 
_refine.occupancy_max                            ? 
_refine.correlation_coeff_Fo_to_Fc               ? 
_refine.correlation_coeff_Fo_to_Fc_free          ? 
_refine.B_iso_mean                               20.68 
_refine.aniso_B[1][1]                            0.69800 
_refine.aniso_B[2][2]                            0.69800 
_refine.aniso_B[3][3]                            -1.39700 
_refine.aniso_B[1][2]                            0.00000 
_refine.aniso_B[1][3]                            0.00000 
_refine.aniso_B[2][3]                            0.00000 
_refine.solvent_model_details                    ? 
_refine.solvent_model_param_ksol                 ? 
_refine.solvent_model_param_bsol                 49.50 
_refine.pdbx_solvent_vdw_probe_radii             ? 
_refine.pdbx_solvent_ion_probe_radii             ? 
_refine.pdbx_solvent_shrinkage_radii             ? 
_refine.pdbx_ls_cross_valid_method               ? 
_refine.details                                  ? 
_refine.pdbx_starting_model                      ? 
_refine.pdbx_method_to_determine_struct          'MOLECULAR REPLACEMENT' 
_refine.pdbx_isotropic_thermal_model             ? 
_refine.pdbx_stereochemistry_target_values       'ENGH & HUBER' 
_refine.pdbx_stereochem_target_val_spec_case     ? 
_refine.pdbx_R_Free_selection_details            RANDOM 
_refine.pdbx_overall_ESU_R                       ? 
_refine.pdbx_overall_ESU_R_Free                  ? 
_refine.overall_SU_ML                            ? 
_refine.overall_SU_B                             ? 
_refine.ls_redundancy_reflns_obs                 ? 
_refine.B_iso_min                                ? 
_refine.B_iso_max                                ? 
_refine.overall_SU_R_Cruickshank_DPI             ? 
_refine.overall_SU_R_free                        ? 
_refine.ls_wR_factor_R_free                      ? 
_refine.ls_wR_factor_R_work                      ? 
_refine.overall_FOM_free_R_set                   ? 
_refine.overall_FOM_work_R_set                   ? 
_refine.pdbx_overall_phase_error                 ? 
_refine.pdbx_refine_id                           'X-RAY DIFFRACTION' 
_refine.pdbx_diffrn_id                           1 
_refine.pdbx_TLS_residual_ADP_flag               ? 
_refine.pdbx_overall_SU_R_free_Cruickshank_DPI   ? 
_refine.pdbx_overall_SU_R_Blow_DPI               ? 
_refine.pdbx_overall_SU_R_free_Blow_DPI          ? 
# 
_refine_hist.pdbx_refine_id                   'X-RAY DIFFRACTION' 
_refine_hist.cycle_id                         LAST 
_refine_hist.pdbx_number_atoms_protein        832 
_refine_hist.pdbx_number_atoms_nucleic_acid   0 
_refine_hist.pdbx_number_atoms_ligand         36 
_refine_hist.number_atoms_solvent             124 
_refine_hist.number_atoms_total               992 
_refine_hist.d_res_high                       1.70 
_refine_hist.d_res_low                        14.70 
# 
loop_
_refine_ls_restr.type 
_refine_ls_restr.dev_ideal 
_refine_ls_restr.dev_ideal_target 
_refine_ls_restr.weight 
_refine_ls_restr.number 
_refine_ls_restr.pdbx_refine_id 
_refine_ls_restr.pdbx_restraint_function 
c_bond_d                0.005 ?     ? ? 'X-RAY DIFFRACTION' ? 
c_bond_d_na             ?     ?     ? ? 'X-RAY DIFFRACTION' ? 
c_bond_d_prot           ?     ?     ? ? 'X-RAY DIFFRACTION' ? 
c_angle_d               ?     ?     ? ? 'X-RAY DIFFRACTION' ? 
c_angle_d_na            ?     ?     ? ? 'X-RAY DIFFRACTION' ? 
c_angle_d_prot          ?     ?     ? ? 'X-RAY DIFFRACTION' ? 
c_angle_deg             1.31  ?     ? ? 'X-RAY DIFFRACTION' ? 
c_angle_deg_na          ?     ?     ? ? 'X-RAY DIFFRACTION' ? 
c_angle_deg_prot        ?     ?     ? ? 'X-RAY DIFFRACTION' ? 
c_dihedral_angle_d      ?     ?     ? ? 'X-RAY DIFFRACTION' ? 
c_dihedral_angle_d_na   ?     ?     ? ? 'X-RAY DIFFRACTION' ? 
c_dihedral_angle_d_prot ?     ?     ? ? 'X-RAY DIFFRACTION' ? 
c_improper_angle_d      ?     ?     ? ? 'X-RAY DIFFRACTION' ? 
c_improper_angle_d_na   ?     ?     ? ? 'X-RAY DIFFRACTION' ? 
c_improper_angle_d_prot ?     ?     ? ? 'X-RAY DIFFRACTION' ? 
c_mcbond_it             1.269 1.500 ? ? 'X-RAY DIFFRACTION' ? 
c_mcangle_it            2.052 2.000 ? ? 'X-RAY DIFFRACTION' ? 
c_scbond_it             1.851 2.000 ? ? 'X-RAY DIFFRACTION' ? 
c_scangle_it            2.754 2.500 ? ? 'X-RAY DIFFRACTION' ? 
# 
_refine_ls_shell.pdbx_total_number_of_bins_used   11 
_refine_ls_shell.d_res_high                       1.70 
_refine_ls_shell.d_res_low                        1.75 
_refine_ls_shell.number_reflns_R_work             699 
_refine_ls_shell.R_factor_R_work                  0.3100 
_refine_ls_shell.percent_reflns_obs               ? 
_refine_ls_shell.R_factor_R_free                  0.3390 
_refine_ls_shell.R_factor_R_free_error            ? 
_refine_ls_shell.percent_reflns_R_free            ? 
_refine_ls_shell.number_reflns_R_free             36 
_refine_ls_shell.number_reflns_all                ? 
_refine_ls_shell.R_factor_all                     ? 
_refine_ls_shell.number_reflns_obs                ? 
_refine_ls_shell.redundancy_reflns_obs            ? 
_refine_ls_shell.pdbx_refine_id                   'X-RAY DIFFRACTION' 
# 
loop_
_pdbx_xplor_file.serial_no 
_pdbx_xplor_file.param_file 
_pdbx_xplor_file.topol_file 
_pdbx_xplor_file.pdbx_refine_id 
1 CNS_TOPPAR:PROTEIN_REP.PARAM CNS_TOPPAR:PROTEIN.TOP 'X-RAY DIFFRACTION' 
2 FPTVN.PARAM                  FPTVN.TOP              'X-RAY DIFFRACTION' 
3 CNS_TOPPAR:WATER_REP.PARAM   CNS_TOPPAR:WATER.TOP   'X-RAY DIFFRACTION' 
4 CNS_TOPPAR:ION.PARAM         CNS_TOPPAR:ION.TOP     'X-RAY DIFFRACTION' 
5 FORMATE.PARAM                FORMATE.TOP            'X-RAY DIFFRACTION' 
# 
_struct.entry_id                  3C7I 
_struct.title                     
'X-RAY crystal structure of the complex between the grb2-sh2 domain and a flexible ligand, FPTVN.' 
_struct.pdbx_model_details        ? 
_struct.pdbx_CASP_flag            ? 
_struct.pdbx_model_type_details   ? 
# 
_struct_keywords.entry_id        3C7I 
_struct_keywords.pdbx_keywords   SPLICING 
_struct_keywords.text            
;FLEXIBLE, CONSTRAINED, ENTROPY, GRB2-SH2, LIGAND PREORGANIZATION, Alternative splicing, Host-virus interaction, Phosphoprotein, SH2 domain, SH3 domain, SPLICING
;
# 
loop_
_struct_asym.id 
_struct_asym.pdbx_blank_PDB_chainid_flag 
_struct_asym.pdbx_modified 
_struct_asym.entity_id 
_struct_asym.details 
A N N 1 ? 
B N N 2 ? 
C N N 3 ? 
D N N 4 ? 
# 
_struct_ref.id                         1 
_struct_ref.db_name                    UNP 
_struct_ref.db_code                    GRB2_HUMAN 
_struct_ref.pdbx_db_accession          P62993 
_struct_ref.entity_id                  1 
_struct_ref.pdbx_seq_one_letter_code   
;IEMKPHPWFFGKIPRAKAEEMLSKQRHDGAFLIRESESAPGDFSLSVKFGNDVQHFKVLRDGAGKYFLWVVKFNSLNELV
DYHRSTSVSRNQQIFLRDIEQVPQQPTYVQ
;
_struct_ref.pdbx_align_begin           53 
_struct_ref.pdbx_db_isoform            ? 
# 
_struct_ref_seq.align_id                      1 
_struct_ref_seq.ref_id                        1 
_struct_ref_seq.pdbx_PDB_id_code              3C7I 
_struct_ref_seq.pdbx_strand_id                A 
_struct_ref_seq.seq_align_beg                 1 
_struct_ref_seq.pdbx_seq_align_beg_ins_code   ? 
_struct_ref_seq.seq_align_end                 110 
_struct_ref_seq.pdbx_seq_align_end_ins_code   ? 
_struct_ref_seq.pdbx_db_accession             P62993 
_struct_ref_seq.db_align_beg                  53 
_struct_ref_seq.pdbx_db_align_beg_ins_code    ? 
_struct_ref_seq.db_align_end                  162 
_struct_ref_seq.pdbx_db_align_end_ins_code    ? 
_struct_ref_seq.pdbx_auth_seq_align_beg       53 
_struct_ref_seq.pdbx_auth_seq_align_end       162 
# 
loop_
_struct_ref_seq_dif.align_id 
_struct_ref_seq_dif.pdbx_pdb_id_code 
_struct_ref_seq_dif.mon_id 
_struct_ref_seq_dif.pdbx_pdb_strand_id 
_struct_ref_seq_dif.seq_num 
_struct_ref_seq_dif.pdbx_pdb_ins_code 
_struct_ref_seq_dif.pdbx_seq_db_name 
_struct_ref_seq_dif.pdbx_seq_db_accession_code 
_struct_ref_seq_dif.db_mon_id 
_struct_ref_seq_dif.pdbx_seq_db_seq_num 
_struct_ref_seq_dif.details 
_struct_ref_seq_dif.pdbx_auth_seq_num 
_struct_ref_seq_dif.pdbx_ordinal 
1 3C7I HIS A 111 ? UNP P62993 ? ? 'expression tag' 163 1 
1 3C7I HIS A 112 ? UNP P62993 ? ? 'expression tag' 164 2 
1 3C7I HIS A 113 ? UNP P62993 ? ? 'expression tag' 165 3 
1 3C7I HIS A 114 ? UNP P62993 ? ? 'expression tag' 166 4 
1 3C7I HIS A 115 ? UNP P62993 ? ? 'expression tag' 167 5 
1 3C7I HIS A 116 ? UNP P62993 ? ? 'expression tag' 168 6 
# 
_pdbx_struct_assembly.id                   1 
_pdbx_struct_assembly.details              author_and_software_defined_assembly 
_pdbx_struct_assembly.method_details       PISA 
_pdbx_struct_assembly.oligomeric_details   dimeric 
_pdbx_struct_assembly.oligomeric_count     2 
# 
_pdbx_struct_assembly_prop.biol_id   1 
_pdbx_struct_assembly_prop.type      'ABSA (A^2)' 
_pdbx_struct_assembly_prop.value     4140 
_pdbx_struct_assembly_prop.details   ? 
# 
_pdbx_struct_assembly_gen.assembly_id       1 
_pdbx_struct_assembly_gen.oper_expression   1,2 
_pdbx_struct_assembly_gen.asym_id_list      A,B,C,D 
# 
loop_
_pdbx_struct_oper_list.id 
_pdbx_struct_oper_list.type 
_pdbx_struct_oper_list.name 
_pdbx_struct_oper_list.symmetry_operation 
_pdbx_struct_oper_list.matrix[1][1] 
_pdbx_struct_oper_list.matrix[1][2] 
_pdbx_struct_oper_list.matrix[1][3] 
_pdbx_struct_oper_list.vector[1] 
_pdbx_struct_oper_list.matrix[2][1] 
_pdbx_struct_oper_list.matrix[2][2] 
_pdbx_struct_oper_list.matrix[2][3] 
_pdbx_struct_oper_list.vector[2] 
_pdbx_struct_oper_list.matrix[3][1] 
_pdbx_struct_oper_list.matrix[3][2] 
_pdbx_struct_oper_list.matrix[3][3] 
_pdbx_struct_oper_list.vector[3] 
1 'identity operation'         1_555 x,y,z  1.0000000000  0.0000000000 0.0000000000 0.0000000000   0.0000000000 1.0000000000 0.0000000000 0.0000000000  0.0000000000 0.0000000000 1.0000000000  0.0000000000   
2 'crystal symmetry operation' 7_555 y,x,-z -0.4166848648 0.8412950306 0.3443782729 -13.3210075721 0.8412950306 0.2133704166 0.4966847458 13.5971112543 0.3443782729 0.4966847458 -0.7966855518 -10.6535083233 
# 
_struct_biol.id        1 
_struct_biol.details   ? 
# 
loop_
_struct_conf.conf_type_id 
_struct_conf.id 
_struct_conf.pdbx_PDB_helix_id 
_struct_conf.beg_label_comp_id 
_struct_conf.beg_label_asym_id 
_struct_conf.beg_label_seq_id 
_struct_conf.pdbx_beg_PDB_ins_code 
_struct_conf.end_label_comp_id 
_struct_conf.end_label_asym_id 
_struct_conf.end_label_seq_id 
_struct_conf.pdbx_end_PDB_ins_code 
_struct_conf.beg_auth_comp_id 
_struct_conf.beg_auth_asym_id 
_struct_conf.beg_auth_seq_id 
_struct_conf.end_auth_comp_id 
_struct_conf.end_auth_asym_id 
_struct_conf.end_auth_seq_id 
_struct_conf.pdbx_PDB_helix_class 
_struct_conf.details 
_struct_conf.pdbx_PDB_helix_length 
HELX_P HELX_P1 1 PRO A 14 ? LYS A 24 ? PRO A 66  LYS A 76  1 ? 11 
HELX_P HELX_P2 2 SER A 75 ? HIS A 83 ? SER A 127 HIS A 135 1 ? 9  
# 
_struct_conf_type.id          HELX_P 
_struct_conf_type.criteria    ? 
_struct_conf_type.reference   ? 
# 
_struct_sheet.id               A 
_struct_sheet.type             ? 
_struct_sheet.number_strands   5 
_struct_sheet.details          ? 
# 
loop_
_struct_sheet_order.sheet_id 
_struct_sheet_order.range_id_1 
_struct_sheet_order.range_id_2 
_struct_sheet_order.offset 
_struct_sheet_order.sense 
A 1 2 ? anti-parallel 
A 2 3 ? anti-parallel 
A 3 4 ? anti-parallel 
A 4 5 ? anti-parallel 
# 
loop_
_struct_sheet_range.sheet_id 
_struct_sheet_range.id 
_struct_sheet_range.beg_label_comp_id 
_struct_sheet_range.beg_label_asym_id 
_struct_sheet_range.beg_label_seq_id 
_struct_sheet_range.pdbx_beg_PDB_ins_code 
_struct_sheet_range.end_label_comp_id 
_struct_sheet_range.end_label_asym_id 
_struct_sheet_range.end_label_seq_id 
_struct_sheet_range.pdbx_end_PDB_ins_code 
_struct_sheet_range.beg_auth_comp_id 
_struct_sheet_range.beg_auth_asym_id 
_struct_sheet_range.beg_auth_seq_id 
_struct_sheet_range.end_auth_comp_id 
_struct_sheet_range.end_auth_asym_id 
_struct_sheet_range.end_auth_seq_id 
A 1 PHE A 31 ? GLU A 35 ? PHE A 83  GLU A 87  
A 2 PHE A 43 ? PHE A 49 ? PHE A 95  PHE A 101 
A 3 ASP A 52 ? ARG A 60 ? ASP A 104 ARG A 112 
A 4 TYR A 66 ? PHE A 67 ? TYR A 118 PHE A 119 
A 5 LYS A 72 ? PHE A 73 ? LYS A 124 PHE A 125 
# 
loop_
_pdbx_struct_sheet_hbond.sheet_id 
_pdbx_struct_sheet_hbond.range_id_1 
_pdbx_struct_sheet_hbond.range_id_2 
_pdbx_struct_sheet_hbond.range_1_label_atom_id 
_pdbx_struct_sheet_hbond.range_1_label_comp_id 
_pdbx_struct_sheet_hbond.range_1_label_asym_id 
_pdbx_struct_sheet_hbond.range_1_label_seq_id 
_pdbx_struct_sheet_hbond.range_1_PDB_ins_code 
_pdbx_struct_sheet_hbond.range_1_auth_atom_id 
_pdbx_struct_sheet_hbond.range_1_auth_comp_id 
_pdbx_struct_sheet_hbond.range_1_auth_asym_id 
_pdbx_struct_sheet_hbond.range_1_auth_seq_id 
_pdbx_struct_sheet_hbond.range_2_label_atom_id 
_pdbx_struct_sheet_hbond.range_2_label_comp_id 
_pdbx_struct_sheet_hbond.range_2_label_asym_id 
_pdbx_struct_sheet_hbond.range_2_label_seq_id 
_pdbx_struct_sheet_hbond.range_2_PDB_ins_code 
_pdbx_struct_sheet_hbond.range_2_auth_atom_id 
_pdbx_struct_sheet_hbond.range_2_auth_comp_id 
_pdbx_struct_sheet_hbond.range_2_auth_asym_id 
_pdbx_struct_sheet_hbond.range_2_auth_seq_id 
A 1 2 N ARG A 34 ? N ARG A 86  O SER A 44 ? O SER A 96  
A 2 3 N LEU A 45 ? N LEU A 97  O PHE A 56 ? O PHE A 108 
A 3 4 N LEU A 59 ? N LEU A 111 O PHE A 67 ? O PHE A 119 
A 4 5 N TYR A 66 ? N TYR A 118 O PHE A 73 ? O PHE A 125 
# 
loop_
_struct_site.id 
_struct_site.pdbx_evidence_code 
_struct_site.pdbx_auth_asym_id 
_struct_site.pdbx_auth_comp_id 
_struct_site.pdbx_auth_seq_id 
_struct_site.pdbx_auth_ins_code 
_struct_site.pdbx_num_residues 
_struct_site.details 
AC1 Software A TVN 202 ? 18 'BINDING SITE FOR RESIDUE TVN A 202' 
AC2 Software A FMT 201 ? 7  'BINDING SITE FOR RESIDUE FMT A 201' 
# 
loop_
_struct_site_gen.id 
_struct_site_gen.site_id 
_struct_site_gen.pdbx_num_res 
_struct_site_gen.label_comp_id 
_struct_site_gen.label_asym_id 
_struct_site_gen.label_seq_id 
_struct_site_gen.pdbx_auth_ins_code 
_struct_site_gen.auth_comp_id 
_struct_site_gen.auth_asym_id 
_struct_site_gen.auth_seq_id 
_struct_site_gen.label_atom_id 
_struct_site_gen.label_alt_id 
_struct_site_gen.symmetry 
_struct_site_gen.details 
1  AC1 18 ARG A 15  ? ARG A 67  . ? 1_555 ? 
2  AC1 18 ARG A 26  ? ARG A 78  . ? 7_565 ? 
3  AC1 18 ARG A 34  ? ARG A 86  . ? 1_555 ? 
4  AC1 18 SER A 36  ? SER A 88  . ? 1_555 ? 
5  AC1 18 SER A 38  ? SER A 90  . ? 1_555 ? 
6  AC1 18 SER A 44  ? SER A 96  . ? 1_555 ? 
7  AC1 18 HIS A 55  ? HIS A 107 . ? 1_555 ? 
8  AC1 18 PHE A 56  ? PHE A 108 . ? 1_555 ? 
9  AC1 18 LYS A 57  ? LYS A 109 . ? 1_555 ? 
10 AC1 18 LEU A 68  ? LEU A 120 . ? 1_555 ? 
11 AC1 18 TRP A 69  ? TRP A 121 . ? 1_555 ? 
12 AC1 18 GLU A 100 ? GLU A 152 . ? 7_565 ? 
13 AC1 18 PRO A 103 ? PRO A 155 . ? 7_565 ? 
14 AC1 18 HOH D .   ? HOH A 214 . ? 1_555 ? 
15 AC1 18 HOH D .   ? HOH A 239 . ? 1_555 ? 
16 AC1 18 HOH D .   ? HOH A 240 . ? 1_555 ? 
17 AC1 18 HOH D .   ? HOH A 272 . ? 1_555 ? 
18 AC1 18 HOH D .   ? HOH A 313 . ? 1_555 ? 
19 AC2 7  GLN A 25  ? GLN A 77  . ? 1_555 ? 
20 AC2 7  ARG A 26  ? ARG A 78  . ? 1_555 ? 
21 AC2 7  HIS A 27  ? HIS A 79  . ? 1_555 ? 
22 AC2 7  LYS A 57  ? LYS A 109 . ? 7_455 ? 
23 AC2 7  GLU A 100 ? GLU A 152 . ? 1_555 ? 
24 AC2 7  HOH D .   ? HOH A 206 . ? 1_555 ? 
25 AC2 7  HOH D .   ? HOH A 237 . ? 7_455 ? 
# 
loop_
_pdbx_validate_torsion.id 
_pdbx_validate_torsion.PDB_model_num 
_pdbx_validate_torsion.auth_comp_id 
_pdbx_validate_torsion.auth_asym_id 
_pdbx_validate_torsion.auth_seq_id 
_pdbx_validate_torsion.PDB_ins_code 
_pdbx_validate_torsion.label_alt_id 
_pdbx_validate_torsion.phi 
_pdbx_validate_torsion.psi 
1 1 TRP A 121 ? ? -123.59 -69.89 
2 1 VAL A 122 ? ? -130.23 -50.39 
# 
loop_
_pdbx_unobs_or_zero_occ_residues.id 
_pdbx_unobs_or_zero_occ_residues.PDB_model_num 
_pdbx_unobs_or_zero_occ_residues.polymer_flag 
_pdbx_unobs_or_zero_occ_residues.occupancy_flag 
_pdbx_unobs_or_zero_occ_residues.auth_asym_id 
_pdbx_unobs_or_zero_occ_residues.auth_comp_id 
_pdbx_unobs_or_zero_occ_residues.auth_seq_id 
_pdbx_unobs_or_zero_occ_residues.PDB_ins_code 
_pdbx_unobs_or_zero_occ_residues.label_asym_id 
_pdbx_unobs_or_zero_occ_residues.label_comp_id 
_pdbx_unobs_or_zero_occ_residues.label_seq_id 
1  1 Y 1 A ILE 53  ? A ILE 1   
2  1 Y 1 A GLU 54  ? A GLU 2   
3  1 Y 1 A GLN 156 ? A GLN 104 
4  1 Y 1 A GLN 157 ? A GLN 105 
5  1 Y 1 A PRO 158 ? A PRO 106 
6  1 Y 1 A THR 159 ? A THR 107 
7  1 Y 1 A TYR 160 ? A TYR 108 
8  1 Y 1 A VAL 161 ? A VAL 109 
9  1 Y 1 A GLN 162 ? A GLN 110 
10 1 Y 1 A HIS 163 ? A HIS 111 
11 1 Y 1 A HIS 164 ? A HIS 112 
12 1 Y 1 A HIS 165 ? A HIS 113 
13 1 Y 1 A HIS 166 ? A HIS 114 
14 1 Y 1 A HIS 167 ? A HIS 115 
15 1 Y 1 A HIS 168 ? A HIS 116 
# 
loop_
_chem_comp_atom.comp_id 
_chem_comp_atom.atom_id 
_chem_comp_atom.type_symbol 
_chem_comp_atom.pdbx_aromatic_flag 
_chem_comp_atom.pdbx_stereo_config 
_chem_comp_atom.pdbx_ordinal 
ALA N    N N N 1   
ALA CA   C N S 2   
ALA C    C N N 3   
ALA O    O N N 4   
ALA CB   C N N 5   
ALA OXT  O N N 6   
ALA H    H N N 7   
ALA H2   H N N 8   
ALA HA   H N N 9   
ALA HB1  H N N 10  
ALA HB2  H N N 11  
ALA HB3  H N N 12  
ALA HXT  H N N 13  
ARG N    N N N 14  
ARG CA   C N S 15  
ARG C    C N N 16  
ARG O    O N N 17  
ARG CB   C N N 18  
ARG CG   C N N 19  
ARG CD   C N N 20  
ARG NE   N N N 21  
ARG CZ   C N N 22  
ARG NH1  N N N 23  
ARG NH2  N N N 24  
ARG OXT  O N N 25  
ARG H    H N N 26  
ARG H2   H N N 27  
ARG HA   H N N 28  
ARG HB2  H N N 29  
ARG HB3  H N N 30  
ARG HG2  H N N 31  
ARG HG3  H N N 32  
ARG HD2  H N N 33  
ARG HD3  H N N 34  
ARG HE   H N N 35  
ARG HH11 H N N 36  
ARG HH12 H N N 37  
ARG HH21 H N N 38  
ARG HH22 H N N 39  
ARG HXT  H N N 40  
ASN N    N N N 41  
ASN CA   C N S 42  
ASN C    C N N 43  
ASN O    O N N 44  
ASN CB   C N N 45  
ASN CG   C N N 46  
ASN OD1  O N N 47  
ASN ND2  N N N 48  
ASN OXT  O N N 49  
ASN H    H N N 50  
ASN H2   H N N 51  
ASN HA   H N N 52  
ASN HB2  H N N 53  
ASN HB3  H N N 54  
ASN HD21 H N N 55  
ASN HD22 H N N 56  
ASN HXT  H N N 57  
ASP N    N N N 58  
ASP CA   C N S 59  
ASP C    C N N 60  
ASP O    O N N 61  
ASP CB   C N N 62  
ASP CG   C N N 63  
ASP OD1  O N N 64  
ASP OD2  O N N 65  
ASP OXT  O N N 66  
ASP H    H N N 67  
ASP H2   H N N 68  
ASP HA   H N N 69  
ASP HB2  H N N 70  
ASP HB3  H N N 71  
ASP HD2  H N N 72  
ASP HXT  H N N 73  
FMT C    C N N 74  
FMT O1   O N N 75  
FMT O2   O N N 76  
FMT H    H N N 77  
FMT HO2  H N N 78  
GLN N    N N N 79  
GLN CA   C N S 80  
GLN C    C N N 81  
GLN O    O N N 82  
GLN CB   C N N 83  
GLN CG   C N N 84  
GLN CD   C N N 85  
GLN OE1  O N N 86  
GLN NE2  N N N 87  
GLN OXT  O N N 88  
GLN H    H N N 89  
GLN H2   H N N 90  
GLN HA   H N N 91  
GLN HB2  H N N 92  
GLN HB3  H N N 93  
GLN HG2  H N N 94  
GLN HG3  H N N 95  
GLN HE21 H N N 96  
GLN HE22 H N N 97  
GLN HXT  H N N 98  
GLU N    N N N 99  
GLU CA   C N S 100 
GLU C    C N N 101 
GLU O    O N N 102 
GLU CB   C N N 103 
GLU CG   C N N 104 
GLU CD   C N N 105 
GLU OE1  O N N 106 
GLU OE2  O N N 107 
GLU OXT  O N N 108 
GLU H    H N N 109 
GLU H2   H N N 110 
GLU HA   H N N 111 
GLU HB2  H N N 112 
GLU HB3  H N N 113 
GLU HG2  H N N 114 
GLU HG3  H N N 115 
GLU HE2  H N N 116 
GLU HXT  H N N 117 
GLY N    N N N 118 
GLY CA   C N N 119 
GLY C    C N N 120 
GLY O    O N N 121 
GLY OXT  O N N 122 
GLY H    H N N 123 
GLY H2   H N N 124 
GLY HA2  H N N 125 
GLY HA3  H N N 126 
GLY HXT  H N N 127 
HIS N    N N N 128 
HIS CA   C N S 129 
HIS C    C N N 130 
HIS O    O N N 131 
HIS CB   C N N 132 
HIS CG   C Y N 133 
HIS ND1  N Y N 134 
HIS CD2  C Y N 135 
HIS CE1  C Y N 136 
HIS NE2  N Y N 137 
HIS OXT  O N N 138 
HIS H    H N N 139 
HIS H2   H N N 140 
HIS HA   H N N 141 
HIS HB2  H N N 142 
HIS HB3  H N N 143 
HIS HD1  H N N 144 
HIS HD2  H N N 145 
HIS HE1  H N N 146 
HIS HE2  H N N 147 
HIS HXT  H N N 148 
HOH O    O N N 149 
HOH H1   H N N 150 
HOH H2   H N N 151 
ILE N    N N N 152 
ILE CA   C N S 153 
ILE C    C N N 154 
ILE O    O N N 155 
ILE CB   C N S 156 
ILE CG1  C N N 157 
ILE CG2  C N N 158 
ILE CD1  C N N 159 
ILE OXT  O N N 160 
ILE H    H N N 161 
ILE H2   H N N 162 
ILE HA   H N N 163 
ILE HB   H N N 164 
ILE HG12 H N N 165 
ILE HG13 H N N 166 
ILE HG21 H N N 167 
ILE HG22 H N N 168 
ILE HG23 H N N 169 
ILE HD11 H N N 170 
ILE HD12 H N N 171 
ILE HD13 H N N 172 
ILE HXT  H N N 173 
LEU N    N N N 174 
LEU CA   C N S 175 
LEU C    C N N 176 
LEU O    O N N 177 
LEU CB   C N N 178 
LEU CG   C N N 179 
LEU CD1  C N N 180 
LEU CD2  C N N 181 
LEU OXT  O N N 182 
LEU H    H N N 183 
LEU H2   H N N 184 
LEU HA   H N N 185 
LEU HB2  H N N 186 
LEU HB3  H N N 187 
LEU HG   H N N 188 
LEU HD11 H N N 189 
LEU HD12 H N N 190 
LEU HD13 H N N 191 
LEU HD21 H N N 192 
LEU HD22 H N N 193 
LEU HD23 H N N 194 
LEU HXT  H N N 195 
LYS N    N N N 196 
LYS CA   C N S 197 
LYS C    C N N 198 
LYS O    O N N 199 
LYS CB   C N N 200 
LYS CG   C N N 201 
LYS CD   C N N 202 
LYS CE   C N N 203 
LYS NZ   N N N 204 
LYS OXT  O N N 205 
LYS H    H N N 206 
LYS H2   H N N 207 
LYS HA   H N N 208 
LYS HB2  H N N 209 
LYS HB3  H N N 210 
LYS HG2  H N N 211 
LYS HG3  H N N 212 
LYS HD2  H N N 213 
LYS HD3  H N N 214 
LYS HE2  H N N 215 
LYS HE3  H N N 216 
LYS HZ1  H N N 217 
LYS HZ2  H N N 218 
LYS HZ3  H N N 219 
LYS HXT  H N N 220 
MET N    N N N 221 
MET CA   C N S 222 
MET C    C N N 223 
MET O    O N N 224 
MET CB   C N N 225 
MET CG   C N N 226 
MET SD   S N N 227 
MET CE   C N N 228 
MET OXT  O N N 229 
MET H    H N N 230 
MET H2   H N N 231 
MET HA   H N N 232 
MET HB2  H N N 233 
MET HB3  H N N 234 
MET HG2  H N N 235 
MET HG3  H N N 236 
MET HE1  H N N 237 
MET HE2  H N N 238 
MET HE3  H N N 239 
MET HXT  H N N 240 
PHE N    N N N 241 
PHE CA   C N S 242 
PHE C    C N N 243 
PHE O    O N N 244 
PHE CB   C N N 245 
PHE CG   C Y N 246 
PHE CD1  C Y N 247 
PHE CD2  C Y N 248 
PHE CE1  C Y N 249 
PHE CE2  C Y N 250 
PHE CZ   C Y N 251 
PHE OXT  O N N 252 
PHE H    H N N 253 
PHE H2   H N N 254 
PHE HA   H N N 255 
PHE HB2  H N N 256 
PHE HB3  H N N 257 
PHE HD1  H N N 258 
PHE HD2  H N N 259 
PHE HE1  H N N 260 
PHE HE2  H N N 261 
PHE HZ   H N N 262 
PHE HXT  H N N 263 
PRO N    N N N 264 
PRO CA   C N S 265 
PRO C    C N N 266 
PRO O    O N N 267 
PRO CB   C N N 268 
PRO CG   C N N 269 
PRO CD   C N N 270 
PRO OXT  O N N 271 
PRO H    H N N 272 
PRO HA   H N N 273 
PRO HB2  H N N 274 
PRO HB3  H N N 275 
PRO HG2  H N N 276 
PRO HG3  H N N 277 
PRO HD2  H N N 278 
PRO HD3  H N N 279 
PRO HXT  H N N 280 
SER N    N N N 281 
SER CA   C N S 282 
SER C    C N N 283 
SER O    O N N 284 
SER CB   C N N 285 
SER OG   O N N 286 
SER OXT  O N N 287 
SER H    H N N 288 
SER H2   H N N 289 
SER HA   H N N 290 
SER HB2  H N N 291 
SER HB3  H N N 292 
SER HG   H N N 293 
SER HXT  H N N 294 
THR N    N N N 295 
THR CA   C N S 296 
THR C    C N N 297 
THR O    O N N 298 
THR CB   C N R 299 
THR OG1  O N N 300 
THR CG2  C N N 301 
THR OXT  O N N 302 
THR H    H N N 303 
THR H2   H N N 304 
THR HA   H N N 305 
THR HB   H N N 306 
THR HG1  H N N 307 
THR HG21 H N N 308 
THR HG22 H N N 309 
THR HG23 H N N 310 
THR HXT  H N N 311 
TRP N    N N N 312 
TRP CA   C N S 313 
TRP C    C N N 314 
TRP O    O N N 315 
TRP CB   C N N 316 
TRP CG   C Y N 317 
TRP CD1  C Y N 318 
TRP CD2  C Y N 319 
TRP NE1  N Y N 320 
TRP CE2  C Y N 321 
TRP CE3  C Y N 322 
TRP CZ2  C Y N 323 
TRP CZ3  C Y N 324 
TRP CH2  C Y N 325 
TRP OXT  O N N 326 
TRP H    H N N 327 
TRP H2   H N N 328 
TRP HA   H N N 329 
TRP HB2  H N N 330 
TRP HB3  H N N 331 
TRP HD1  H N N 332 
TRP HE1  H N N 333 
TRP HE3  H N N 334 
TRP HZ2  H N N 335 
TRP HZ3  H N N 336 
TRP HH2  H N N 337 
TRP HXT  H N N 338 
TVN OBH  O N N 339 
TVN PBF  P N N 340 
TVN OBI  O N N 341 
TVN OBG  O N N 342 
TVN OBE  O N N 343 
TVN CBD  C Y N 344 
TVN CBC  C Y N 345 
TVN CBB  C Y N 346 
TVN CBJ  C Y N 347 
TVN CBK  C Y N 348 
TVN CBA  C Y N 349 
TVN CAZ  C N N 350 
TVN CAF  C N N 351 
TVN CAC  C N N 352 
TVN OAD  O N N 353 
TVN NAB  N N N 354 
TVN CAA  C N N 355 
TVN CAG  C N R 356 
TVN CAH  C N N 357 
TVN OAI  O N N 358 
TVN NAJ  N N N 359 
TVN CAK  C N S 360 
TVN CAW  C N N 361 
TVN CAX  C N N 362 
TVN CAY  C N N 363 
TVN CAL  C N N 364 
TVN OAM  O N N 365 
TVN NAN  N N N 366 
TVN CAO  C N S 367 
TVN CAT  C N N 368 
TVN OAV  O N N 369 
TVN NAU  N N N 370 
TVN CAP  C N N 371 
TVN CAQ  C N N 372 
TVN OAS  O N N 373 
TVN NAR  N N N 374 
TVN HOBH H N N 375 
TVN HOBG H N N 376 
TVN HBC  H N N 377 
TVN HBB  H N N 378 
TVN HBJ  H N N 379 
TVN HBK  H N N 380 
TVN HAZ  H N N 381 
TVN HAZA H N N 382 
TVN HAF  H N N 383 
TVN HAFA H N N 384 
TVN HAA  H N N 385 
TVN HAAA H N N 386 
TVN HAG  H N N 387 
TVN HNAJ H N N 388 
TVN HAK  H N N 389 
TVN HAW  H N N 390 
TVN HAX  H N N 391 
TVN HAXA H N N 392 
TVN HAXB H N N 393 
TVN HAY  H N N 394 
TVN HAYA H N N 395 
TVN HAYB H N N 396 
TVN HNAN H N N 397 
TVN HAO  H N N 398 
TVN HNAU H N N 399 
TVN HNAA H N N 400 
TVN HAP  H N N 401 
TVN HAPA H N N 402 
TVN HNAR H N N 403 
TVN HNAB H N N 404 
TVN H31  H N N 405 
TVN H32  H N N 406 
TYR N    N N N 407 
TYR CA   C N S 408 
TYR C    C N N 409 
TYR O    O N N 410 
TYR CB   C N N 411 
TYR CG   C Y N 412 
TYR CD1  C Y N 413 
TYR CD2  C Y N 414 
TYR CE1  C Y N 415 
TYR CE2  C Y N 416 
TYR CZ   C Y N 417 
TYR OH   O N N 418 
TYR OXT  O N N 419 
TYR H    H N N 420 
TYR H2   H N N 421 
TYR HA   H N N 422 
TYR HB2  H N N 423 
TYR HB3  H N N 424 
TYR HD1  H N N 425 
TYR HD2  H N N 426 
TYR HE1  H N N 427 
TYR HE2  H N N 428 
TYR HH   H N N 429 
TYR HXT  H N N 430 
VAL N    N N N 431 
VAL CA   C N S 432 
VAL C    C N N 433 
VAL O    O N N 434 
VAL CB   C N N 435 
VAL CG1  C N N 436 
VAL CG2  C N N 437 
VAL OXT  O N N 438 
VAL H    H N N 439 
VAL H2   H N N 440 
VAL HA   H N N 441 
VAL HB   H N N 442 
VAL HG11 H N N 443 
VAL HG12 H N N 444 
VAL HG13 H N N 445 
VAL HG21 H N N 446 
VAL HG22 H N N 447 
VAL HG23 H N N 448 
VAL HXT  H N N 449 
# 
loop_
_chem_comp_bond.comp_id 
_chem_comp_bond.atom_id_1 
_chem_comp_bond.atom_id_2 
_chem_comp_bond.value_order 
_chem_comp_bond.pdbx_aromatic_flag 
_chem_comp_bond.pdbx_stereo_config 
_chem_comp_bond.pdbx_ordinal 
ALA N   CA   sing N N 1   
ALA N   H    sing N N 2   
ALA N   H2   sing N N 3   
ALA CA  C    sing N N 4   
ALA CA  CB   sing N N 5   
ALA CA  HA   sing N N 6   
ALA C   O    doub N N 7   
ALA C   OXT  sing N N 8   
ALA CB  HB1  sing N N 9   
ALA CB  HB2  sing N N 10  
ALA CB  HB3  sing N N 11  
ALA OXT HXT  sing N N 12  
ARG N   CA   sing N N 13  
ARG N   H    sing N N 14  
ARG N   H2   sing N N 15  
ARG CA  C    sing N N 16  
ARG CA  CB   sing N N 17  
ARG CA  HA   sing N N 18  
ARG C   O    doub N N 19  
ARG C   OXT  sing N N 20  
ARG CB  CG   sing N N 21  
ARG CB  HB2  sing N N 22  
ARG CB  HB3  sing N N 23  
ARG CG  CD   sing N N 24  
ARG CG  HG2  sing N N 25  
ARG CG  HG3  sing N N 26  
ARG CD  NE   sing N N 27  
ARG CD  HD2  sing N N 28  
ARG CD  HD3  sing N N 29  
ARG NE  CZ   sing N N 30  
ARG NE  HE   sing N N 31  
ARG CZ  NH1  sing N N 32  
ARG CZ  NH2  doub N N 33  
ARG NH1 HH11 sing N N 34  
ARG NH1 HH12 sing N N 35  
ARG NH2 HH21 sing N N 36  
ARG NH2 HH22 sing N N 37  
ARG OXT HXT  sing N N 38  
ASN N   CA   sing N N 39  
ASN N   H    sing N N 40  
ASN N   H2   sing N N 41  
ASN CA  C    sing N N 42  
ASN CA  CB   sing N N 43  
ASN CA  HA   sing N N 44  
ASN C   O    doub N N 45  
ASN C   OXT  sing N N 46  
ASN CB  CG   sing N N 47  
ASN CB  HB2  sing N N 48  
ASN CB  HB3  sing N N 49  
ASN CG  OD1  doub N N 50  
ASN CG  ND2  sing N N 51  
ASN ND2 HD21 sing N N 52  
ASN ND2 HD22 sing N N 53  
ASN OXT HXT  sing N N 54  
ASP N   CA   sing N N 55  
ASP N   H    sing N N 56  
ASP N   H2   sing N N 57  
ASP CA  C    sing N N 58  
ASP CA  CB   sing N N 59  
ASP CA  HA   sing N N 60  
ASP C   O    doub N N 61  
ASP C   OXT  sing N N 62  
ASP CB  CG   sing N N 63  
ASP CB  HB2  sing N N 64  
ASP CB  HB3  sing N N 65  
ASP CG  OD1  doub N N 66  
ASP CG  OD2  sing N N 67  
ASP OD2 HD2  sing N N 68  
ASP OXT HXT  sing N N 69  
FMT C   O1   doub N N 70  
FMT C   O2   sing N N 71  
FMT C   H    sing N N 72  
FMT O2  HO2  sing N N 73  
GLN N   CA   sing N N 74  
GLN N   H    sing N N 75  
GLN N   H2   sing N N 76  
GLN CA  C    sing N N 77  
GLN CA  CB   sing N N 78  
GLN CA  HA   sing N N 79  
GLN C   O    doub N N 80  
GLN C   OXT  sing N N 81  
GLN CB  CG   sing N N 82  
GLN CB  HB2  sing N N 83  
GLN CB  HB3  sing N N 84  
GLN CG  CD   sing N N 85  
GLN CG  HG2  sing N N 86  
GLN CG  HG3  sing N N 87  
GLN CD  OE1  doub N N 88  
GLN CD  NE2  sing N N 89  
GLN NE2 HE21 sing N N 90  
GLN NE2 HE22 sing N N 91  
GLN OXT HXT  sing N N 92  
GLU N   CA   sing N N 93  
GLU N   H    sing N N 94  
GLU N   H2   sing N N 95  
GLU CA  C    sing N N 96  
GLU CA  CB   sing N N 97  
GLU CA  HA   sing N N 98  
GLU C   O    doub N N 99  
GLU C   OXT  sing N N 100 
GLU CB  CG   sing N N 101 
GLU CB  HB2  sing N N 102 
GLU CB  HB3  sing N N 103 
GLU CG  CD   sing N N 104 
GLU CG  HG2  sing N N 105 
GLU CG  HG3  sing N N 106 
GLU CD  OE1  doub N N 107 
GLU CD  OE2  sing N N 108 
GLU OE2 HE2  sing N N 109 
GLU OXT HXT  sing N N 110 
GLY N   CA   sing N N 111 
GLY N   H    sing N N 112 
GLY N   H2   sing N N 113 
GLY CA  C    sing N N 114 
GLY CA  HA2  sing N N 115 
GLY CA  HA3  sing N N 116 
GLY C   O    doub N N 117 
GLY C   OXT  sing N N 118 
GLY OXT HXT  sing N N 119 
HIS N   CA   sing N N 120 
HIS N   H    sing N N 121 
HIS N   H2   sing N N 122 
HIS CA  C    sing N N 123 
HIS CA  CB   sing N N 124 
HIS CA  HA   sing N N 125 
HIS C   O    doub N N 126 
HIS C   OXT  sing N N 127 
HIS CB  CG   sing N N 128 
HIS CB  HB2  sing N N 129 
HIS CB  HB3  sing N N 130 
HIS CG  ND1  sing Y N 131 
HIS CG  CD2  doub Y N 132 
HIS ND1 CE1  doub Y N 133 
HIS ND1 HD1  sing N N 134 
HIS CD2 NE2  sing Y N 135 
HIS CD2 HD2  sing N N 136 
HIS CE1 NE2  sing Y N 137 
HIS CE1 HE1  sing N N 138 
HIS NE2 HE2  sing N N 139 
HIS OXT HXT  sing N N 140 
HOH O   H1   sing N N 141 
HOH O   H2   sing N N 142 
ILE N   CA   sing N N 143 
ILE N   H    sing N N 144 
ILE N   H2   sing N N 145 
ILE CA  C    sing N N 146 
ILE CA  CB   sing N N 147 
ILE CA  HA   sing N N 148 
ILE C   O    doub N N 149 
ILE C   OXT  sing N N 150 
ILE CB  CG1  sing N N 151 
ILE CB  CG2  sing N N 152 
ILE CB  HB   sing N N 153 
ILE CG1 CD1  sing N N 154 
ILE CG1 HG12 sing N N 155 
ILE CG1 HG13 sing N N 156 
ILE CG2 HG21 sing N N 157 
ILE CG2 HG22 sing N N 158 
ILE CG2 HG23 sing N N 159 
ILE CD1 HD11 sing N N 160 
ILE CD1 HD12 sing N N 161 
ILE CD1 HD13 sing N N 162 
ILE OXT HXT  sing N N 163 
LEU N   CA   sing N N 164 
LEU N   H    sing N N 165 
LEU N   H2   sing N N 166 
LEU CA  C    sing N N 167 
LEU CA  CB   sing N N 168 
LEU CA  HA   sing N N 169 
LEU C   O    doub N N 170 
LEU C   OXT  sing N N 171 
LEU CB  CG   sing N N 172 
LEU CB  HB2  sing N N 173 
LEU CB  HB3  sing N N 174 
LEU CG  CD1  sing N N 175 
LEU CG  CD2  sing N N 176 
LEU CG  HG   sing N N 177 
LEU CD1 HD11 sing N N 178 
LEU CD1 HD12 sing N N 179 
LEU CD1 HD13 sing N N 180 
LEU CD2 HD21 sing N N 181 
LEU CD2 HD22 sing N N 182 
LEU CD2 HD23 sing N N 183 
LEU OXT HXT  sing N N 184 
LYS N   CA   sing N N 185 
LYS N   H    sing N N 186 
LYS N   H2   sing N N 187 
LYS CA  C    sing N N 188 
LYS CA  CB   sing N N 189 
LYS CA  HA   sing N N 190 
LYS C   O    doub N N 191 
LYS C   OXT  sing N N 192 
LYS CB  CG   sing N N 193 
LYS CB  HB2  sing N N 194 
LYS CB  HB3  sing N N 195 
LYS CG  CD   sing N N 196 
LYS CG  HG2  sing N N 197 
LYS CG  HG3  sing N N 198 
LYS CD  CE   sing N N 199 
LYS CD  HD2  sing N N 200 
LYS CD  HD3  sing N N 201 
LYS CE  NZ   sing N N 202 
LYS CE  HE2  sing N N 203 
LYS CE  HE3  sing N N 204 
LYS NZ  HZ1  sing N N 205 
LYS NZ  HZ2  sing N N 206 
LYS NZ  HZ3  sing N N 207 
LYS OXT HXT  sing N N 208 
MET N   CA   sing N N 209 
MET N   H    sing N N 210 
MET N   H2   sing N N 211 
MET CA  C    sing N N 212 
MET CA  CB   sing N N 213 
MET CA  HA   sing N N 214 
MET C   O    doub N N 215 
MET C   OXT  sing N N 216 
MET CB  CG   sing N N 217 
MET CB  HB2  sing N N 218 
MET CB  HB3  sing N N 219 
MET CG  SD   sing N N 220 
MET CG  HG2  sing N N 221 
MET CG  HG3  sing N N 222 
MET SD  CE   sing N N 223 
MET CE  HE1  sing N N 224 
MET CE  HE2  sing N N 225 
MET CE  HE3  sing N N 226 
MET OXT HXT  sing N N 227 
PHE N   CA   sing N N 228 
PHE N   H    sing N N 229 
PHE N   H2   sing N N 230 
PHE CA  C    sing N N 231 
PHE CA  CB   sing N N 232 
PHE CA  HA   sing N N 233 
PHE C   O    doub N N 234 
PHE C   OXT  sing N N 235 
PHE CB  CG   sing N N 236 
PHE CB  HB2  sing N N 237 
PHE CB  HB3  sing N N 238 
PHE CG  CD1  doub Y N 239 
PHE CG  CD2  sing Y N 240 
PHE CD1 CE1  sing Y N 241 
PHE CD1 HD1  sing N N 242 
PHE CD2 CE2  doub Y N 243 
PHE CD2 HD2  sing N N 244 
PHE CE1 CZ   doub Y N 245 
PHE CE1 HE1  sing N N 246 
PHE CE2 CZ   sing Y N 247 
PHE CE2 HE2  sing N N 248 
PHE CZ  HZ   sing N N 249 
PHE OXT HXT  sing N N 250 
PRO N   CA   sing N N 251 
PRO N   CD   sing N N 252 
PRO N   H    sing N N 253 
PRO CA  C    sing N N 254 
PRO CA  CB   sing N N 255 
PRO CA  HA   sing N N 256 
PRO C   O    doub N N 257 
PRO C   OXT  sing N N 258 
PRO CB  CG   sing N N 259 
PRO CB  HB2  sing N N 260 
PRO CB  HB3  sing N N 261 
PRO CG  CD   sing N N 262 
PRO CG  HG2  sing N N 263 
PRO CG  HG3  sing N N 264 
PRO CD  HD2  sing N N 265 
PRO CD  HD3  sing N N 266 
PRO OXT HXT  sing N N 267 
SER N   CA   sing N N 268 
SER N   H    sing N N 269 
SER N   H2   sing N N 270 
SER CA  C    sing N N 271 
SER CA  CB   sing N N 272 
SER CA  HA   sing N N 273 
SER C   O    doub N N 274 
SER C   OXT  sing N N 275 
SER CB  OG   sing N N 276 
SER CB  HB2  sing N N 277 
SER CB  HB3  sing N N 278 
SER OG  HG   sing N N 279 
SER OXT HXT  sing N N 280 
THR N   CA   sing N N 281 
THR N   H    sing N N 282 
THR N   H2   sing N N 283 
THR CA  C    sing N N 284 
THR CA  CB   sing N N 285 
THR CA  HA   sing N N 286 
THR C   O    doub N N 287 
THR C   OXT  sing N N 288 
THR CB  OG1  sing N N 289 
THR CB  CG2  sing N N 290 
THR CB  HB   sing N N 291 
THR OG1 HG1  sing N N 292 
THR CG2 HG21 sing N N 293 
THR CG2 HG22 sing N N 294 
THR CG2 HG23 sing N N 295 
THR OXT HXT  sing N N 296 
TRP N   CA   sing N N 297 
TRP N   H    sing N N 298 
TRP N   H2   sing N N 299 
TRP CA  C    sing N N 300 
TRP CA  CB   sing N N 301 
TRP CA  HA   sing N N 302 
TRP C   O    doub N N 303 
TRP C   OXT  sing N N 304 
TRP CB  CG   sing N N 305 
TRP CB  HB2  sing N N 306 
TRP CB  HB3  sing N N 307 
TRP CG  CD1  doub Y N 308 
TRP CG  CD2  sing Y N 309 
TRP CD1 NE1  sing Y N 310 
TRP CD1 HD1  sing N N 311 
TRP CD2 CE2  doub Y N 312 
TRP CD2 CE3  sing Y N 313 
TRP NE1 CE2  sing Y N 314 
TRP NE1 HE1  sing N N 315 
TRP CE2 CZ2  sing Y N 316 
TRP CE3 CZ3  doub Y N 317 
TRP CE3 HE3  sing N N 318 
TRP CZ2 CH2  doub Y N 319 
TRP CZ2 HZ2  sing N N 320 
TRP CZ3 CH2  sing Y N 321 
TRP CZ3 HZ3  sing N N 322 
TRP CH2 HH2  sing N N 323 
TRP OXT HXT  sing N N 324 
TVN OBH HOBH sing N N 325 
TVN PBF OBH  sing N N 326 
TVN PBF OBE  sing N N 327 
TVN PBF OBG  sing N N 328 
TVN OBI PBF  doub N N 329 
TVN OBG HOBG sing N N 330 
TVN OBE CBD  sing N N 331 
TVN CBD CBC  doub Y N 332 
TVN CBD CBJ  sing Y N 333 
TVN CBC CBB  sing Y N 334 
TVN CBC HBC  sing N N 335 
TVN CBB CBA  doub Y N 336 
TVN CBB HBB  sing N N 337 
TVN CBJ CBK  doub Y N 338 
TVN CBJ HBJ  sing N N 339 
TVN CBK CBA  sing Y N 340 
TVN CBK HBK  sing N N 341 
TVN CBA CAZ  sing N N 342 
TVN CAZ HAZ  sing N N 343 
TVN CAZ HAZA sing N N 344 
TVN CAF CAG  sing N N 345 
TVN CAF HAF  sing N N 346 
TVN CAF HAFA sing N N 347 
TVN CAC CAF  sing N N 348 
TVN OAD CAC  doub N N 349 
TVN NAB CAC  sing N N 350 
TVN NAB H31  sing N N 351 
TVN CAA NAB  sing N N 352 
TVN CAA HAA  sing N N 353 
TVN CAA HAAA sing N N 354 
TVN CAA H32  sing N N 355 
TVN CAG CAZ  sing N N 356 
TVN CAG CAH  sing N N 357 
TVN CAG HAG  sing N N 358 
TVN CAH OAI  doub N N 359 
TVN CAH NAJ  sing N N 360 
TVN NAJ CAK  sing N N 361 
TVN NAJ HNAJ sing N N 362 
TVN CAK CAW  sing N N 363 
TVN CAK CAL  sing N N 364 
TVN CAK HAK  sing N N 365 
TVN CAW CAY  sing N N 366 
TVN CAW HAW  sing N N 367 
TVN CAX CAW  sing N N 368 
TVN CAX HAX  sing N N 369 
TVN CAX HAXA sing N N 370 
TVN CAX HAXB sing N N 371 
TVN CAY HAY  sing N N 372 
TVN CAY HAYA sing N N 373 
TVN CAY HAYB sing N N 374 
TVN CAL NAN  sing N N 375 
TVN CAL OAM  doub N N 376 
TVN NAN CAO  sing N N 377 
TVN NAN HNAN sing N N 378 
TVN CAO CAP  sing N N 379 
TVN CAO HAO  sing N N 380 
TVN CAT CAO  sing N N 381 
TVN CAT OAV  doub N N 382 
TVN NAU CAT  sing N N 383 
TVN NAU HNAU sing N N 384 
TVN NAU HNAA sing N N 385 
TVN CAP HAP  sing N N 386 
TVN CAP HAPA sing N N 387 
TVN CAQ CAP  sing N N 388 
TVN CAQ NAR  sing N N 389 
TVN OAS CAQ  doub N N 390 
TVN NAR HNAR sing N N 391 
TVN NAR HNAB sing N N 392 
TYR N   CA   sing N N 393 
TYR N   H    sing N N 394 
TYR N   H2   sing N N 395 
TYR CA  C    sing N N 396 
TYR CA  CB   sing N N 397 
TYR CA  HA   sing N N 398 
TYR C   O    doub N N 399 
TYR C   OXT  sing N N 400 
TYR CB  CG   sing N N 401 
TYR CB  HB2  sing N N 402 
TYR CB  HB3  sing N N 403 
TYR CG  CD1  doub Y N 404 
TYR CG  CD2  sing Y N 405 
TYR CD1 CE1  sing Y N 406 
TYR CD1 HD1  sing N N 407 
TYR CD2 CE2  doub Y N 408 
TYR CD2 HD2  sing N N 409 
TYR CE1 CZ   doub Y N 410 
TYR CE1 HE1  sing N N 411 
TYR CE2 CZ   sing Y N 412 
TYR CE2 HE2  sing N N 413 
TYR CZ  OH   sing N N 414 
TYR OH  HH   sing N N 415 
TYR OXT HXT  sing N N 416 
VAL N   CA   sing N N 417 
VAL N   H    sing N N 418 
VAL N   H2   sing N N 419 
VAL CA  C    sing N N 420 
VAL CA  CB   sing N N 421 
VAL CA  HA   sing N N 422 
VAL C   O    doub N N 423 
VAL C   OXT  sing N N 424 
VAL CB  CG1  sing N N 425 
VAL CB  CG2  sing N N 426 
VAL CB  HB   sing N N 427 
VAL CG1 HG11 sing N N 428 
VAL CG1 HG12 sing N N 429 
VAL CG1 HG13 sing N N 430 
VAL CG2 HG21 sing N N 431 
VAL CG2 HG22 sing N N 432 
VAL CG2 HG23 sing N N 433 
VAL OXT HXT  sing N N 434 
# 
_atom_sites.entry_id                    3C7I 
_atom_sites.fract_transf_matrix[1][1]   -0.02178556 
_atom_sites.fract_transf_matrix[1][2]   -0.00274620 
_atom_sites.fract_transf_matrix[1][3]   -0.00912887 
_atom_sites.fract_transf_matrix[2][1]   0.00362356 
_atom_sites.fract_transf_matrix[2][2]   -0.02344821 
_atom_sites.fract_transf_matrix[2][3]   -0.00159362 
_atom_sites.fract_transf_matrix[3][1]   -0.00338868 
_atom_sites.fract_transf_matrix[3][2]   -0.00109568 
_atom_sites.fract_transf_matrix[3][3]   0.00841651 
_atom_sites.fract_transf_vector[1]      -0.301851 
_atom_sites.fract_transf_vector[2]      0.048268 
_atom_sites.fract_transf_vector[3]      0.029711 
# 
loop_
_atom_type.symbol 
C 
N 
O 
P 
S 
# 
loop_
_atom_site.group_PDB 
_atom_site.id 
_atom_site.type_symbol 
_atom_site.label_atom_id 
_atom_site.label_alt_id 
_atom_site.label_comp_id 
_atom_site.label_asym_id 
_atom_site.label_entity_id 
_atom_site.label_seq_id 
_atom_site.pdbx_PDB_ins_code 
_atom_site.Cartn_x 
_atom_site.Cartn_y 
_atom_site.Cartn_z 
_atom_site.occupancy 
_atom_site.B_iso_or_equiv 
_atom_site.pdbx_formal_charge 
_atom_site.auth_seq_id 
_atom_site.auth_comp_id 
_atom_site.auth_asym_id 
_atom_site.auth_atom_id 
_atom_site.pdbx_PDB_model_num 
ATOM   1   N N   . MET A 1 3   ? -10.139 19.299  4.624   0.50 38.34 ? 55  MET A N   1 
ATOM   2   C CA  . MET A 1 3   ? -9.704  17.990  4.058   0.50 38.18 ? 55  MET A CA  1 
ATOM   3   C C   . MET A 1 3   ? -8.616  18.169  3.004   1.00 36.57 ? 55  MET A C   1 
ATOM   4   O O   . MET A 1 3   ? -8.606  19.154  2.264   1.00 36.56 ? 55  MET A O   1 
ATOM   5   C CB  . MET A 1 3   ? -10.902 17.261  3.442   0.50 40.21 ? 55  MET A CB  1 
ATOM   6   C CG  . MET A 1 3   ? -11.939 16.796  4.455   0.50 42.48 ? 55  MET A CG  1 
ATOM   7   S SD  . MET A 1 3   ? -11.328 15.478  5.532   0.50 45.43 ? 55  MET A SD  1 
ATOM   8   C CE  . MET A 1 3   ? -10.655 16.426  6.900   0.50 45.09 ? 55  MET A CE  1 
ATOM   9   N N   . LYS A 1 4   ? -7.702  17.205  2.945   1.00 34.62 ? 56  LYS A N   1 
ATOM   10  C CA  . LYS A 1 4   ? -6.604  17.234  1.988   1.00 32.23 ? 56  LYS A CA  1 
ATOM   11  C C   . LYS A 1 4   ? -6.480  15.894  1.264   1.00 29.34 ? 56  LYS A C   1 
ATOM   12  O O   . LYS A 1 4   ? -6.967  14.868  1.743   1.00 29.29 ? 56  LYS A O   1 
ATOM   13  C CB  . LYS A 1 4   ? -5.291  17.555  2.708   1.00 34.62 ? 56  LYS A CB  1 
ATOM   14  C CG  . LYS A 1 4   ? -4.967  16.623  3.861   0.50 35.70 ? 56  LYS A CG  1 
ATOM   15  C CD  . LYS A 1 4   ? -3.692  17.050  4.569   0.50 37.30 ? 56  LYS A CD  1 
ATOM   16  C CE  . LYS A 1 4   ? -3.410  16.176  5.782   0.50 38.06 ? 56  LYS A CE  1 
ATOM   17  N NZ  . LYS A 1 4   ? -3.239  14.742  5.419   0.50 38.77 ? 56  LYS A NZ  1 
ATOM   18  N N   . PRO A 1 5   ? -5.837  15.887  0.088   1.00 25.82 ? 57  PRO A N   1 
ATOM   19  C CA  . PRO A 1 5   ? -5.697  14.620  -0.629  1.00 23.47 ? 57  PRO A CA  1 
ATOM   20  C C   . PRO A 1 5   ? -4.800  13.674  0.161   1.00 22.09 ? 57  PRO A C   1 
ATOM   21  O O   . PRO A 1 5   ? -4.035  14.108  1.020   1.00 21.42 ? 57  PRO A O   1 
ATOM   22  C CB  . PRO A 1 5   ? -5.083  15.045  -1.960  1.00 23.54 ? 57  PRO A CB  1 
ATOM   23  C CG  . PRO A 1 5   ? -4.264  16.247  -1.580  1.00 24.99 ? 57  PRO A CG  1 
ATOM   24  C CD  . PRO A 1 5   ? -5.194  16.988  -0.651  1.00 24.91 ? 57  PRO A CD  1 
ATOM   25  N N   . HIS A 1 6   ? -4.909  12.382  -0.113  1.00 19.05 ? 58  HIS A N   1 
ATOM   26  C CA  . HIS A 1 6   ? -4.092  11.402  0.587   1.00 19.08 ? 58  HIS A CA  1 
ATOM   27  C C   . HIS A 1 6   ? -2.697  11.346  -0.014  1.00 19.19 ? 58  HIS A C   1 
ATOM   28  O O   . HIS A 1 6   ? -2.535  11.235  -1.228  1.00 21.20 ? 58  HIS A O   1 
ATOM   29  C CB  . HIS A 1 6   ? -4.759  10.026  0.523   1.00 17.67 ? 58  HIS A CB  1 
ATOM   30  C CG  . HIS A 1 6   ? -6.011  9.941   1.334   1.00 18.55 ? 58  HIS A CG  1 
ATOM   31  N ND1 . HIS A 1 6   ? -6.013  10.076  2.706   1.00 16.97 ? 58  HIS A ND1 1 
ATOM   32  C CD2 . HIS A 1 6   ? -7.304  9.770   0.970   1.00 18.25 ? 58  HIS A CD2 1 
ATOM   33  C CE1 . HIS A 1 6   ? -7.255  9.991   3.152   1.00 18.28 ? 58  HIS A CE1 1 
ATOM   34  N NE2 . HIS A 1 6   ? -8.056  9.807   2.118   1.00 19.35 ? 58  HIS A NE2 1 
ATOM   35  N N   . PRO A 1 7   ? -1.665  11.417  0.840   1.00 19.83 ? 59  PRO A N   1 
ATOM   36  C CA  . PRO A 1 7   ? -0.269  11.380  0.402   1.00 19.83 ? 59  PRO A CA  1 
ATOM   37  C C   . PRO A 1 7   ? 0.190   10.012  -0.084  1.00 18.93 ? 59  PRO A C   1 
ATOM   38  O O   . PRO A 1 7   ? 1.327   9.864   -0.532  1.00 19.02 ? 59  PRO A O   1 
ATOM   39  C CB  . PRO A 1 7   ? 0.482   11.830  1.651   1.00 21.29 ? 59  PRO A CB  1 
ATOM   40  C CG  . PRO A 1 7   ? -0.318  11.205  2.736   1.00 22.75 ? 59  PRO A CG  1 
ATOM   41  C CD  . PRO A 1 7   ? -1.743  11.526  2.308   1.00 20.87 ? 59  PRO A CD  1 
ATOM   42  N N   . TRP A 1 8   ? -0.692  9.018   -0.013  1.00 16.25 ? 60  TRP A N   1 
ATOM   43  C CA  . TRP A 1 8   ? -0.322  7.668   -0.424  1.00 14.77 ? 60  TRP A CA  1 
ATOM   44  C C   . TRP A 1 8   ? -0.823  7.178   -1.776  1.00 14.04 ? 60  TRP A C   1 
ATOM   45  O O   . TRP A 1 8   ? -0.456  6.081   -2.207  1.00 13.35 ? 60  TRP A O   1 
ATOM   46  C CB  . TRP A 1 8   ? -0.731  6.651   0.652   1.00 13.02 ? 60  TRP A CB  1 
ATOM   47  C CG  . TRP A 1 8   ? -2.110  6.829   1.221   1.00 12.86 ? 60  TRP A CG  1 
ATOM   48  C CD1 . TRP A 1 8   ? -2.436  7.427   2.408   1.00 12.67 ? 60  TRP A CD1 1 
ATOM   49  C CD2 . TRP A 1 8   ? -3.337  6.342   0.669   1.00 13.06 ? 60  TRP A CD2 1 
ATOM   50  N NE1 . TRP A 1 8   ? -3.789  7.331   2.632   1.00 13.69 ? 60  TRP A NE1 1 
ATOM   51  C CE2 . TRP A 1 8   ? -4.367  6.671   1.579   1.00 12.82 ? 60  TRP A CE2 1 
ATOM   52  C CE3 . TRP A 1 8   ? -3.668  5.654   -0.505  1.00 11.17 ? 60  TRP A CE3 1 
ATOM   53  C CZ2 . TRP A 1 8   ? -5.704  6.334   1.350   1.00 13.04 ? 60  TRP A CZ2 1 
ATOM   54  C CZ3 . TRP A 1 8   ? -4.996  5.316   -0.732  1.00 11.03 ? 60  TRP A CZ3 1 
ATOM   55  C CH2 . TRP A 1 8   ? -5.999  5.655   0.191   1.00 10.76 ? 60  TRP A CH2 1 
ATOM   56  N N   . PHE A 1 9   ? -1.641  7.975   -2.458  1.00 13.39 ? 61  PHE A N   1 
ATOM   57  C CA  . PHE A 1 9   ? -2.158  7.546   -3.753  1.00 13.30 ? 61  PHE A CA  1 
ATOM   58  C C   . PHE A 1 9   ? -1.293  8.065   -4.891  1.00 13.95 ? 61  PHE A C   1 
ATOM   59  O O   . PHE A 1 9   ? -1.294  9.261   -5.183  1.00 14.06 ? 61  PHE A O   1 
ATOM   60  C CB  . PHE A 1 9   ? -3.600  8.023   -3.951  1.00 12.79 ? 61  PHE A CB  1 
ATOM   61  C CG  . PHE A 1 9   ? -4.279  7.376   -5.124  1.00 14.11 ? 61  PHE A CG  1 
ATOM   62  C CD1 . PHE A 1 9   ? -4.840  6.106   -5.004  1.00 13.50 ? 61  PHE A CD1 1 
ATOM   63  C CD2 . PHE A 1 9   ? -4.300  8.005   -6.366  1.00 13.40 ? 61  PHE A CD2 1 
ATOM   64  C CE1 . PHE A 1 9   ? -5.411  5.467   -6.110  1.00 15.16 ? 61  PHE A CE1 1 
ATOM   65  C CE2 . PHE A 1 9   ? -4.866  7.373   -7.481  1.00 12.95 ? 61  PHE A CE2 1 
ATOM   66  C CZ  . PHE A 1 9   ? -5.422  6.103   -7.352  1.00 13.59 ? 61  PHE A CZ  1 
ATOM   67  N N   . PHE A 1 10  ? -0.565  7.165   -5.545  1.00 12.14 ? 62  PHE A N   1 
ATOM   68  C CA  . PHE A 1 10  ? 0.312   7.569   -6.640  1.00 13.14 ? 62  PHE A CA  1 
ATOM   69  C C   . PHE A 1 10  ? -0.209  7.238   -8.031  1.00 13.91 ? 62  PHE A C   1 
ATOM   70  O O   . PHE A 1 10  ? 0.483   7.465   -9.022  1.00 14.80 ? 62  PHE A O   1 
ATOM   71  C CB  . PHE A 1 10  ? 1.702   6.953   -6.460  1.00 12.79 ? 62  PHE A CB  1 
ATOM   72  C CG  . PHE A 1 10  ? 2.538   7.646   -5.418  1.00 14.93 ? 62  PHE A CG  1 
ATOM   73  C CD1 . PHE A 1 10  ? 2.194   7.582   -4.071  1.00 13.30 ? 62  PHE A CD1 1 
ATOM   74  C CD2 . PHE A 1 10  ? 3.639   8.408   -5.791  1.00 15.76 ? 62  PHE A CD2 1 
ATOM   75  C CE1 . PHE A 1 10  ? 2.931   8.270   -3.112  1.00 15.16 ? 62  PHE A CE1 1 
ATOM   76  C CE2 . PHE A 1 10  ? 4.382   9.100   -4.841  1.00 16.51 ? 62  PHE A CE2 1 
ATOM   77  C CZ  . PHE A 1 10  ? 4.024   9.031   -3.499  1.00 14.30 ? 62  PHE A CZ  1 
ATOM   78  N N   . GLY A 1 11  ? -1.423  6.706   -8.116  1.00 13.17 ? 63  GLY A N   1 
ATOM   79  C CA  . GLY A 1 11  ? -1.971  6.375   -9.420  1.00 13.29 ? 63  GLY A CA  1 
ATOM   80  C C   . GLY A 1 11  ? -1.176  5.327   -10.186 1.00 14.41 ? 63  GLY A C   1 
ATOM   81  O O   . GLY A 1 11  ? -0.660  4.370   -9.613  1.00 11.19 ? 63  GLY A O   1 
ATOM   82  N N   . LYS A 1 12  ? -1.060  5.524   -11.492 1.00 15.58 ? 64  LYS A N   1 
ATOM   83  C CA  . LYS A 1 12  ? -0.352  4.577   -12.336 1.00 17.69 ? 64  LYS A CA  1 
ATOM   84  C C   . LYS A 1 12  ? 1.140   4.850   -12.463 1.00 19.67 ? 64  LYS A C   1 
ATOM   85  O O   . LYS A 1 12  ? 1.570   5.667   -13.280 1.00 19.60 ? 64  LYS A O   1 
ATOM   86  C CB  . LYS A 1 12  ? -0.986  4.549   -13.727 1.00 18.85 ? 64  LYS A CB  1 
ATOM   87  C CG  . LYS A 1 12  ? -0.458  3.455   -14.639 1.00 21.65 ? 64  LYS A CG  1 
ATOM   88  C CD  . LYS A 1 12  ? -1.078  3.574   -16.032 1.00 24.73 ? 64  LYS A CD  1 
ATOM   89  C CE  . LYS A 1 12  ? -0.531  2.523   -16.973 0.50 25.16 ? 64  LYS A CE  1 
ATOM   90  N NZ  . LYS A 1 12  ? -0.872  1.166   -16.485 0.50 26.06 ? 64  LYS A NZ  1 
ATOM   91  N N   . ILE A 1 13  ? 1.923   4.178   -11.628 1.00 19.70 ? 65  ILE A N   1 
ATOM   92  C CA  . ILE A 1 13  ? 3.374   4.299   -11.671 1.00 19.91 ? 65  ILE A CA  1 
ATOM   93  C C   . ILE A 1 13  ? 3.895   2.877   -11.731 1.00 20.21 ? 65  ILE A C   1 
ATOM   94  O O   . ILE A 1 13  ? 3.296   1.963   -11.162 1.00 20.55 ? 65  ILE A O   1 
ATOM   95  C CB  . ILE A 1 13  ? 3.949   4.982   -10.420 1.00 20.74 ? 65  ILE A CB  1 
ATOM   96  C CG1 . ILE A 1 13  ? 3.554   4.196   -9.169  1.00 21.81 ? 65  ILE A CG1 1 
ATOM   97  C CG2 . ILE A 1 13  ? 3.471   6.421   -10.360 1.00 21.78 ? 65  ILE A CG2 1 
ATOM   98  C CD1 . ILE A 1 13  ? 4.301   4.602   -7.932  1.00 23.14 ? 65  ILE A CD1 1 
ATOM   99  N N   . PRO A 1 14  ? 5.018   2.666   -12.424 1.00 18.85 ? 66  PRO A N   1 
ATOM   100 C CA  . PRO A 1 14  ? 5.576   1.316   -12.526 1.00 18.43 ? 66  PRO A CA  1 
ATOM   101 C C   . PRO A 1 14  ? 5.899   0.704   -11.166 1.00 16.94 ? 66  PRO A C   1 
ATOM   102 O O   . PRO A 1 14  ? 6.246   1.408   -10.221 1.00 16.57 ? 66  PRO A O   1 
ATOM   103 C CB  . PRO A 1 14  ? 6.825   1.525   -13.384 1.00 18.53 ? 66  PRO A CB  1 
ATOM   104 C CG  . PRO A 1 14  ? 6.432   2.689   -14.266 1.00 19.63 ? 66  PRO A CG  1 
ATOM   105 C CD  . PRO A 1 14  ? 5.752   3.613   -13.284 1.00 18.57 ? 66  PRO A CD  1 
ATOM   106 N N   . ARG A 1 15  ? 5.758   -0.612  -11.078 1.00 15.50 ? 67  ARG A N   1 
ATOM   107 C CA  . ARG A 1 15  ? 6.065   -1.340  -9.858  1.00 16.11 ? 67  ARG A CA  1 
ATOM   108 C C   . ARG A 1 15  ? 7.503   -1.001  -9.458  1.00 14.76 ? 67  ARG A C   1 
ATOM   109 O O   . ARG A 1 15  ? 7.800   -0.791  -8.280  1.00 14.92 ? 67  ARG A O   1 
ATOM   110 C CB  . ARG A 1 15  ? 5.928   -2.838  -10.125 1.00 16.59 ? 67  ARG A CB  1 
ATOM   111 C CG  . ARG A 1 15  ? 6.492   -3.769  -9.070  1.00 16.75 ? 67  ARG A CG  1 
ATOM   112 C CD  . ARG A 1 15  ? 6.317   -5.201  -9.549  1.00 18.67 ? 67  ARG A CD  1 
ATOM   113 N NE  . ARG A 1 15  ? 6.956   -6.182  -8.680  1.00 19.73 ? 67  ARG A NE  1 
ATOM   114 C CZ  . ARG A 1 15  ? 6.292   -7.057  -7.932  1.00 20.48 ? 67  ARG A CZ  1 
ATOM   115 N NH1 . ARG A 1 15  ? 4.964   -7.074  -7.943  1.00 19.15 ? 67  ARG A NH1 1 
ATOM   116 N NH2 . ARG A 1 15  ? 6.958   -7.926  -7.184  1.00 19.78 ? 67  ARG A NH2 1 
ATOM   117 N N   . ALA A 1 16  ? 8.385   -0.927  -10.452 1.00 14.91 ? 68  ALA A N   1 
ATOM   118 C CA  . ALA A 1 16  ? 9.792   -0.616  -10.216 1.00 14.48 ? 68  ALA A CA  1 
ATOM   119 C C   . ALA A 1 16  ? 9.961   0.791   -9.651  1.00 14.46 ? 68  ALA A C   1 
ATOM   120 O O   . ALA A 1 16  ? 10.839  1.033   -8.822  1.00 15.74 ? 68  ALA A O   1 
ATOM   121 C CB  . ALA A 1 16  ? 10.591  -0.770  -11.512 1.00 14.25 ? 68  ALA A CB  1 
ATOM   122 N N   . LYS A 1 17  ? 9.121   1.718   -10.099 1.00 13.77 ? 69  LYS A N   1 
ATOM   123 C CA  . LYS A 1 17  ? 9.185   3.092   -9.613  1.00 15.36 ? 69  LYS A CA  1 
ATOM   124 C C   . LYS A 1 17  ? 8.801   3.146   -8.136  1.00 13.14 ? 69  LYS A C   1 
ATOM   125 O O   . LYS A 1 17  ? 9.340   3.944   -7.376  1.00 13.46 ? 69  LYS A O   1 
ATOM   126 C CB  . LYS A 1 17  ? 8.244   3.982   -10.420 1.00 16.64 ? 69  LYS A CB  1 
ATOM   127 C CG  . LYS A 1 17  ? 8.205   5.427   -9.957  1.00 20.15 ? 69  LYS A CG  1 
ATOM   128 C CD  . LYS A 1 17  ? 9.582   6.077   -10.057 1.00 25.39 ? 69  LYS A CD  1 
ATOM   129 C CE  . LYS A 1 17  ? 10.131  6.015   -11.477 1.00 24.82 ? 69  LYS A CE  1 
ATOM   130 N NZ  . LYS A 1 17  ? 11.424  6.746   -11.623 1.00 30.70 ? 69  LYS A NZ  1 
ATOM   131 N N   . ALA A 1 18  ? 7.849   2.309   -7.736  1.00 13.31 ? 70  ALA A N   1 
ATOM   132 C CA  . ALA A 1 18  ? 7.430   2.270   -6.338  1.00 13.81 ? 70  ALA A CA  1 
ATOM   133 C C   . ALA A 1 18  ? 8.592   1.776   -5.485  1.00 14.36 ? 70  ALA A C   1 
ATOM   134 O O   . ALA A 1 18  ? 8.819   2.273   -4.383  1.00 15.56 ? 70  ALA A O   1 
ATOM   135 C CB  . ALA A 1 18  ? 6.224   1.346   -6.164  1.00 14.66 ? 70  ALA A CB  1 
ATOM   136 N N   . GLU A 1 19  ? 9.335   0.799   -5.995  1.00 14.21 ? 71  GLU A N   1 
ATOM   137 C CA  . GLU A 1 19  ? 10.473  0.271   -5.248  1.00 15.07 ? 71  GLU A CA  1 
ATOM   138 C C   . GLU A 1 19  ? 11.563  1.329   -5.150  1.00 15.55 ? 71  GLU A C   1 
ATOM   139 O O   . GLU A 1 19  ? 12.181  1.502   -4.104  1.00 16.56 ? 71  GLU A O   1 
ATOM   140 C CB  . GLU A 1 19  ? 11.039  -0.981  -5.921  1.00 16.26 ? 71  GLU A CB  1 
ATOM   141 C CG  . GLU A 1 19  ? 10.037  -2.109  -6.075  1.00 19.73 ? 71  GLU A CG  1 
ATOM   142 C CD  . GLU A 1 19  ? 10.691  -3.437  -6.415  1.00 24.56 ? 71  GLU A CD  1 
ATOM   143 O OE1 . GLU A 1 19  ? 11.802  -3.437  -6.994  1.00 26.65 ? 71  GLU A OE1 1 
ATOM   144 O OE2 . GLU A 1 19  ? 10.086  -4.489  -6.120  1.00 23.84 ? 71  GLU A OE2 1 
ATOM   145 N N   . GLU A 1 20  ? 11.796  2.040   -6.245  1.00 15.18 ? 72  GLU A N   1 
ATOM   146 C CA  . GLU A 1 20  ? 12.809  3.086   -6.252  1.00 15.66 ? 72  GLU A CA  1 
ATOM   147 C C   . GLU A 1 20  ? 12.503  4.121   -5.178  1.00 15.89 ? 72  GLU A C   1 
ATOM   148 O O   . GLU A 1 20  ? 13.366  4.484   -4.377  1.00 15.79 ? 72  GLU A O   1 
ATOM   149 C CB  . GLU A 1 20  ? 12.847  3.784   -7.610  1.00 16.79 ? 72  GLU A CB  1 
ATOM   150 C CG  . GLU A 1 20  ? 13.904  4.877   -7.701  1.00 18.13 ? 72  GLU A CG  1 
ATOM   151 C CD  . GLU A 1 20  ? 13.727  5.767   -8.915  1.00 18.17 ? 72  GLU A CD  1 
ATOM   152 O OE1 . GLU A 1 20  ? 13.167  5.301   -9.928  1.00 18.94 ? 72  GLU A OE1 1 
ATOM   153 O OE2 . GLU A 1 20  ? 14.165  6.936   -8.864  1.00 19.76 ? 72  GLU A OE2 1 
ATOM   154 N N   . MET A 1 21  ? 11.258  4.586   -5.161  1.00 15.97 ? 73  MET A N   1 
ATOM   155 C CA  . MET A 1 21  ? 10.845  5.605   -4.203  1.00 17.23 ? 73  MET A CA  1 
ATOM   156 C C   . MET A 1 21  ? 10.894  5.158   -2.751  1.00 17.27 ? 73  MET A C   1 
ATOM   157 O O   . MET A 1 21  ? 11.474  5.836   -1.899  1.00 16.07 ? 73  MET A O   1 
ATOM   158 C CB  . MET A 1 21  ? 9.433   6.088   -4.534  1.00 18.69 ? 73  MET A CB  1 
ATOM   159 C CG  . MET A 1 21  ? 9.344   6.882   -5.817  0.50 21.70 ? 73  MET A CG  1 
ATOM   160 S SD  . MET A 1 21  ? 7.701   7.563   -6.050  0.50 26.85 ? 73  MET A SD  1 
ATOM   161 C CE  . MET A 1 21  ? 6.917   6.225   -6.894  0.50 25.05 ? 73  MET A CE  1 
ATOM   162 N N   . LEU A 1 22  ? 10.282  4.014   -2.474  1.00 15.09 ? 74  LEU A N   1 
ATOM   163 C CA  . LEU A 1 22  ? 10.231  3.493   -1.118  1.00 16.46 ? 74  LEU A CA  1 
ATOM   164 C C   . LEU A 1 22  ? 11.585  3.041   -0.581  1.00 16.91 ? 74  LEU A C   1 
ATOM   165 O O   . LEU A 1 22  ? 11.786  2.987   0.634   1.00 17.88 ? 74  LEU A O   1 
ATOM   166 C CB  . LEU A 1 22  ? 9.203   2.362   -1.045  1.00 14.80 ? 74  LEU A CB  1 
ATOM   167 C CG  . LEU A 1 22  ? 7.773   2.864   -1.308  1.00 16.47 ? 74  LEU A CG  1 
ATOM   168 C CD1 . LEU A 1 22  ? 6.810   1.693   -1.344  1.00 16.19 ? 74  LEU A CD1 1 
ATOM   169 C CD2 . LEU A 1 22  ? 7.362   3.846   -0.220  1.00 15.79 ? 74  LEU A CD2 1 
ATOM   170 N N   . SER A 1 23  ? 12.520  2.725   -1.471  1.00 17.66 ? 75  SER A N   1 
ATOM   171 C CA  . SER A 1 23  ? 13.846  2.310   -1.027  1.00 19.37 ? 75  SER A CA  1 
ATOM   172 C C   . SER A 1 23  ? 14.523  3.473   -0.305  1.00 19.42 ? 75  SER A C   1 
ATOM   173 O O   . SER A 1 23  ? 15.327  3.270   0.606   1.00 20.11 ? 75  SER A O   1 
ATOM   174 C CB  . SER A 1 23  ? 14.707  1.877   -2.221  1.00 20.24 ? 75  SER A CB  1 
ATOM   175 O OG  . SER A 1 23  ? 14.227  0.670   -2.788  1.00 25.49 ? 75  SER A OG  1 
ATOM   176 N N   . LYS A 1 24  ? 14.184  4.691   -0.710  1.00 18.70 ? 76  LYS A N   1 
ATOM   177 C CA  . LYS A 1 24  ? 14.761  5.888   -0.108  1.00 18.90 ? 76  LYS A CA  1 
ATOM   178 C C   . LYS A 1 24  ? 14.110  6.275   1.217   1.00 19.03 ? 76  LYS A C   1 
ATOM   179 O O   . LYS A 1 24  ? 14.628  7.123   1.950   1.00 19.28 ? 76  LYS A O   1 
ATOM   180 C CB  . LYS A 1 24  ? 14.672  7.049   -1.093  1.00 18.55 ? 76  LYS A CB  1 
ATOM   181 C CG  . LYS A 1 24  ? 15.526  6.830   -2.332  1.00 20.42 ? 76  LYS A CG  1 
ATOM   182 C CD  . LYS A 1 24  ? 15.478  8.015   -3.274  1.00 21.54 ? 76  LYS A CD  1 
ATOM   183 C CE  . LYS A 1 24  ? 14.085  8.216   -3.838  1.00 23.16 ? 76  LYS A CE  1 
ATOM   184 N NZ  . LYS A 1 24  ? 14.074  9.301   -4.856  1.00 23.66 ? 76  LYS A NZ  1 
ATOM   185 N N   . GLN A 1 25  ? 12.973  5.657   1.525   1.00 18.01 ? 77  GLN A N   1 
ATOM   186 C CA  . GLN A 1 25  ? 12.279  5.950   2.769   1.00 17.82 ? 77  GLN A CA  1 
ATOM   187 C C   . GLN A 1 25  ? 13.060  5.333   3.916   1.00 17.42 ? 77  GLN A C   1 
ATOM   188 O O   . GLN A 1 25  ? 13.616  4.246   3.787   1.00 17.72 ? 77  GLN A O   1 
ATOM   189 C CB  . GLN A 1 25  ? 10.846  5.410   2.726   1.00 17.94 ? 77  GLN A CB  1 
ATOM   190 C CG  . GLN A 1 25  ? 9.911   6.226   1.832   1.00 17.62 ? 77  GLN A CG  1 
ATOM   191 C CD  . GLN A 1 25  ? 9.703   7.640   2.343   1.00 20.75 ? 77  GLN A CD  1 
ATOM   192 O OE1 . GLN A 1 25  ? 9.184   7.840   3.439   1.00 19.68 ? 77  GLN A OE1 1 
ATOM   193 N NE2 . GLN A 1 25  ? 10.108  8.630   1.547   1.00 20.32 ? 77  GLN A NE2 1 
ATOM   194 N N   . ARG A 1 26  ? 13.115  6.038   5.038   1.00 17.25 ? 78  ARG A N   1 
ATOM   195 C CA  . ARG A 1 26  ? 13.867  5.551   6.186   1.00 18.23 ? 78  ARG A CA  1 
ATOM   196 C C   . ARG A 1 26  ? 13.161  4.541   7.066   1.00 17.79 ? 78  ARG A C   1 
ATOM   197 O O   . ARG A 1 26  ? 13.805  3.646   7.605   1.00 19.69 ? 78  ARG A O   1 
ATOM   198 C CB  . ARG A 1 26  ? 14.282  6.714   7.083   1.00 16.43 ? 78  ARG A CB  1 
ATOM   199 C CG  . ARG A 1 26  ? 15.458  7.520   6.603   1.00 15.52 ? 78  ARG A CG  1 
ATOM   200 C CD  . ARG A 1 26  ? 15.673  8.696   7.546   1.00 14.26 ? 78  ARG A CD  1 
ATOM   201 N NE  . ARG A 1 26  ? 16.963  9.343   7.341   1.00 13.87 ? 78  ARG A NE  1 
ATOM   202 C CZ  . ARG A 1 26  ? 17.385  10.389  8.045   1.00 14.61 ? 78  ARG A CZ  1 
ATOM   203 N NH1 . ARG A 1 26  ? 16.609  10.907  8.991   1.00 14.37 ? 78  ARG A NH1 1 
ATOM   204 N NH2 . ARG A 1 26  ? 18.588  10.903  7.816   1.00 14.81 ? 78  ARG A NH2 1 
ATOM   205 N N   . HIS A 1 27  ? 11.850  4.678   7.221   1.00 19.96 ? 79  HIS A N   1 
ATOM   206 C CA  . HIS A 1 27  ? 11.132  3.789   8.124   1.00 18.95 ? 79  HIS A CA  1 
ATOM   207 C C   . HIS A 1 27  ? 10.233  2.717   7.529   1.00 18.76 ? 79  HIS A C   1 
ATOM   208 O O   . HIS A 1 27  ? 9.458   2.973   6.613   1.00 17.20 ? 79  HIS A O   1 
ATOM   209 C CB  . HIS A 1 27  ? 10.344  4.641   9.118   1.00 21.80 ? 79  HIS A CB  1 
ATOM   210 C CG  . HIS A 1 27  ? 11.170  5.705   9.771   1.00 23.31 ? 79  HIS A CG  1 
ATOM   211 N ND1 . HIS A 1 27  ? 11.295  6.976   9.254   1.00 26.92 ? 79  HIS A ND1 1 
ATOM   212 C CD2 . HIS A 1 27  ? 11.969  5.665   10.864  1.00 24.62 ? 79  HIS A CD2 1 
ATOM   213 C CE1 . HIS A 1 27  ? 12.135  7.673   9.998   1.00 24.99 ? 79  HIS A CE1 1 
ATOM   214 N NE2 . HIS A 1 27  ? 12.559  6.899   10.980  1.00 26.21 ? 79  HIS A NE2 1 
ATOM   215 N N   . ASP A 1 28  ? 10.354  1.512   8.082   1.00 17.26 ? 80  ASP A N   1 
ATOM   216 C CA  . ASP A 1 28  ? 9.560   0.371   7.655   1.00 17.24 ? 80  ASP A CA  1 
ATOM   217 C C   . ASP A 1 28  ? 8.083   0.714   7.805   1.00 15.78 ? 80  ASP A C   1 
ATOM   218 O O   . ASP A 1 28  ? 7.670   1.336   8.785   1.00 15.94 ? 80  ASP A O   1 
ATOM   219 C CB  . ASP A 1 28  ? 9.924   -0.858  8.495   1.00 19.36 ? 80  ASP A CB  1 
ATOM   220 C CG  . ASP A 1 28  ? 11.327  -1.369  8.198   1.00 22.99 ? 80  ASP A CG  1 
ATOM   221 O OD1 . ASP A 1 28  ? 11.792  -2.296  8.893   1.00 25.30 ? 80  ASP A OD1 1 
ATOM   222 O OD2 . ASP A 1 28  ? 11.966  -0.845  7.258   1.00 22.66 ? 80  ASP A OD2 1 
ATOM   223 N N   . GLY A 1 29  ? 7.288   0.314   6.821   1.00 13.77 ? 81  GLY A N   1 
ATOM   224 C CA  . GLY A 1 29  ? 5.875   0.629   6.862   1.00 13.81 ? 81  GLY A CA  1 
ATOM   225 C C   . GLY A 1 29  ? 5.552   1.729   5.868   1.00 13.91 ? 81  GLY A C   1 
ATOM   226 O O   . GLY A 1 29  ? 4.395   1.893   5.495   1.00 13.48 ? 81  GLY A O   1 
ATOM   227 N N   . ALA A 1 30  ? 6.563   2.498   5.454   1.00 12.45 ? 82  ALA A N   1 
ATOM   228 C CA  . ALA A 1 30  ? 6.349   3.563   4.467   1.00 12.88 ? 82  ALA A CA  1 
ATOM   229 C C   . ALA A 1 30  ? 5.678   2.860   3.290   1.00 12.20 ? 82  ALA A C   1 
ATOM   230 O O   . ALA A 1 30  ? 6.142   1.808   2.863   1.00 14.46 ? 82  ALA A O   1 
ATOM   231 C CB  . ALA A 1 30  ? 7.674   4.166   4.039   1.00 14.81 ? 82  ALA A CB  1 
ATOM   232 N N   . PHE A 1 31  ? 4.618   3.448   2.749   1.00 10.60 ? 83  PHE A N   1 
ATOM   233 C CA  . PHE A 1 31  ? 3.878   2.787   1.682   1.00 10.35 ? 83  PHE A CA  1 
ATOM   234 C C   . PHE A 1 31  ? 3.231   3.714   0.667   1.00 11.28 ? 83  PHE A C   1 
ATOM   235 O O   . PHE A 1 31  ? 3.249   4.935   0.797   1.00 12.36 ? 83  PHE A O   1 
ATOM   236 C CB  . PHE A 1 31  ? 2.755   1.966   2.314   1.00 9.63  ? 83  PHE A CB  1 
ATOM   237 C CG  . PHE A 1 31  ? 1.588   2.806   2.773   1.00 11.32 ? 83  PHE A CG  1 
ATOM   238 C CD1 . PHE A 1 31  ? 0.438   2.923   1.988   1.00 12.00 ? 83  PHE A CD1 1 
ATOM   239 C CD2 . PHE A 1 31  ? 1.662   3.528   3.963   1.00 12.16 ? 83  PHE A CD2 1 
ATOM   240 C CE1 . PHE A 1 31  ? -0.622  3.752   2.386   1.00 11.90 ? 83  PHE A CE1 1 
ATOM   241 C CE2 . PHE A 1 31  ? 0.614   4.353   4.367   1.00 13.07 ? 83  PHE A CE2 1 
ATOM   242 C CZ  . PHE A 1 31  ? -0.531  4.469   3.578   1.00 11.79 ? 83  PHE A CZ  1 
ATOM   243 N N   . LEU A 1 32  ? 2.636   3.093   -0.344  1.00 9.87  ? 84  LEU A N   1 
ATOM   244 C CA  . LEU A 1 32  ? 1.900   3.807   -1.365  1.00 10.79 ? 84  LEU A CA  1 
ATOM   245 C C   . LEU A 1 32  ? 0.961   2.818   -2.039  1.00 12.42 ? 84  LEU A C   1 
ATOM   246 O O   . LEU A 1 32  ? 1.213   1.610   -2.039  1.00 7.25  ? 84  LEU A O   1 
ATOM   247 C CB  . LEU A 1 32  ? 2.848   4.435   -2.396  1.00 11.23 ? 84  LEU A CB  1 
ATOM   248 C CG  . LEU A 1 32  ? 3.695   3.554   -3.319  1.00 12.08 ? 84  LEU A CG  1 
ATOM   249 C CD1 . LEU A 1 32  ? 2.849   3.018   -4.472  1.00 11.55 ? 84  LEU A CD1 1 
ATOM   250 C CD2 . LEU A 1 32  ? 4.836   4.392   -3.879  1.00 13.42 ? 84  LEU A CD2 1 
ATOM   251 N N   . ILE A 1 33  ? -0.139  3.345   -2.563  1.00 10.04 ? 85  ILE A N   1 
ATOM   252 C CA  . ILE A 1 33  ? -1.127  2.561   -3.297  1.00 12.60 ? 85  ILE A CA  1 
ATOM   253 C C   . ILE A 1 33  ? -0.937  2.975   -4.751  1.00 13.40 ? 85  ILE A C   1 
ATOM   254 O O   . ILE A 1 33  ? -0.881  4.167   -5.058  1.00 13.61 ? 85  ILE A O   1 
ATOM   255 C CB  . ILE A 1 33  ? -2.567  2.921   -2.888  1.00 12.67 ? 85  ILE A CB  1 
ATOM   256 C CG1 . ILE A 1 33  ? -2.882  2.342   -1.506  1.00 14.76 ? 85  ILE A CG1 1 
ATOM   257 C CG2 . ILE A 1 33  ? -3.552  2.374   -3.923  1.00 13.02 ? 85  ILE A CG2 1 
ATOM   258 C CD1 . ILE A 1 33  ? -2.975  0.842   -1.496  1.00 15.93 ? 85  ILE A CD1 1 
ATOM   259 N N   . ARG A 1 34  ? -0.830  2.003   -5.646  1.00 11.44 ? 86  ARG A N   1 
ATOM   260 C CA  . ARG A 1 34  ? -0.659  2.312   -7.054  1.00 11.56 ? 86  ARG A CA  1 
ATOM   261 C C   . ARG A 1 34  ? -1.647  1.498   -7.867  1.00 12.94 ? 86  ARG A C   1 
ATOM   262 O O   . ARG A 1 34  ? -2.214  0.521   -7.377  1.00 11.94 ? 86  ARG A O   1 
ATOM   263 C CB  . ARG A 1 34  ? 0.775   2.001   -7.501  1.00 10.51 ? 86  ARG A CB  1 
ATOM   264 C CG  . ARG A 1 34  ? 1.204   0.560   -7.281  1.00 10.10 ? 86  ARG A CG  1 
ATOM   265 C CD  . ARG A 1 34  ? 2.680   0.375   -7.583  1.00 11.62 ? 86  ARG A CD  1 
ATOM   266 N NE  . ARG A 1 34  ? 3.129   -0.950  -7.170  1.00 13.07 ? 86  ARG A NE  1 
ATOM   267 C CZ  . ARG A 1 34  ? 2.947   -2.070  -7.864  1.00 12.75 ? 86  ARG A CZ  1 
ATOM   268 N NH1 . ARG A 1 34  ? 2.327   -2.056  -9.039  1.00 13.50 ? 86  ARG A NH1 1 
ATOM   269 N NH2 . ARG A 1 34  ? 3.377   -3.217  -7.359  1.00 14.37 ? 86  ARG A NH2 1 
ATOM   270 N N   . GLU A 1 35  ? -1.872  1.925   -9.103  1.00 10.09 ? 87  GLU A N   1 
ATOM   271 C CA  . GLU A 1 35  ? -2.781  1.231   -10.002 1.00 11.60 ? 87  GLU A CA  1 
ATOM   272 C C   . GLU A 1 35  ? -1.917  0.284   -10.818 1.00 12.66 ? 87  GLU A C   1 
ATOM   273 O O   . GLU A 1 35  ? -1.027  0.710   -11.553 1.00 12.87 ? 87  GLU A O   1 
ATOM   274 C CB  . GLU A 1 35  ? -3.507  2.247   -10.883 1.00 11.25 ? 87  GLU A CB  1 
ATOM   275 C CG  . GLU A 1 35  ? -4.264  3.260   -10.033 1.00 11.27 ? 87  GLU A CG  1 
ATOM   276 C CD  . GLU A 1 35  ? -5.253  4.077   -10.826 1.00 13.06 ? 87  GLU A CD  1 
ATOM   277 O OE1 . GLU A 1 35  ? -6.300  3.530   -11.231 1.00 11.12 ? 87  GLU A OE1 1 
ATOM   278 O OE2 . GLU A 1 35  ? -4.976  5.265   -11.036 1.00 11.16 ? 87  GLU A OE2 1 
ATOM   279 N N   . SER A 1 36  ? -2.174  -1.008  -10.660 1.00 11.74 ? 88  SER A N   1 
ATOM   280 C CA  . SER A 1 36  ? -1.390  -2.038  -11.328 1.00 14.71 ? 88  SER A CA  1 
ATOM   281 C C   . SER A 1 36  ? -1.330  -1.873  -12.830 1.00 15.42 ? 88  SER A C   1 
ATOM   282 O O   . SER A 1 36  ? -2.319  -1.506  -13.467 1.00 14.57 ? 88  SER A O   1 
ATOM   283 C CB  . SER A 1 36  ? -1.950  -3.425  -11.000 1.00 13.98 ? 88  SER A CB  1 
ATOM   284 O OG  . SER A 1 36  ? -1.173  -4.451  -11.607 1.00 15.00 ? 88  SER A OG  1 
ATOM   285 N N   . GLU A 1 37  ? -0.156  -2.141  -13.389 1.00 15.86 ? 89  GLU A N   1 
ATOM   286 C CA  . GLU A 1 37  ? 0.031   -2.060  -14.825 1.00 17.39 ? 89  GLU A CA  1 
ATOM   287 C C   . GLU A 1 37  ? -0.171  -3.441  -15.429 1.00 18.66 ? 89  GLU A C   1 
ATOM   288 O O   . GLU A 1 37  ? -0.613  -3.559  -16.571 1.00 20.10 ? 89  GLU A O   1 
ATOM   289 C CB  . GLU A 1 37  ? 1.427   -1.538  -15.164 1.00 18.16 ? 89  GLU A CB  1 
ATOM   290 C CG  . GLU A 1 37  ? 1.597   -0.060  -14.877 1.00 19.77 ? 89  GLU A CG  1 
ATOM   291 C CD  . GLU A 1 37  ? 2.897   0.501   -15.428 1.00 20.27 ? 89  GLU A CD  1 
ATOM   292 O OE1 . GLU A 1 37  ? 2.880   1.642   -15.923 1.00 21.72 ? 89  GLU A OE1 1 
ATOM   293 O OE2 . GLU A 1 37  ? 3.931   -0.192  -15.354 1.00 18.74 ? 89  GLU A OE2 1 
ATOM   294 N N   . SER A 1 38  ? 0.141   -4.485  -14.656 1.00 19.11 ? 90  SER A N   1 
ATOM   295 C CA  . SER A 1 38  ? -0.016  -5.860  -15.134 1.00 18.66 ? 90  SER A CA  1 
ATOM   296 C C   . SER A 1 38  ? -1.466  -6.308  -15.026 1.00 19.28 ? 90  SER A C   1 
ATOM   297 O O   . SER A 1 38  ? -1.891  -7.223  -15.733 1.00 18.45 ? 90  SER A O   1 
ATOM   298 C CB  . SER A 1 38  ? 0.886   -6.828  -14.347 1.00 18.99 ? 90  SER A CB  1 
ATOM   299 O OG  . SER A 1 38  ? 0.527   -6.900  -12.979 1.00 18.01 ? 90  SER A OG  1 
ATOM   300 N N   . ALA A 1 39  ? -2.223  -5.657  -14.147 1.00 19.13 ? 91  ALA A N   1 
ATOM   301 C CA  . ALA A 1 39  ? -3.630  -5.986  -13.959 1.00 18.89 ? 91  ALA A CA  1 
ATOM   302 C C   . ALA A 1 39  ? -4.476  -4.716  -13.990 1.00 18.78 ? 91  ALA A C   1 
ATOM   303 O O   . ALA A 1 39  ? -4.847  -4.184  -12.943 1.00 17.19 ? 91  ALA A O   1 
ATOM   304 C CB  . ALA A 1 39  ? -3.824  -6.717  -12.631 1.00 21.59 ? 91  ALA A CB  1 
ATOM   305 N N   . PRO A 1 40  ? -4.791  -4.214  -15.197 1.00 19.23 ? 92  PRO A N   1 
ATOM   306 C CA  . PRO A 1 40  ? -5.596  -2.997  -15.362 1.00 19.19 ? 92  PRO A CA  1 
ATOM   307 C C   . PRO A 1 40  ? -6.878  -3.042  -14.542 1.00 18.18 ? 92  PRO A C   1 
ATOM   308 O O   . PRO A 1 40  ? -7.634  -4.008  -14.617 1.00 18.19 ? 92  PRO A O   1 
ATOM   309 C CB  . PRO A 1 40  ? -5.875  -2.969  -16.863 1.00 21.21 ? 92  PRO A CB  1 
ATOM   310 C CG  . PRO A 1 40  ? -4.648  -3.614  -17.440 1.00 21.42 ? 92  PRO A CG  1 
ATOM   311 C CD  . PRO A 1 40  ? -4.440  -4.791  -16.508 1.00 20.10 ? 92  PRO A CD  1 
ATOM   312 N N   . GLY A 1 41  ? -7.126  -1.998  -13.758 1.00 15.88 ? 93  GLY A N   1 
ATOM   313 C CA  . GLY A 1 41  ? -8.328  -1.968  -12.948 1.00 16.87 ? 93  GLY A CA  1 
ATOM   314 C C   . GLY A 1 41  ? -8.107  -2.449  -11.521 1.00 16.55 ? 93  GLY A C   1 
ATOM   315 O O   . GLY A 1 41  ? -8.998  -2.327  -10.685 1.00 17.06 ? 93  GLY A O   1 
ATOM   316 N N   . ASP A 1 42  ? -6.932  -3.006  -11.242 1.00 14.61 ? 94  ASP A N   1 
ATOM   317 C CA  . ASP A 1 42  ? -6.636  -3.482  -9.895  1.00 15.05 ? 94  ASP A CA  1 
ATOM   318 C C   . ASP A 1 42  ? -5.594  -2.584  -9.238  1.00 14.60 ? 94  ASP A C   1 
ATOM   319 O O   . ASP A 1 42  ? -4.800  -1.938  -9.921  1.00 15.14 ? 94  ASP A O   1 
ATOM   320 C CB  . ASP A 1 42  ? -6.112  -4.924  -9.913  1.00 17.34 ? 94  ASP A CB  1 
ATOM   321 C CG  . ASP A 1 42  ? -7.122  -5.910  -10.469 1.00 23.66 ? 94  ASP A CG  1 
ATOM   322 O OD1 . ASP A 1 42  ? -8.333  -5.690  -10.274 1.00 26.42 ? 94  ASP A OD1 1 
ATOM   323 O OD2 . ASP A 1 42  ? -6.706  -6.913  -11.091 1.00 28.00 ? 94  ASP A OD2 1 
ATOM   324 N N   . PHE A 1 43  ? -5.612  -2.545  -7.909  1.00 11.83 ? 95  PHE A N   1 
ATOM   325 C CA  . PHE A 1 43  ? -4.663  -1.743  -7.160  1.00 11.45 ? 95  PHE A CA  1 
ATOM   326 C C   . PHE A 1 43  ? -3.645  -2.633  -6.463  1.00 10.77 ? 95  PHE A C   1 
ATOM   327 O O   . PHE A 1 43  ? -3.916  -3.794  -6.149  1.00 12.30 ? 95  PHE A O   1 
ATOM   328 C CB  . PHE A 1 43  ? -5.370  -0.894  -6.103  1.00 10.52 ? 95  PHE A CB  1 
ATOM   329 C CG  . PHE A 1 43  ? -6.389  0.053   -6.669  1.00 10.17 ? 95  PHE A CG  1 
ATOM   330 C CD1 . PHE A 1 43  ? -7.720  -0.333  -6.799  1.00 12.65 ? 95  PHE A CD1 1 
ATOM   331 C CD2 . PHE A 1 43  ? -6.014  1.323   -7.093  1.00 11.49 ? 95  PHE A CD2 1 
ATOM   332 C CE1 . PHE A 1 43  ? -8.666  0.543   -7.349  1.00 13.19 ? 95  PHE A CE1 1 
ATOM   333 C CE2 . PHE A 1 43  ? -6.951  2.205   -7.644  1.00 10.82 ? 95  PHE A CE2 1 
ATOM   334 C CZ  . PHE A 1 43  ? -8.275  1.813   -7.771  1.00 11.13 ? 95  PHE A CZ  1 
ATOM   335 N N   . SER A 1 44  ? -2.468  -2.070  -6.233  1.00 9.84  ? 96  SER A N   1 
ATOM   336 C CA  . SER A 1 44  ? -1.408  -2.777  -5.550  1.00 10.54 ? 96  SER A CA  1 
ATOM   337 C C   . SER A 1 44  ? -0.880  -1.875  -4.448  1.00 11.61 ? 96  SER A C   1 
ATOM   338 O O   . SER A 1 44  ? -0.874  -0.650  -4.586  1.00 10.78 ? 96  SER A O   1 
ATOM   339 C CB  . SER A 1 44  ? -0.286  -3.135  -6.524  1.00 11.41 ? 96  SER A CB  1 
ATOM   340 O OG  . SER A 1 44  ? -0.741  -4.073  -7.485  1.00 13.50 ? 96  SER A OG  1 
ATOM   341 N N   . LEU A 1 45  ? -0.452  -2.504  -3.358  1.00 11.53 ? 97  LEU A N   1 
ATOM   342 C CA  . LEU A 1 45  ? 0.095   -1.813  -2.202  1.00 11.89 ? 97  LEU A CA  1 
ATOM   343 C C   . LEU A 1 45  ? 1.570   -2.176  -2.109  1.00 12.40 ? 97  LEU A C   1 
ATOM   344 O O   . LEU A 1 45  ? 1.917   -3.354  -2.030  1.00 11.73 ? 97  LEU A O   1 
ATOM   345 C CB  . LEU A 1 45  ? -0.615  -2.276  -0.923  1.00 12.16 ? 97  LEU A CB  1 
ATOM   346 C CG  . LEU A 1 45  ? -0.038  -1.863  0.435   1.00 14.54 ? 97  LEU A CG  1 
ATOM   347 C CD1 . LEU A 1 45  ? -0.207  -0.368  0.644   1.00 15.34 ? 97  LEU A CD1 1 
ATOM   348 C CD2 . LEU A 1 45  ? -0.753  -2.629  1.546   1.00 13.64 ? 97  LEU A CD2 1 
ATOM   349 N N   . SER A 1 46  ? 2.431   -1.165  -2.121  1.00 11.40 ? 98  SER A N   1 
ATOM   350 C CA  . SER A 1 46  ? 3.872   -1.382  -2.014  1.00 10.83 ? 98  SER A CA  1 
ATOM   351 C C   . SER A 1 46  ? 4.308   -0.813  -0.662  1.00 12.21 ? 98  SER A C   1 
ATOM   352 O O   . SER A 1 46  ? 3.973   0.322   -0.325  1.00 10.92 ? 98  SER A O   1 
ATOM   353 C CB  . SER A 1 46  ? 4.600   -0.676  -3.165  1.00 10.78 ? 98  SER A CB  1 
ATOM   354 O OG  . SER A 1 46  ? 4.196   -1.209  -4.412  1.00 11.13 ? 98  SER A OG  1 
ATOM   355 N N   . VAL A 1 47  ? 5.052   -1.609  0.104   1.00 11.73 ? 99  VAL A N   1 
ATOM   356 C CA  . VAL A 1 47  ? 5.481   -1.223  1.449   1.00 12.59 ? 99  VAL A CA  1 
ATOM   357 C C   . VAL A 1 47  ? 6.964   -1.480  1.698   1.00 15.06 ? 99  VAL A C   1 
ATOM   358 O O   . VAL A 1 47  ? 7.492   -2.508  1.303   1.00 13.01 ? 99  VAL A O   1 
ATOM   359 C CB  . VAL A 1 47  ? 4.676   -2.033  2.496   1.00 14.37 ? 99  VAL A CB  1 
ATOM   360 C CG1 . VAL A 1 47  ? 4.965   -1.517  3.900   1.00 13.11 ? 99  VAL A CG1 1 
ATOM   361 C CG2 . VAL A 1 47  ? 3.188   -1.966  2.175   1.00 13.59 ? 99  VAL A CG2 1 
ATOM   362 N N   . LYS A 1 48  ? 7.630   -0.552  2.369   1.00 15.80 ? 100 LYS A N   1 
ATOM   363 C CA  . LYS A 1 48  ? 9.038   -0.728  2.663   1.00 17.27 ? 100 LYS A CA  1 
ATOM   364 C C   . LYS A 1 48  ? 9.240   -1.520  3.939   1.00 19.93 ? 100 LYS A C   1 
ATOM   365 O O   . LYS A 1 48  ? 8.497   -1.364  4.905   1.00 18.50 ? 100 LYS A O   1 
ATOM   366 C CB  . LYS A 1 48  ? 9.730   0.620   2.855   1.00 19.12 ? 100 LYS A CB  1 
ATOM   367 C CG  . LYS A 1 48  ? 11.175  0.491   3.322   1.00 21.22 ? 100 LYS A CG  1 
ATOM   368 C CD  . LYS A 1 48  ? 11.666  1.711   4.083   1.00 22.49 ? 100 LYS A CD  1 
ATOM   369 C CE  . LYS A 1 48  ? 13.121  1.518   4.490   1.00 24.11 ? 100 LYS A CE  1 
ATOM   370 N NZ  . LYS A 1 48  ? 14.004  1.374   3.288   1.00 24.57 ? 100 LYS A NZ  1 
ATOM   371 N N   . PHE A 1 49  ? 10.259  -2.366  3.933   1.00 23.34 ? 101 PHE A N   1 
ATOM   372 C CA  . PHE A 1 49  ? 10.624  -3.135  5.105   1.00 26.69 ? 101 PHE A CA  1 
ATOM   373 C C   . PHE A 1 49  ? 12.077  -3.556  4.972   1.00 27.91 ? 101 PHE A C   1 
ATOM   374 O O   . PHE A 1 49  ? 12.415  -4.413  4.149   1.00 28.43 ? 101 PHE A O   1 
ATOM   375 C CB  . PHE A 1 49  ? 9.740   -4.363  5.276   1.00 28.72 ? 101 PHE A CB  1 
ATOM   376 C CG  . PHE A 1 49  ? 10.091  -5.169  6.489   1.00 32.40 ? 101 PHE A CG  1 
ATOM   377 C CD1 . PHE A 1 49  ? 10.931  -6.273  6.391   1.00 33.43 ? 101 PHE A CD1 1 
ATOM   378 C CD2 . PHE A 1 49  ? 9.634   -4.782  7.745   1.00 32.35 ? 101 PHE A CD2 1 
ATOM   379 C CE1 . PHE A 1 49  ? 11.314  -6.985  7.533   1.00 34.03 ? 101 PHE A CE1 1 
ATOM   380 C CE2 . PHE A 1 49  ? 10.007  -5.484  8.891   1.00 34.70 ? 101 PHE A CE2 1 
ATOM   381 C CZ  . PHE A 1 49  ? 10.850  -6.588  8.787   1.00 33.73 ? 101 PHE A CZ  1 
ATOM   382 N N   . GLY A 1 50  ? 12.936  -2.939  5.779   1.00 28.20 ? 102 GLY A N   1 
ATOM   383 C CA  . GLY A 1 50  ? 14.349  -3.250  5.728   1.00 28.42 ? 102 GLY A CA  1 
ATOM   384 C C   . GLY A 1 50  ? 14.942  -2.809  4.403   1.00 30.07 ? 102 GLY A C   1 
ATOM   385 O O   . GLY A 1 50  ? 14.665  -1.705  3.923   1.00 30.65 ? 102 GLY A O   1 
ATOM   386 N N   . ASN A 1 51  ? 15.750  -3.675  3.802   1.00 29.75 ? 103 ASN A N   1 
ATOM   387 C CA  . ASN A 1 51  ? 16.387  -3.368  2.527   0.50 29.47 ? 103 ASN A CA  1 
ATOM   388 C C   . ASN A 1 51  ? 15.535  -3.880  1.371   1.00 29.39 ? 103 ASN A C   1 
ATOM   389 O O   . ASN A 1 51  ? 16.042  -4.135  0.277   1.00 29.88 ? 103 ASN A O   1 
ATOM   390 C CB  . ASN A 1 51  ? 17.773  -4.012  2.466   0.50 30.09 ? 103 ASN A CB  1 
ATOM   391 C CG  . ASN A 1 51  ? 18.641  -3.638  3.652   0.50 30.87 ? 103 ASN A CG  1 
ATOM   392 O OD1 . ASN A 1 51  ? 18.911  -2.461  3.892   0.50 32.30 ? 103 ASN A OD1 1 
ATOM   393 N ND2 . ASN A 1 51  ? 19.081  -4.641  4.401   0.50 31.29 ? 103 ASN A ND2 1 
ATOM   394 N N   . ASP A 1 52  ? 14.235  -4.022  1.608   1.00 27.14 ? 104 ASP A N   1 
ATOM   395 C CA  . ASP A 1 52  ? 13.350  -4.522  0.566   1.00 26.07 ? 104 ASP A CA  1 
ATOM   396 C C   . ASP A 1 52  ? 12.029  -3.766  0.498   1.00 23.19 ? 104 ASP A C   1 
ATOM   397 O O   . ASP A 1 52  ? 11.680  -3.024  1.411   1.00 21.84 ? 104 ASP A O   1 
ATOM   398 C CB  . ASP A 1 52  ? 13.081  -6.011  0.803   1.00 29.71 ? 104 ASP A CB  1 
ATOM   399 C CG  . ASP A 1 52  ? 12.257  -6.642  -0.299  1.00 33.28 ? 104 ASP A CG  1 
ATOM   400 O OD1 . ASP A 1 52  ? 12.681  -6.580  -1.472  1.00 36.56 ? 104 ASP A OD1 1 
ATOM   401 O OD2 . ASP A 1 52  ? 11.185  -7.210  0.003   0.50 35.07 ? 104 ASP A OD2 1 
ATOM   402 N N   . VAL A 1 53  ? 11.312  -3.947  -0.606  1.00 20.49 ? 105 VAL A N   1 
ATOM   403 C CA  . VAL A 1 53  ? 10.003  -3.326  -0.797  1.00 20.64 ? 105 VAL A CA  1 
ATOM   404 C C   . VAL A 1 53  ? 9.056   -4.463  -1.149  1.00 20.75 ? 105 VAL A C   1 
ATOM   405 O O   . VAL A 1 53  ? 9.235   -5.127  -2.171  1.00 23.14 ? 105 VAL A O   1 
ATOM   406 C CB  . VAL A 1 53  ? 10.030  -2.280  -1.931  1.00 18.31 ? 105 VAL A CB  1 
ATOM   407 C CG1 . VAL A 1 53  ? 8.616   -1.769  -2.221  1.00 18.71 ? 105 VAL A CG1 1 
ATOM   408 C CG2 . VAL A 1 53  ? 10.913  -1.116  -1.520  1.00 19.23 ? 105 VAL A CG2 1 
ATOM   409 N N   . GLN A 1 54  ? 8.068   -4.695  -0.289  1.00 19.77 ? 106 GLN A N   1 
ATOM   410 C CA  . GLN A 1 54  ? 7.095   -5.772  -0.474  1.00 20.25 ? 106 GLN A CA  1 
ATOM   411 C C   . GLN A 1 54  ? 5.866   -5.266  -1.235  1.00 18.92 ? 106 GLN A C   1 
ATOM   412 O O   . GLN A 1 54  ? 5.411   -4.148  -0.998  1.00 17.24 ? 106 GLN A O   1 
ATOM   413 C CB  . GLN A 1 54  ? 6.653   -6.318  0.897   1.00 23.69 ? 106 GLN A CB  1 
ATOM   414 C CG  . GLN A 1 54  ? 7.786   -6.823  1.806   1.00 28.42 ? 106 GLN A CG  1 
ATOM   415 C CD  . GLN A 1 54  ? 7.284   -7.380  3.143   1.00 32.98 ? 106 GLN A CD  1 
ATOM   416 O OE1 . GLN A 1 54  ? 8.075   -7.813  3.989   1.00 36.55 ? 106 GLN A OE1 1 
ATOM   417 N NE2 . GLN A 1 54  ? 5.970   -7.370  3.336   1.00 33.73 ? 106 GLN A NE2 1 
ATOM   418 N N   . HIS A 1 55  ? 5.327   -6.093  -2.131  1.00 16.54 ? 107 HIS A N   1 
ATOM   419 C CA  . HIS A 1 55  ? 4.143   -5.717  -2.909  1.00 14.65 ? 107 HIS A CA  1 
ATOM   420 C C   . HIS A 1 55  ? 2.962   -6.636  -2.579  1.00 15.44 ? 107 HIS A C   1 
ATOM   421 O O   . HIS A 1 55  ? 3.127   -7.852  -2.508  1.00 14.50 ? 107 HIS A O   1 
ATOM   422 C CB  . HIS A 1 55  ? 4.444   -5.817  -4.407  1.00 16.10 ? 107 HIS A CB  1 
ATOM   423 C CG  . HIS A 1 55  ? 5.585   -4.959  -4.851  1.00 15.82 ? 107 HIS A CG  1 
ATOM   424 N ND1 . HIS A 1 55  ? 5.467   -3.598  -5.022  1.00 16.14 ? 107 HIS A ND1 1 
ATOM   425 C CD2 . HIS A 1 55  ? 6.875   -5.263  -5.128  1.00 17.05 ? 107 HIS A CD2 1 
ATOM   426 C CE1 . HIS A 1 55  ? 6.635   -3.099  -5.390  1.00 15.56 ? 107 HIS A CE1 1 
ATOM   427 N NE2 . HIS A 1 55  ? 7.507   -4.089  -5.461  1.00 17.01 ? 107 HIS A NE2 1 
ATOM   428 N N   . PHE A 1 56  ? 1.785   -6.046  -2.381  1.00 14.01 ? 108 PHE A N   1 
ATOM   429 C CA  . PHE A 1 56  ? 0.567   -6.800  -2.076  1.00 14.35 ? 108 PHE A CA  1 
ATOM   430 C C   . PHE A 1 56  ? -0.508  -6.476  -3.114  1.00 14.66 ? 108 PHE A C   1 
ATOM   431 O O   . PHE A 1 56  ? -0.601  -5.340  -3.580  1.00 14.07 ? 108 PHE A O   1 
ATOM   432 C CB  . PHE A 1 56  ? -0.010  -6.411  -0.711  1.00 13.06 ? 108 PHE A CB  1 
ATOM   433 C CG  . PHE A 1 56  ? 0.901   -6.674  0.451   1.00 13.69 ? 108 PHE A CG  1 
ATOM   434 C CD1 . PHE A 1 56  ? 2.013   -5.874  0.678   1.00 13.93 ? 108 PHE A CD1 1 
ATOM   435 C CD2 . PHE A 1 56  ? 0.631   -7.715  1.331   1.00 14.64 ? 108 PHE A CD2 1 
ATOM   436 C CE1 . PHE A 1 56  ? 2.847   -6.104  1.769   1.00 15.92 ? 108 PHE A CE1 1 
ATOM   437 C CE2 . PHE A 1 56  ? 1.456   -7.956  2.421   1.00 15.24 ? 108 PHE A CE2 1 
ATOM   438 C CZ  . PHE A 1 56  ? 2.565   -7.149  2.640   1.00 15.66 ? 108 PHE A CZ  1 
ATOM   439 N N   . LYS A 1 57  ? -1.320  -7.467  -3.472  1.00 12.29 ? 109 LYS A N   1 
ATOM   440 C CA  . LYS A 1 57  ? -2.416  -7.229  -4.406  1.00 13.78 ? 109 LYS A CA  1 
ATOM   441 C C   . LYS A 1 57  ? -3.575  -6.751  -3.538  1.00 12.97 ? 109 LYS A C   1 
ATOM   442 O O   . LYS A 1 57  ? -3.822  -7.321  -2.476  1.00 14.47 ? 109 LYS A O   1 
ATOM   443 C CB  . LYS A 1 57  ? -2.879  -8.527  -5.088  1.00 15.65 ? 109 LYS A CB  1 
ATOM   444 C CG  . LYS A 1 57  ? -1.825  -9.288  -5.851  1.00 19.97 ? 109 LYS A CG  1 
ATOM   445 C CD  . LYS A 1 57  ? -2.401  -10.577 -6.441  1.00 19.94 ? 109 LYS A CD  1 
ATOM   446 C CE  . LYS A 1 57  ? -2.749  -11.591 -5.359  1.00 21.50 ? 109 LYS A CE  1 
ATOM   447 N NZ  . LYS A 1 57  ? -3.219  -12.897 -5.920  1.00 21.10 ? 109 LYS A NZ  1 
ATOM   448 N N   . VAL A 1 58  ? -4.269  -5.703  -3.957  1.00 11.79 ? 110 VAL A N   1 
ATOM   449 C CA  . VAL A 1 58  ? -5.436  -5.280  -3.198  1.00 11.78 ? 110 VAL A CA  1 
ATOM   450 C C   . VAL A 1 58  ? -6.536  -6.138  -3.808  1.00 13.51 ? 110 VAL A C   1 
ATOM   451 O O   . VAL A 1 58  ? -6.913  -5.931  -4.957  1.00 13.63 ? 110 VAL A O   1 
ATOM   452 C CB  . VAL A 1 58  ? -5.785  -3.797  -3.422  1.00 12.63 ? 110 VAL A CB  1 
ATOM   453 C CG1 . VAL A 1 58  ? -7.114  -3.467  -2.742  1.00 10.19 ? 110 VAL A CG1 1 
ATOM   454 C CG2 . VAL A 1 58  ? -4.698  -2.926  -2.840  1.00 12.33 ? 110 VAL A CG2 1 
ATOM   455 N N   . LEU A 1 59  ? -7.031  -7.104  -3.043  1.00 12.11 ? 111 LEU A N   1 
ATOM   456 C CA  . LEU A 1 59  ? -8.064  -8.017  -3.523  1.00 14.46 ? 111 LEU A CA  1 
ATOM   457 C C   . LEU A 1 59  ? -9.480  -7.465  -3.350  1.00 15.23 ? 111 LEU A C   1 
ATOM   458 O O   . LEU A 1 59  ? -9.717  -6.578  -2.535  1.00 13.95 ? 111 LEU A O   1 
ATOM   459 C CB  . LEU A 1 59  ? -7.918  -9.359  -2.794  1.00 15.16 ? 111 LEU A CB  1 
ATOM   460 C CG  . LEU A 1 59  ? -6.537  -10.006 -2.949  1.00 15.30 ? 111 LEU A CG  1 
ATOM   461 C CD1 . LEU A 1 59  ? -6.397  -11.176 -1.983  1.00 16.64 ? 111 LEU A CD1 1 
ATOM   462 C CD2 . LEU A 1 59  ? -6.342  -10.467 -4.389  1.00 17.43 ? 111 LEU A CD2 1 
ATOM   463 N N   . ARG A 1 60  ? -10.420 -7.986  -4.135  1.00 15.81 ? 112 ARG A N   1 
ATOM   464 C CA  . ARG A 1 60  ? -11.812 -7.545  -4.046  1.00 15.51 ? 112 ARG A CA  1 
ATOM   465 C C   . ARG A 1 60  ? -12.711 -8.757  -3.842  1.00 16.58 ? 112 ARG A C   1 
ATOM   466 O O   . ARG A 1 60  ? -12.439 -9.827  -4.387  1.00 15.73 ? 112 ARG A O   1 
ATOM   467 C CB  . ARG A 1 60  ? -12.258 -6.851  -5.338  1.00 18.89 ? 112 ARG A CB  1 
ATOM   468 C CG  . ARG A 1 60  ? -11.626 -5.503  -5.656  1.00 22.23 ? 112 ARG A CG  1 
ATOM   469 C CD  . ARG A 1 60  ? -12.372 -4.863  -6.831  1.00 25.19 ? 112 ARG A CD  1 
ATOM   470 N NE  . ARG A 1 60  ? -11.798 -3.589  -7.254  1.00 27.92 ? 112 ARG A NE  1 
ATOM   471 C CZ  . ARG A 1 60  ? -10.711 -3.467  -8.011  1.00 30.17 ? 112 ARG A CZ  1 
ATOM   472 N NH1 . ARG A 1 60  ? -10.070 -4.545  -8.441  1.00 28.67 ? 112 ARG A NH1 1 
ATOM   473 N NH2 . ARG A 1 60  ? -10.263 -2.261  -8.339  1.00 30.69 ? 112 ARG A NH2 1 
ATOM   474 N N   . ASP A 1 61  ? -13.776 -8.595  -3.059  1.00 16.14 ? 113 ASP A N   1 
ATOM   475 C CA  . ASP A 1 61  ? -14.708 -9.697  -2.859  1.00 17.24 ? 113 ASP A CA  1 
ATOM   476 C C   . ASP A 1 61  ? -15.771 -9.549  -3.942  1.00 19.05 ? 113 ASP A C   1 
ATOM   477 O O   . ASP A 1 61  ? -15.630 -8.703  -4.834  1.00 17.88 ? 113 ASP A O   1 
ATOM   478 C CB  . ASP A 1 61  ? -15.324 -9.663  -1.448  1.00 16.74 ? 113 ASP A CB  1 
ATOM   479 C CG  . ASP A 1 61  ? -16.361 -8.566  -1.267  1.00 17.01 ? 113 ASP A CG  1 
ATOM   480 O OD1 . ASP A 1 61  ? -16.495 -7.686  -2.139  1.00 17.19 ? 113 ASP A OD1 1 
ATOM   481 O OD2 . ASP A 1 61  ? -17.039 -8.593  -0.219  1.00 19.10 ? 113 ASP A OD2 1 
ATOM   482 N N   . GLY A 1 62  ? -16.824 -10.358 -3.877  1.00 20.18 ? 114 GLY A N   1 
ATOM   483 C CA  . GLY A 1 62  ? -17.868 -10.293 -4.889  1.00 22.26 ? 114 GLY A CA  1 
ATOM   484 C C   . GLY A 1 62  ? -18.621 -8.978  -4.993  1.00 23.98 ? 114 GLY A C   1 
ATOM   485 O O   . GLY A 1 62  ? -19.186 -8.661  -6.042  1.00 24.64 ? 114 GLY A O   1 
ATOM   486 N N   . ALA A 1 63  ? -18.631 -8.208  -3.910  1.00 23.46 ? 115 ALA A N   1 
ATOM   487 C CA  . ALA A 1 63  ? -19.340 -6.934  -3.888  1.00 23.51 ? 115 ALA A CA  1 
ATOM   488 C C   . ALA A 1 63  ? -18.450 -5.743  -4.230  1.00 23.66 ? 115 ALA A C   1 
ATOM   489 O O   . ALA A 1 63  ? -18.937 -4.629  -4.423  1.00 24.97 ? 115 ALA A O   1 
ATOM   490 C CB  . ALA A 1 63  ? -19.981 -6.733  -2.529  1.00 23.58 ? 115 ALA A CB  1 
ATOM   491 N N   . GLY A 1 64  ? -17.147 -5.978  -4.305  1.00 21.80 ? 116 GLY A N   1 
ATOM   492 C CA  . GLY A 1 64  ? -16.232 -4.901  -4.631  1.00 20.99 ? 116 GLY A CA  1 
ATOM   493 C C   . GLY A 1 64  ? -15.461 -4.364  -3.440  1.00 19.51 ? 116 GLY A C   1 
ATOM   494 O O   . GLY A 1 64  ? -14.712 -3.398  -3.571  1.00 19.67 ? 116 GLY A O   1 
ATOM   495 N N   . LYS A 1 65  ? -15.645 -4.981  -2.278  1.00 18.15 ? 117 LYS A N   1 
ATOM   496 C CA  . LYS A 1 65  ? -14.934 -4.562  -1.079  1.00 16.92 ? 117 LYS A CA  1 
ATOM   497 C C   . LYS A 1 65  ? -13.456 -4.916  -1.223  1.00 16.81 ? 117 LYS A C   1 
ATOM   498 O O   . LYS A 1 65  ? -13.103 -5.874  -1.915  1.00 18.42 ? 117 LYS A O   1 
ATOM   499 C CB  . LYS A 1 65  ? -15.533 -5.241  0.156   1.00 20.06 ? 117 LYS A CB  1 
ATOM   500 C CG  . LYS A 1 65  ? -16.982 -4.846  0.402   1.00 23.39 ? 117 LYS A CG  1 
ATOM   501 C CD  . LYS A 1 65  ? -17.515 -5.410  1.701   1.00 27.32 ? 117 LYS A CD  1 
ATOM   502 C CE  . LYS A 1 65  ? -18.991 -5.092  1.852   1.00 30.78 ? 117 LYS A CE  1 
ATOM   503 N NZ  . LYS A 1 65  ? -19.251 -3.635  1.728   1.00 33.59 ? 117 LYS A NZ  1 
ATOM   504 N N   . TYR A 1 66  ? -12.593 -4.141  -0.569  1.00 14.16 ? 118 TYR A N   1 
ATOM   505 C CA  . TYR A 1 66  ? -11.156 -4.354  -0.653  1.00 13.67 ? 118 TYR A CA  1 
ATOM   506 C C   . TYR A 1 66  ? -10.551 -5.063  0.550   1.00 12.87 ? 118 TYR A C   1 
ATOM   507 O O   . TYR A 1 66  ? -10.963 -4.842  1.691   1.00 14.33 ? 118 TYR A O   1 
ATOM   508 C CB  . TYR A 1 66  ? -10.428 -3.017  -0.813  1.00 13.41 ? 118 TYR A CB  1 
ATOM   509 C CG  . TYR A 1 66  ? -10.947 -2.132  -1.923  1.00 13.52 ? 118 TYR A CG  1 
ATOM   510 C CD1 . TYR A 1 66  ? -11.947 -1.192  -1.682  1.00 12.68 ? 118 TYR A CD1 1 
ATOM   511 C CD2 . TYR A 1 66  ? -10.404 -2.206  -3.207  1.00 14.48 ? 118 TYR A CD2 1 
ATOM   512 C CE1 . TYR A 1 66  ? -12.392 -0.336  -2.696  1.00 15.16 ? 118 TYR A CE1 1 
ATOM   513 C CE2 . TYR A 1 66  ? -10.843 -1.356  -4.227  1.00 15.31 ? 118 TYR A CE2 1 
ATOM   514 C CZ  . TYR A 1 66  ? -11.831 -0.424  -3.963  1.00 14.27 ? 118 TYR A CZ  1 
ATOM   515 O OH  . TYR A 1 66  ? -12.244 0.435   -4.961  1.00 14.34 ? 118 TYR A OH  1 
ATOM   516 N N   . PHE A 1 67  ? -9.550  -5.898  0.289   1.00 11.94 ? 119 PHE A N   1 
ATOM   517 C CA  . PHE A 1 67  ? -8.865  -6.597  1.365   1.00 13.10 ? 119 PHE A CA  1 
ATOM   518 C C   . PHE A 1 67  ? -7.495  -7.115  0.970   1.00 13.17 ? 119 PHE A C   1 
ATOM   519 O O   . PHE A 1 67  ? -7.178  -7.252  -0.213  1.00 12.83 ? 119 PHE A O   1 
ATOM   520 C CB  . PHE A 1 67  ? -9.725  -7.752  1.902   1.00 12.03 ? 119 PHE A CB  1 
ATOM   521 C CG  . PHE A 1 67  ? -9.851  -8.927  0.970   1.00 13.03 ? 119 PHE A CG  1 
ATOM   522 C CD1 . PHE A 1 67  ? -9.017  -10.033 1.105   1.00 13.77 ? 119 PHE A CD1 1 
ATOM   523 C CD2 . PHE A 1 67  ? -10.846 -8.957  -0.002  1.00 13.09 ? 119 PHE A CD2 1 
ATOM   524 C CE1 . PHE A 1 67  ? -9.176  -11.158 0.291   1.00 12.67 ? 119 PHE A CE1 1 
ATOM   525 C CE2 . PHE A 1 67  ? -11.015 -10.078 -0.825  1.00 12.35 ? 119 PHE A CE2 1 
ATOM   526 C CZ  . PHE A 1 67  ? -10.175 -11.181 -0.672  1.00 13.76 ? 119 PHE A CZ  1 
ATOM   527 N N   . LEU A 1 68  ? -6.665  -7.377  1.975   1.00 13.20 ? 120 LEU A N   1 
ATOM   528 C CA  . LEU A 1 68  ? -5.337  -7.919  1.722   1.00 13.13 ? 120 LEU A CA  1 
ATOM   529 C C   . LEU A 1 68  ? -5.329  -9.397  2.097   1.00 13.98 ? 120 LEU A C   1 
ATOM   530 O O   . LEU A 1 68  ? -4.832  -10.233 1.342   1.00 13.78 ? 120 LEU A O   1 
ATOM   531 C CB  . LEU A 1 68  ? -4.272  -7.191  2.545   1.00 13.38 ? 120 LEU A CB  1 
ATOM   532 C CG  . LEU A 1 68  ? -4.047  -5.706  2.276   1.00 12.87 ? 120 LEU A CG  1 
ATOM   533 C CD1 . LEU A 1 68  ? -2.931  -5.187  3.172   1.00 12.93 ? 120 LEU A CD1 1 
ATOM   534 C CD2 . LEU A 1 68  ? -3.712  -5.496  0.801   1.00 12.97 ? 120 LEU A CD2 1 
ATOM   535 N N   . TRP A 1 69  ? -5.885  -9.707  3.267   1.00 13.47 ? 121 TRP A N   1 
ATOM   536 C CA  . TRP A 1 69  ? -5.923  -11.084 3.754   1.00 15.54 ? 121 TRP A CA  1 
ATOM   537 C C   . TRP A 1 69  ? -7.330  -11.603 4.074   1.00 15.42 ? 121 TRP A C   1 
ATOM   538 O O   . TRP A 1 69  ? -7.860  -12.467 3.371   1.00 15.75 ? 121 TRP A O   1 
ATOM   539 C CB  . TRP A 1 69  ? -5.045  -11.223 5.006   1.00 15.15 ? 121 TRP A CB  1 
ATOM   540 C CG  . TRP A 1 69  ? -3.585  -10.869 4.796   1.00 15.57 ? 121 TRP A CG  1 
ATOM   541 C CD1 . TRP A 1 69  ? -2.952  -9.734  5.213   1.00 14.89 ? 121 TRP A CD1 1 
ATOM   542 C CD2 . TRP A 1 69  ? -2.589  -11.664 4.139   1.00 15.18 ? 121 TRP A CD2 1 
ATOM   543 N NE1 . TRP A 1 69  ? -1.621  -9.772  4.863   1.00 14.60 ? 121 TRP A NE1 1 
ATOM   544 C CE2 . TRP A 1 69  ? -1.372  -10.948 4.202   1.00 16.52 ? 121 TRP A CE2 1 
ATOM   545 C CE3 . TRP A 1 69  ? -2.604  -12.915 3.503   1.00 16.45 ? 121 TRP A CE3 1 
ATOM   546 C CZ2 . TRP A 1 69  ? -0.181  -11.441 3.654   1.00 15.22 ? 121 TRP A CZ2 1 
ATOM   547 C CZ3 . TRP A 1 69  ? -1.419  -13.403 2.960   1.00 17.58 ? 121 TRP A CZ3 1 
ATOM   548 C CH2 . TRP A 1 69  ? -0.226  -12.666 3.041   1.00 17.27 ? 121 TRP A CH2 1 
ATOM   549 N N   . VAL A 1 70  ? -7.929  -11.074 5.137   1.00 15.71 ? 122 VAL A N   1 
ATOM   550 C CA  . VAL A 1 70  ? -9.256  -11.511 5.562   1.00 16.69 ? 122 VAL A CA  1 
ATOM   551 C C   . VAL A 1 70  ? -10.232 -10.355 5.805   1.00 15.88 ? 122 VAL A C   1 
ATOM   552 O O   . VAL A 1 70  ? -11.355 -10.364 5.295   1.00 16.22 ? 122 VAL A O   1 
ATOM   553 C CB  . VAL A 1 70  ? -9.161  -12.357 6.856   1.00 17.29 ? 122 VAL A CB  1 
ATOM   554 C CG1 . VAL A 1 70  ? -10.545 -12.794 7.293   1.00 20.35 ? 122 VAL A CG1 1 
ATOM   555 C CG2 . VAL A 1 70  ? -8.268  -13.577 6.622   1.00 20.05 ? 122 VAL A CG2 1 
ATOM   556 N N   . VAL A 1 71  ? -9.820  -9.360  6.585   1.00 16.03 ? 123 VAL A N   1 
ATOM   557 C CA  . VAL A 1 71  ? -10.709 -8.238  6.876   1.00 15.21 ? 123 VAL A CA  1 
ATOM   558 C C   . VAL A 1 71  ? -10.860 -7.361  5.633   1.00 15.77 ? 123 VAL A C   1 
ATOM   559 O O   . VAL A 1 71  ? -9.866  -6.967  5.028   1.00 15.67 ? 123 VAL A O   1 
ATOM   560 C CB  . VAL A 1 71  ? -10.175 -7.398  8.057   1.00 15.36 ? 123 VAL A CB  1 
ATOM   561 C CG1 . VAL A 1 71  ? -11.185 -6.307  8.419   1.00 15.32 ? 123 VAL A CG1 1 
ATOM   562 C CG2 . VAL A 1 71  ? -9.919  -8.307  9.261   1.00 16.38 ? 123 VAL A CG2 1 
ATOM   563 N N   . LYS A 1 72  ? -12.100 -7.060  5.248   1.00 16.35 ? 124 LYS A N   1 
ATOM   564 C CA  . LYS A 1 72  ? -12.341 -6.253  4.048   1.00 15.52 ? 124 LYS A CA  1 
ATOM   565 C C   . LYS A 1 72  ? -13.041 -4.928  4.326   1.00 16.64 ? 124 LYS A C   1 
ATOM   566 O O   . LYS A 1 72  ? -13.730 -4.777  5.342   1.00 16.49 ? 124 LYS A O   1 
ATOM   567 C CB  . LYS A 1 72  ? -13.130 -7.071  3.023   1.00 14.50 ? 124 LYS A CB  1 
ATOM   568 C CG  . LYS A 1 72  ? -14.469 -7.554  3.520   1.00 12.66 ? 124 LYS A CG  1 
ATOM   569 C CD  . LYS A 1 72  ? -15.095 -8.505  2.513   1.00 13.68 ? 124 LYS A CD  1 
ATOM   570 C CE  . LYS A 1 72  ? -16.434 -9.025  3.002   1.00 13.64 ? 124 LYS A CE  1 
ATOM   571 N NZ  . LYS A 1 72  ? -16.967 -10.046 2.071   1.00 11.99 ? 124 LYS A NZ  1 
ATOM   572 N N   . PHE A 1 73  ? -12.886 -3.973  3.406   1.00 15.28 ? 125 PHE A N   1 
ATOM   573 C CA  . PHE A 1 73  ? -13.446 -2.643  3.616   1.00 15.24 ? 125 PHE A CA  1 
ATOM   574 C C   . PHE A 1 73  ? -14.175 -2.028  2.429   1.00 14.71 ? 125 PHE A C   1 
ATOM   575 O O   . PHE A 1 73  ? -13.945 -2.401  1.280   1.00 13.47 ? 125 PHE A O   1 
ATOM   576 C CB  . PHE A 1 73  ? -12.316 -1.710  4.059   1.00 17.68 ? 125 PHE A CB  1 
ATOM   577 C CG  . PHE A 1 73  ? -11.308 -2.378  4.959   1.00 20.83 ? 125 PHE A CG  1 
ATOM   578 C CD1 . PHE A 1 73  ? -10.317 -3.194  4.422   1.00 20.93 ? 125 PHE A CD1 1 
ATOM   579 C CD2 . PHE A 1 73  ? -11.386 -2.236  6.336   1.00 22.28 ? 125 PHE A CD2 1 
ATOM   580 C CE1 . PHE A 1 73  ? -9.419  -3.863  5.243   1.00 24.24 ? 125 PHE A CE1 1 
ATOM   581 C CE2 . PHE A 1 73  ? -10.492 -2.902  7.170   1.00 23.50 ? 125 PHE A CE2 1 
ATOM   582 C CZ  . PHE A 1 73  ? -9.507  -3.717  6.620   1.00 22.96 ? 125 PHE A CZ  1 
ATOM   583 N N   . ASN A 1 74  ? -15.041 -1.063  2.726   1.00 15.08 ? 126 ASN A N   1 
ATOM   584 C CA  . ASN A 1 74  ? -15.818 -0.365  1.711   1.00 15.73 ? 126 ASN A CA  1 
ATOM   585 C C   . ASN A 1 74  ? -14.976 0.589   0.871   1.00 16.52 ? 126 ASN A C   1 
ATOM   586 O O   . ASN A 1 74  ? -15.478 1.173   -0.092  1.00 17.85 ? 126 ASN A O   1 
ATOM   587 C CB  . ASN A 1 74  ? -16.948 0.420   2.382   1.00 17.47 ? 126 ASN A CB  1 
ATOM   588 C CG  . ASN A 1 74  ? -18.061 -0.475  2.883   1.00 21.01 ? 126 ASN A CG  1 
ATOM   589 O OD1 . ASN A 1 74  ? -17.824 -1.624  3.252   1.00 24.10 ? 126 ASN A OD1 1 
ATOM   590 N ND2 . ASN A 1 74  ? -19.281 0.049   2.910   1.00 24.11 ? 126 ASN A ND2 1 
ATOM   591 N N   . SER A 1 75  ? -13.703 0.745   1.227   1.00 14.24 ? 127 SER A N   1 
ATOM   592 C CA  . SER A 1 75  ? -12.825 1.651   0.496   1.00 14.16 ? 127 SER A CA  1 
ATOM   593 C C   . SER A 1 75  ? -11.342 1.358   0.694   1.00 13.62 ? 127 SER A C   1 
ATOM   594 O O   . SER A 1 75  ? -10.945 0.693   1.656   1.00 12.17 ? 127 SER A O   1 
ATOM   595 C CB  . SER A 1 75  ? -13.094 3.094   0.937   1.00 13.94 ? 127 SER A CB  1 
ATOM   596 O OG  . SER A 1 75  ? -12.714 3.285   2.295   1.00 12.59 ? 127 SER A OG  1 
ATOM   597 N N   . LEU A 1 76  ? -10.531 1.859   -0.231  1.00 11.12 ? 128 LEU A N   1 
ATOM   598 C CA  . LEU A 1 76  ? -9.086  1.706   -0.141  1.00 12.20 ? 128 LEU A CA  1 
ATOM   599 C C   . LEU A 1 76  ? -8.661  2.506   1.084   1.00 12.05 ? 128 LEU A C   1 
ATOM   600 O O   . LEU A 1 76  ? -7.763  2.115   1.827   1.00 10.72 ? 128 LEU A O   1 
ATOM   601 C CB  . LEU A 1 76  ? -8.405  2.302   -1.375  1.00 12.65 ? 128 LEU A CB  1 
ATOM   602 C CG  . LEU A 1 76  ? -8.501  1.527   -2.688  1.00 11.10 ? 128 LEU A CG  1 
ATOM   603 C CD1 . LEU A 1 76  ? -8.037  2.421   -3.833  1.00 12.19 ? 128 LEU A CD1 1 
ATOM   604 C CD2 . LEU A 1 76  ? -7.651  0.261   -2.605  1.00 11.02 ? 128 LEU A CD2 1 
ATOM   605 N N   . ASN A 1 77  ? -9.333  3.638   1.274   1.00 10.60 ? 129 ASN A N   1 
ATOM   606 C CA  . ASN A 1 77  ? -9.056  4.546   2.377   1.00 11.22 ? 129 ASN A CA  1 
ATOM   607 C C   . ASN A 1 77  ? -9.170  3.806   3.712   1.00 12.15 ? 129 ASN A C   1 
ATOM   608 O O   . ASN A 1 77  ? -8.296  3.927   4.569   1.00 12.27 ? 129 ASN A O   1 
ATOM   609 C CB  . ASN A 1 77  ? -10.044 5.724   2.306   1.00 12.71 ? 129 ASN A CB  1 
ATOM   610 C CG  . ASN A 1 77  ? -9.631  6.908   3.163   1.00 13.49 ? 129 ASN A CG  1 
ATOM   611 O OD1 . ASN A 1 77  ? -10.156 8.013   2.997   1.00 14.61 ? 129 ASN A OD1 1 
ATOM   612 N ND2 . ASN A 1 77  ? -8.703  6.685   4.091   1.00 12.25 ? 129 ASN A ND2 1 
ATOM   613 N N   . GLU A 1 78  ? -10.235 3.018   3.877   1.00 11.19 ? 130 GLU A N   1 
ATOM   614 C CA  . GLU A 1 78  ? -10.438 2.286   5.125   1.00 13.15 ? 130 GLU A CA  1 
ATOM   615 C C   . GLU A 1 78  ? -9.463  1.117   5.264   1.00 12.48 ? 130 GLU A C   1 
ATOM   616 O O   . GLU A 1 78  ? -9.002  0.815   6.365   1.00 12.01 ? 130 GLU A O   1 
ATOM   617 C CB  . GLU A 1 78  ? -11.884 1.799   5.224   1.00 12.28 ? 130 GLU A CB  1 
ATOM   618 C CG  . GLU A 1 78  ? -12.883 2.933   5.364   1.00 15.12 ? 130 GLU A CG  1 
ATOM   619 C CD  . GLU A 1 78  ? -14.311 2.482   5.146   1.00 17.21 ? 130 GLU A CD  1 
ATOM   620 O OE1 . GLU A 1 78  ? -15.001 2.176   6.143   1.00 18.35 ? 130 GLU A OE1 1 
ATOM   621 O OE2 . GLU A 1 78  ? -14.729 2.421   3.969   1.00 15.09 ? 130 GLU A OE2 1 
ATOM   622 N N   . LEU A 1 79  ? -9.144  0.466   4.147   1.00 11.84 ? 131 LEU A N   1 
ATOM   623 C CA  . LEU A 1 79  ? -8.194  -0.644  4.153   1.00 11.43 ? 131 LEU A CA  1 
ATOM   624 C C   . LEU A 1 79  ? -6.858  -0.110  4.649   1.00 12.37 ? 131 LEU A C   1 
ATOM   625 O O   . LEU A 1 79  ? -6.235  -0.681  5.549   1.00 12.69 ? 131 LEU A O   1 
ATOM   626 C CB  . LEU A 1 79  ? -8.031  -1.214  2.736   1.00 12.59 ? 131 LEU A CB  1 
ATOM   627 C CG  . LEU A 1 79  ? -7.022  -2.358  2.544   1.00 13.33 ? 131 LEU A CG  1 
ATOM   628 C CD1 . LEU A 1 79  ? -7.326  -3.065  1.245   1.00 14.46 ? 131 LEU A CD1 1 
ATOM   629 C CD2 . LEU A 1 79  ? -5.581  -1.829  2.544   1.00 17.14 ? 131 LEU A CD2 1 
ATOM   630 N N   . VAL A 1 80  ? -6.425  0.997   4.056   1.00 10.75 ? 132 VAL A N   1 
ATOM   631 C CA  . VAL A 1 80  ? -5.172  1.623   4.435   1.00 10.92 ? 132 VAL A CA  1 
ATOM   632 C C   . VAL A 1 80  ? -5.154  1.984   5.919   1.00 11.82 ? 132 VAL A C   1 
ATOM   633 O O   . VAL A 1 80  ? -4.223  1.626   6.630   1.00 10.47 ? 132 VAL A O   1 
ATOM   634 C CB  . VAL A 1 80  ? -4.913  2.901   3.600   1.00 10.55 ? 132 VAL A CB  1 
ATOM   635 C CG1 . VAL A 1 80  ? -3.838  3.754   4.265   1.00 12.56 ? 132 VAL A CG1 1 
ATOM   636 C CG2 . VAL A 1 80  ? -4.481  2.516   2.190   1.00 11.71 ? 132 VAL A CG2 1 
ATOM   637 N N   . ASP A 1 81  ? -6.184  2.672   6.397   1.00 10.38 ? 133 ASP A N   1 
ATOM   638 C CA  . ASP A 1 81  ? -6.205  3.055   7.805   1.00 12.23 ? 133 ASP A CA  1 
ATOM   639 C C   . ASP A 1 81  ? -6.216  1.860   8.762   1.00 11.99 ? 133 ASP A C   1 
ATOM   640 O O   . ASP A 1 81  ? -5.586  1.896   9.820   1.00 12.09 ? 133 ASP A O   1 
ATOM   641 C CB  . ASP A 1 81  ? -7.388  3.989   8.086   1.00 13.01 ? 133 ASP A CB  1 
ATOM   642 C CG  . ASP A 1 81  ? -7.203  5.359   7.442   1.00 16.29 ? 133 ASP A CG  1 
ATOM   643 O OD1 . ASP A 1 81  ? -6.057  5.695   7.072   1.00 16.64 ? 133 ASP A OD1 1 
ATOM   644 O OD2 . ASP A 1 81  ? -8.196  6.105   7.311   1.00 16.17 ? 133 ASP A OD2 1 
ATOM   645 N N   . TYR A 1 82  ? -6.911  0.793   8.390   1.00 10.20 ? 134 TYR A N   1 
ATOM   646 C CA  . TYR A 1 82  ? -6.967  -0.392  9.235   1.00 11.31 ? 134 TYR A CA  1 
ATOM   647 C C   . TYR A 1 82  ? -5.573  -0.989  9.400   1.00 12.11 ? 134 TYR A C   1 
ATOM   648 O O   . TYR A 1 82  ? -5.204  -1.444  10.486  1.00 12.68 ? 134 TYR A O   1 
ATOM   649 C CB  . TYR A 1 82  ? -7.884  -1.442  8.613   1.00 12.52 ? 134 TYR A CB  1 
ATOM   650 C CG  . TYR A 1 82  ? -7.901  -2.757  9.359   1.00 14.67 ? 134 TYR A CG  1 
ATOM   651 C CD1 . TYR A 1 82  ? -8.670  -2.920  10.508  1.00 17.33 ? 134 TYR A CD1 1 
ATOM   652 C CD2 . TYR A 1 82  ? -7.136  -3.839  8.918   1.00 16.93 ? 134 TYR A CD2 1 
ATOM   653 C CE1 . TYR A 1 82  ? -8.681  -4.134  11.203  1.00 18.32 ? 134 TYR A CE1 1 
ATOM   654 C CE2 . TYR A 1 82  ? -7.141  -5.058  9.606   1.00 18.34 ? 134 TYR A CE2 1 
ATOM   655 C CZ  . TYR A 1 82  ? -7.915  -5.193  10.744  1.00 18.15 ? 134 TYR A CZ  1 
ATOM   656 O OH  . TYR A 1 82  ? -7.924  -6.394  11.419  1.00 22.28 ? 134 TYR A OH  1 
ATOM   657 N N   . HIS A 1 83  ? -4.796  -0.975  8.319   1.00 10.45 ? 135 HIS A N   1 
ATOM   658 C CA  . HIS A 1 83  ? -3.465  -1.553  8.354   1.00 11.26 ? 135 HIS A CA  1 
ATOM   659 C C   . HIS A 1 83  ? -2.367  -0.664  8.916   1.00 10.75 ? 135 HIS A C   1 
ATOM   660 O O   . HIS A 1 83  ? -1.185  -0.988  8.825   1.00 11.81 ? 135 HIS A O   1 
ATOM   661 C CB  . HIS A 1 83  ? -3.111  -2.099  6.968   1.00 10.17 ? 135 HIS A CB  1 
ATOM   662 C CG  . HIS A 1 83  ? -3.815  -3.386  6.656   1.00 12.55 ? 135 HIS A CG  1 
ATOM   663 N ND1 . HIS A 1 83  ? -3.535  -4.561  7.319   1.00 14.15 ? 135 HIS A ND1 1 
ATOM   664 C CD2 . HIS A 1 83  ? -4.831  -3.667  5.805   1.00 12.38 ? 135 HIS A CD2 1 
ATOM   665 C CE1 . HIS A 1 83  ? -4.350  -5.510  6.895   1.00 12.93 ? 135 HIS A CE1 1 
ATOM   666 N NE2 . HIS A 1 83  ? -5.147  -4.995  5.977   1.00 12.94 ? 135 HIS A NE2 1 
ATOM   667 N N   . ARG A 1 84  ? -2.772  0.459   9.506   1.00 11.23 ? 136 ARG A N   1 
ATOM   668 C CA  . ARG A 1 84  ? -1.831  1.352   10.179  1.00 12.69 ? 136 ARG A CA  1 
ATOM   669 C C   . ARG A 1 84  ? -1.663  0.789   11.599  1.00 13.09 ? 136 ARG A C   1 
ATOM   670 O O   . ARG A 1 84  ? -0.693  1.102   12.279  1.00 13.14 ? 136 ARG A O   1 
ATOM   671 C CB  . ARG A 1 84  ? -2.382  2.779   10.274  1.00 12.51 ? 136 ARG A CB  1 
ATOM   672 C CG  . ARG A 1 84  ? -2.382  3.553   8.965   1.00 10.65 ? 136 ARG A CG  1 
ATOM   673 C CD  . ARG A 1 84  ? -3.066  4.897   9.143   1.00 13.68 ? 136 ARG A CD  1 
ATOM   674 N NE  . ARG A 1 84  ? -3.182  5.653   7.897   1.00 13.06 ? 136 ARG A NE  1 
ATOM   675 C CZ  . ARG A 1 84  ? -2.179  6.284   7.292   1.00 15.45 ? 136 ARG A CZ  1 
ATOM   676 N NH1 . ARG A 1 84  ? -0.952  6.261   7.805   1.00 15.86 ? 136 ARG A NH1 1 
ATOM   677 N NH2 . ARG A 1 84  ? -2.411  6.958   6.173   1.00 13.94 ? 136 ARG A NH2 1 
ATOM   678 N N   . SER A 1 85  ? -2.615  -0.037  12.042  1.00 14.76 ? 137 SER A N   1 
ATOM   679 C CA  . SER A 1 85  ? -2.540  -0.621  13.384  1.00 15.73 ? 137 SER A CA  1 
ATOM   680 C C   . SER A 1 85  ? -2.636  -2.152  13.416  1.00 16.31 ? 137 SER A C   1 
ATOM   681 O O   . SER A 1 85  ? -2.579  -2.764  14.487  1.00 17.70 ? 137 SER A O   1 
ATOM   682 C CB  . SER A 1 85  ? -3.607  -0.009  14.297  1.00 14.98 ? 137 SER A CB  1 
ATOM   683 O OG  . SER A 1 85  ? -4.901  -0.260  13.803  1.00 17.47 ? 137 SER A OG  1 
ATOM   684 N N   . THR A 1 86  ? -2.794  -2.759  12.242  1.00 15.27 ? 138 THR A N   1 
ATOM   685 C CA  . THR A 1 86  ? -2.829  -4.213  12.099  1.00 15.67 ? 138 THR A CA  1 
ATOM   686 C C   . THR A 1 86  ? -1.838  -4.530  10.972  1.00 15.33 ? 138 THR A C   1 
ATOM   687 O O   . THR A 1 86  ? -1.962  -4.020  9.861   1.00 14.99 ? 138 THR A O   1 
ATOM   688 C CB  . THR A 1 86  ? -4.230  -4.709  11.743  1.00 16.53 ? 138 THR A CB  1 
ATOM   689 O OG1 . THR A 1 86  ? -5.105  -4.453  12.848  1.00 17.40 ? 138 THR A OG1 1 
ATOM   690 C CG2 . THR A 1 86  ? -4.210  -6.200  11.456  1.00 18.11 ? 138 THR A CG2 1 
ATOM   691 N N   . SER A 1 87  ? -0.851  -5.364  11.269  1.00 13.49 ? 139 SER A N   1 
ATOM   692 C CA  . SER A 1 87  ? 0.190   -5.686  10.301  1.00 12.96 ? 139 SER A CA  1 
ATOM   693 C C   . SER A 1 87  ? -0.288  -6.127  8.926   1.00 12.43 ? 139 SER A C   1 
ATOM   694 O O   . SER A 1 87  ? -1.257  -6.868  8.808   1.00 13.72 ? 139 SER A O   1 
ATOM   695 C CB  . SER A 1 87  ? 1.113   -6.768  10.863  1.00 11.71 ? 139 SER A CB  1 
ATOM   696 O OG  . SER A 1 87  ? 2.188   -7.005  9.978   1.00 10.79 ? 139 SER A OG  1 
ATOM   697 N N   . VAL A 1 88  ? 0.396   -5.662  7.886   1.00 13.53 ? 140 VAL A N   1 
ATOM   698 C CA  . VAL A 1 88  ? 0.058   -6.059  6.521   1.00 12.87 ? 140 VAL A CA  1 
ATOM   699 C C   . VAL A 1 88  ? 0.785   -7.362  6.220   1.00 14.19 ? 140 VAL A C   1 
ATOM   700 O O   . VAL A 1 88  ? 0.494   -8.038  5.237   1.00 14.53 ? 140 VAL A O   1 
ATOM   701 C CB  . VAL A 1 88  ? 0.529   -5.019  5.475   1.00 13.36 ? 140 VAL A CB  1 
ATOM   702 C CG1 . VAL A 1 88  ? -0.259  -3.735  5.622   1.00 14.86 ? 140 VAL A CG1 1 
ATOM   703 C CG2 . VAL A 1 88  ? 2.018   -4.745  5.644   1.00 15.21 ? 140 VAL A CG2 1 
ATOM   704 N N   . SER A 1 89  ? 1.725   -7.720  7.088   1.00 13.07 ? 141 SER A N   1 
ATOM   705 C CA  . SER A 1 89  ? 2.524   -8.921  6.877   1.00 14.58 ? 141 SER A CA  1 
ATOM   706 C C   . SER A 1 89  ? 2.247   -10.023 7.889   1.00 14.43 ? 141 SER A C   1 
ATOM   707 O O   . SER A 1 89  ? 1.871   -9.753  9.029   1.00 15.02 ? 141 SER A O   1 
ATOM   708 C CB  . SER A 1 89  ? 4.008   -8.548  6.921   1.00 15.21 ? 141 SER A CB  1 
ATOM   709 O OG  . SER A 1 89  ? 4.837   -9.696  6.885   1.00 15.07 ? 141 SER A OG  1 
ATOM   710 N N   . ARG A 1 90  ? 2.431   -11.266 7.454   1.00 16.65 ? 142 ARG A N   1 
ATOM   711 C CA  . ARG A 1 90  ? 2.236   -12.421 8.322   1.00 17.24 ? 142 ARG A CA  1 
ATOM   712 C C   . ARG A 1 90  ? 3.594   -12.960 8.758   1.00 17.54 ? 142 ARG A C   1 
ATOM   713 O O   . ARG A 1 90  ? 3.673   -13.955 9.476   1.00 18.62 ? 142 ARG A O   1 
ATOM   714 C CB  . ARG A 1 90  ? 1.453   -13.514 7.593   1.00 18.49 ? 142 ARG A CB  1 
ATOM   715 C CG  . ARG A 1 90  ? -0.022  -13.187 7.423   1.00 20.67 ? 142 ARG A CG  1 
ATOM   716 C CD  . ARG A 1 90  ? -0.778  -14.300 6.716   1.00 23.54 ? 142 ARG A CD  1 
ATOM   717 N NE  . ARG A 1 90  ? -2.222  -14.093 6.800   1.00 27.49 ? 142 ARG A NE  1 
ATOM   718 C CZ  . ARG A 1 90  ? -3.127  -14.860 6.200   1.00 29.08 ? 142 ARG A CZ  1 
ATOM   719 N NH1 . ARG A 1 90  ? -2.740  -15.891 5.463   1.00 29.72 ? 142 ARG A NH1 1 
ATOM   720 N NH2 . ARG A 1 90  ? -4.420  -14.602 6.351   1.00 30.36 ? 142 ARG A NH2 1 
ATOM   721 N N   . ASN A 1 91  ? 4.656   -12.292 8.317   1.00 16.23 ? 143 ASN A N   1 
ATOM   722 C CA  . ASN A 1 91  ? 6.020   -12.692 8.657   1.00 16.23 ? 143 ASN A CA  1 
ATOM   723 C C   . ASN A 1 91  ? 6.699   -11.697 9.586   1.00 15.36 ? 143 ASN A C   1 
ATOM   724 O O   . ASN A 1 91  ? 7.650   -12.039 10.283  1.00 13.71 ? 143 ASN A O   1 
ATOM   725 C CB  . ASN A 1 91  ? 6.868   -12.843 7.392   1.00 19.81 ? 143 ASN A CB  1 
ATOM   726 C CG  . ASN A 1 91  ? 6.401   -13.975 6.511   1.00 22.87 ? 143 ASN A CG  1 
ATOM   727 O OD1 . ASN A 1 91  ? 6.060   -15.050 6.997   1.00 24.68 ? 143 ASN A OD1 1 
ATOM   728 N ND2 . ASN A 1 91  ? 6.396   -13.745 5.202   1.00 25.91 ? 143 ASN A ND2 1 
ATOM   729 N N   . GLN A 1 92  ? 6.218   -10.461 9.580   1.00 15.59 ? 144 GLN A N   1 
ATOM   730 C CA  . GLN A 1 92  ? 6.776   -9.411  10.422  1.00 15.60 ? 144 GLN A CA  1 
ATOM   731 C C   . GLN A 1 92  ? 5.662   -8.452  10.814  1.00 16.11 ? 144 GLN A C   1 
ATOM   732 O O   . GLN A 1 92  ? 4.608   -8.423  10.183  1.00 15.67 ? 144 GLN A O   1 
ATOM   733 C CB  . GLN A 1 92  ? 7.864   -8.632  9.669   1.00 19.29 ? 144 GLN A CB  1 
ATOM   734 C CG  . GLN A 1 92  ? 8.961   -9.487  9.039   1.00 23.89 ? 144 GLN A CG  1 
ATOM   735 C CD  . GLN A 1 92  ? 8.671   -9.887  7.593   1.00 28.41 ? 144 GLN A CD  1 
ATOM   736 O OE1 . GLN A 1 92  ? 9.445   -10.626 6.972   1.00 31.42 ? 144 GLN A OE1 1 
ATOM   737 N NE2 . GLN A 1 92  ? 7.562   -9.393  7.047   1.00 30.11 ? 144 GLN A NE2 1 
ATOM   738 N N   . GLN A 1 93  ? 5.891   -7.676  11.866  1.00 13.43 ? 145 GLN A N   1 
ATOM   739 C CA  . GLN A 1 93  ? 4.899   -6.706  12.303  1.00 13.56 ? 145 GLN A CA  1 
ATOM   740 C C   . GLN A 1 93  ? 5.243   -5.434  11.545  1.00 13.69 ? 145 GLN A C   1 
ATOM   741 O O   . GLN A 1 93  ? 6.149   -4.701  11.939  1.00 14.13 ? 145 GLN A O   1 
ATOM   742 C CB  . GLN A 1 93  ? 5.005   -6.467  13.814  1.00 12.57 ? 145 GLN A CB  1 
ATOM   743 C CG  . GLN A 1 93  ? 4.465   -7.579  14.695  1.00 12.37 ? 145 GLN A CG  1 
ATOM   744 C CD  . GLN A 1 93  ? 2.972   -7.779  14.522  1.00 14.32 ? 145 GLN A CD  1 
ATOM   745 O OE1 . GLN A 1 93  ? 2.524   -8.322  13.519  1.00 14.95 ? 145 GLN A OE1 1 
ATOM   746 N NE2 . GLN A 1 93  ? 2.192   -7.326  15.502  1.00 15.31 ? 145 GLN A NE2 1 
ATOM   747 N N   . ILE A 1 94  ? 4.527   -5.184  10.452  1.00 12.93 ? 146 ILE A N   1 
ATOM   748 C CA  . ILE A 1 94  ? 4.768   -4.006  9.623   1.00 13.89 ? 146 ILE A CA  1 
ATOM   749 C C   . ILE A 1 94  ? 3.483   -3.207  9.564   1.00 13.05 ? 146 ILE A C   1 
ATOM   750 O O   . ILE A 1 94  ? 2.476   -3.697  9.055   1.00 13.98 ? 146 ILE A O   1 
ATOM   751 C CB  . ILE A 1 94  ? 5.131   -4.405  8.189   1.00 14.90 ? 146 ILE A CB  1 
ATOM   752 C CG1 . ILE A 1 94  ? 6.327   -5.360  8.205   1.00 16.45 ? 146 ILE A CG1 1 
ATOM   753 C CG2 . ILE A 1 94  ? 5.391   -3.152  7.355   1.00 15.67 ? 146 ILE A CG2 1 
ATOM   754 C CD1 . ILE A 1 94  ? 6.694   -5.895  6.828   1.00 20.70 ? 146 ILE A CD1 1 
ATOM   755 N N   . PHE A 1 95  ? 3.517   -1.983  10.075  1.00 13.36 ? 147 PHE A N   1 
ATOM   756 C CA  . PHE A 1 95  ? 2.332   -1.136  10.080  1.00 13.62 ? 147 PHE A CA  1 
ATOM   757 C C   . PHE A 1 95  ? 2.499   0.023   9.113   1.00 13.19 ? 147 PHE A C   1 
ATOM   758 O O   . PHE A 1 95  ? 3.539   0.682   9.084   1.00 13.16 ? 147 PHE A O   1 
ATOM   759 C CB  . PHE A 1 95  ? 2.057   -0.623  11.495  1.00 14.52 ? 147 PHE A CB  1 
ATOM   760 C CG  . PHE A 1 95  ? 1.960   -1.718  12.523  1.00 14.45 ? 147 PHE A CG  1 
ATOM   761 C CD1 . PHE A 1 95  ? 3.091   -2.150  13.211  1.00 16.48 ? 147 PHE A CD1 1 
ATOM   762 C CD2 . PHE A 1 95  ? 0.743   -2.346  12.773  1.00 15.93 ? 147 PHE A CD2 1 
ATOM   763 C CE1 . PHE A 1 95  ? 3.012   -3.194  14.133  1.00 14.83 ? 147 PHE A CE1 1 
ATOM   764 C CE2 . PHE A 1 95  ? 0.651   -3.394  13.693  1.00 15.34 ? 147 PHE A CE2 1 
ATOM   765 C CZ  . PHE A 1 95  ? 1.789   -3.816  14.373  1.00 14.23 ? 147 PHE A CZ  1 
ATOM   766 N N   . LEU A 1 96  ? 1.466   0.271   8.314   1.00 14.54 ? 148 LEU A N   1 
ATOM   767 C CA  . LEU A 1 96  ? 1.525   1.341   7.335   1.00 13.51 ? 148 LEU A CA  1 
ATOM   768 C C   . LEU A 1 96  ? 1.691   2.696   7.992   1.00 15.01 ? 148 LEU A C   1 
ATOM   769 O O   . LEU A 1 96  ? 1.069   2.991   9.014   1.00 13.33 ? 148 LEU A O   1 
ATOM   770 C CB  . LEU A 1 96  ? 0.261   1.349   6.465   1.00 12.17 ? 148 LEU A CB  1 
ATOM   771 C CG  . LEU A 1 96  ? -0.062  0.057   5.708   1.00 11.41 ? 148 LEU A CG  1 
ATOM   772 C CD1 . LEU A 1 96  ? -1.324  0.248   4.883   1.00 10.40 ? 148 LEU A CD1 1 
ATOM   773 C CD2 . LEU A 1 96  ? 1.121   -0.331  4.821   1.00 12.23 ? 148 LEU A CD2 1 
ATOM   774 N N   . ARG A 1 97  ? 2.547   3.513   7.393   1.00 15.27 ? 149 ARG A N   1 
ATOM   775 C CA  . ARG A 1 97  ? 2.793   4.864   7.869   1.00 17.33 ? 149 ARG A CA  1 
ATOM   776 C C   . ARG A 1 97  ? 3.085   5.720   6.644   1.00 18.42 ? 149 ARG A C   1 
ATOM   777 O O   . ARG A 1 97  ? 3.759   5.275   5.715   1.00 17.81 ? 149 ARG A O   1 
ATOM   778 C CB  . ARG A 1 97  ? 3.970   4.894   8.848   1.00 19.55 ? 149 ARG A CB  1 
ATOM   779 C CG  . ARG A 1 97  ? 5.239   4.257   8.331   1.00 21.19 ? 149 ARG A CG  1 
ATOM   780 C CD  . ARG A 1 97  ? 6.376   4.451   9.327   1.00 24.80 ? 149 ARG A CD  1 
ATOM   781 N NE  . ARG A 1 97  ? 6.660   5.868   9.552   1.00 27.63 ? 149 ARG A NE  1 
ATOM   782 C CZ  . ARG A 1 97  ? 7.409   6.336   10.549  1.00 29.93 ? 149 ARG A CZ  1 
ATOM   783 N NH1 . ARG A 1 97  ? 7.956   5.502   11.426  1.00 28.30 ? 149 ARG A NH1 1 
ATOM   784 N NH2 . ARG A 1 97  ? 7.611   7.639   10.666  1.00 31.12 ? 149 ARG A NH2 1 
ATOM   785 N N   . ASP A 1 98  ? 2.567   6.942   6.633   1.00 20.13 ? 150 ASP A N   1 
ATOM   786 C CA  . ASP A 1 98  ? 2.764   7.825   5.493   1.00 21.56 ? 150 ASP A CA  1 
ATOM   787 C C   . ASP A 1 98  ? 4.234   8.047   5.165   1.00 22.88 ? 150 ASP A C   1 
ATOM   788 O O   . ASP A 1 98  ? 5.070   8.190   6.059   1.00 19.99 ? 150 ASP A O   1 
ATOM   789 C CB  . ASP A 1 98  ? 2.095   9.182   5.735   1.00 23.89 ? 150 ASP A CB  1 
ATOM   790 C CG  . ASP A 1 98  ? 0.605   9.068   5.983   1.00 25.81 ? 150 ASP A CG  1 
ATOM   791 O OD1 . ASP A 1 98  ? -0.036  8.147   5.430   1.00 26.04 ? 150 ASP A OD1 1 
ATOM   792 O OD2 . ASP A 1 98  ? 0.073   9.918   6.725   1.00 27.51 ? 150 ASP A OD2 1 
ATOM   793 N N   . ILE A 1 99  ? 4.554   8.074   3.877   1.00 24.15 ? 151 ILE A N   1 
ATOM   794 C CA  . ILE A 1 99  ? 5.934   8.300   3.475   1.00 26.95 ? 151 ILE A CA  1 
ATOM   795 C C   . ILE A 1 99  ? 6.307   9.732   3.823   1.00 27.91 ? 151 ILE A C   1 
ATOM   796 O O   . ILE A 1 99  ? 5.437   10.605  3.949   1.00 27.14 ? 151 ILE A O   1 
ATOM   797 C CB  . ILE A 1 99  ? 6.145   8.089   1.956   1.00 29.59 ? 151 ILE A CB  1 
ATOM   798 C CG1 . ILE A 1 99  ? 5.390   9.150   1.178   1.00 31.49 ? 151 ILE A CG1 1 
ATOM   799 C CG2 . ILE A 1 99  ? 5.586   6.739   1.526   0.50 28.98 ? 151 ILE A CG2 1 
ATOM   800 C CD1 . ILE A 1 99  ? 3.929   8.935   1.256   1.00 34.22 ? 151 ILE A CD1 1 
ATOM   801 N N   . GLU A 1 100 ? 7.602   9.966   4.008   1.00 28.60 ? 152 GLU A N   1 
ATOM   802 C CA  . GLU A 1 100 ? 8.091   11.300  4.316   1.00 32.85 ? 152 GLU A CA  1 
ATOM   803 C C   . GLU A 1 100 ? 7.947   12.102  3.031   1.00 34.74 ? 152 GLU A C   1 
ATOM   804 O O   . GLU A 1 100 ? 8.772   12.001  2.126   1.00 29.94 ? 152 GLU A O   1 
ATOM   805 C CB  . GLU A 1 100 ? 9.564   11.244  4.733   1.00 35.73 ? 152 GLU A CB  1 
ATOM   806 C CG  . GLU A 1 100 ? 10.221  12.607  4.930   1.00 42.18 ? 152 GLU A CG  1 
ATOM   807 C CD  . GLU A 1 100 ? 9.722   13.333  6.163   1.00 44.52 ? 152 GLU A CD  1 
ATOM   808 O OE1 . GLU A 1 100 ? 9.925   12.815  7.279   1.00 47.18 ? 152 GLU A OE1 1 
ATOM   809 O OE2 . GLU A 1 100 ? 9.131   14.422  6.012   1.00 45.80 ? 152 GLU A OE2 1 
ATOM   810 N N   . GLN A 1 101 ? 6.878   12.886  2.954   1.00 36.68 ? 153 GLN A N   1 
ATOM   811 C CA  . GLN A 1 101 ? 6.629   13.697  1.775   1.00 34.13 ? 153 GLN A CA  1 
ATOM   812 C C   . GLN A 1 101 ? 7.699   14.775  1.498   1.00 36.94 ? 153 GLN A C   1 
ATOM   813 O O   . GLN A 1 101 ? 8.272   15.425  2.421   1.00 43.26 ? 153 GLN A O   1 
ATOM   814 C CB  . GLN A 1 101 ? 5.274   14.410  1.871   1.00 35.44 ? 153 GLN A CB  1 
ATOM   815 C CG  . GLN A 1 101 ? 4.034   13.566  2.116   1.00 34.71 ? 153 GLN A CG  1 
ATOM   816 C CD  . GLN A 1 101 ? 3.725   12.581  1.041   1.00 27.39 ? 153 GLN A CD  1 
ATOM   817 O OE1 . GLN A 1 101 ? 3.782   12.861  -0.169  1.00 39.08 ? 153 GLN A OE1 1 
ATOM   818 N NE2 . GLN A 1 101 ? 3.288   11.424  1.459   1.00 36.99 ? 153 GLN A NE2 1 
ATOM   819 N N   . VAL A 1 102 ? 7.948   15.006  0.212   1.00 46.87 ? 154 VAL A N   1 
ATOM   820 C CA  . VAL A 1 102 ? 8.926   16.000  -0.198  1.00 51.33 ? 154 VAL A CA  1 
ATOM   821 C C   . VAL A 1 102 ? 8.350   17.410  -0.067  1.00 53.70 ? 154 VAL A C   1 
ATOM   822 O O   . VAL A 1 102 ? 7.243   17.685  -0.541  1.00 55.23 ? 154 VAL A O   1 
ATOM   823 C CB  . VAL A 1 102 ? 9.360   15.762  -1.660  1.00 51.25 ? 154 VAL A CB  1 
ATOM   824 C CG1 . VAL A 1 102 ? 8.163   15.840  -2.586  1.00 55.04 ? 154 VAL A CG1 1 
ATOM   825 C CG2 . VAL A 1 102 ? 10.416  16.782  -2.057  1.00 55.80 ? 154 VAL A CG2 1 
ATOM   826 N N   . PRO A 1 103 ? 9.090   18.320  0.586   1.00 57.29 ? 155 PRO A N   1 
ATOM   827 C CA  . PRO A 1 103 ? 8.626   19.700  0.757   1.00 59.77 ? 155 PRO A CA  1 
ATOM   828 C C   . PRO A 1 103 ? 8.545   20.463  -0.563  1.00 61.34 ? 155 PRO A C   1 
ATOM   829 O O   . PRO A 1 103 ? 8.923   19.877  -1.600  1.00 61.85 ? 155 PRO A O   1 
ATOM   830 C CB  . PRO A 1 103 ? 9.662   20.289  1.714   1.00 60.55 ? 155 PRO A CB  1 
ATOM   831 C CG  . PRO A 1 103 ? 10.907  19.570  1.325   1.00 60.53 ? 155 PRO A CG  1 
ATOM   832 C CD  . PRO A 1 103 ? 10.421  18.140  1.192   1.00 59.15 ? 155 PRO A CD  1 
HETATM 833 O OBH . TVN B 2 .   ? 3.069   -5.382  -8.997  1.00 16.81 ? 202 TVN A OBH 1 
HETATM 834 P PBF . TVN B 2 .   ? 1.823   -5.808  -9.920  1.00 12.69 ? 202 TVN A PBF 1 
HETATM 835 O OBI . TVN B 2 .   ? 2.279   -5.525  -11.439 1.00 18.10 ? 202 TVN A OBI 1 
HETATM 836 O OBG . TVN B 2 .   ? 0.578   -5.081  -9.582  1.00 18.16 ? 202 TVN A OBG 1 
HETATM 837 O OBE . TVN B 2 .   ? 1.675   -7.411  -9.837  1.00 17.44 ? 202 TVN A OBE 1 
HETATM 838 C CBD . TVN B 2 .   ? 1.523   -7.987  -8.613  1.00 17.35 ? 202 TVN A CBD 1 
HETATM 839 C CBC . TVN B 2 .   ? 1.299   -9.358  -8.603  1.00 18.39 ? 202 TVN A CBC 1 
HETATM 840 C CBB . TVN B 2 .   ? 1.253   -10.066 -7.401  1.00 18.27 ? 202 TVN A CBB 1 
HETATM 841 C CBJ . TVN B 2 .   ? 1.686   -7.315  -7.401  1.00 17.72 ? 202 TVN A CBJ 1 
HETATM 842 C CBK . TVN B 2 .   ? 1.640   -8.019  -6.199  1.00 18.85 ? 202 TVN A CBK 1 
HETATM 843 C CBA . TVN B 2 .   ? 1.432   -9.397  -6.198  1.00 18.91 ? 202 TVN A CBA 1 
HETATM 844 C CAZ . TVN B 2 .   ? 1.455   -10.209 -4.898  1.00 19.49 ? 202 TVN A CAZ 1 
HETATM 845 C CAF . TVN B 2 .   ? 3.649   -11.378 -5.492  1.00 22.50 ? 202 TVN A CAF 1 
HETATM 846 C CAC . TVN B 2 .   ? 4.263   -10.485 -6.574  1.00 26.50 ? 202 TVN A CAC 1 
HETATM 847 O OAD . TVN B 2 .   ? 4.762   -9.399  -6.292  1.00 26.73 ? 202 TVN A OAD 1 
HETATM 848 N NAB . TVN B 2 .   ? 4.214   -10.990 -7.805  1.00 26.91 ? 202 TVN A NAB 1 
HETATM 849 C CAA . TVN B 2 .   ? 4.966   -10.292 -8.859  1.00 27.27 ? 202 TVN A CAA 1 
HETATM 850 C CAG . TVN B 2 .   ? 2.867   -10.585 -4.439  1.00 20.30 ? 202 TVN A CAG 1 
HETATM 851 C CAH . TVN B 2 .   ? 2.821   -11.413 -3.152  1.00 19.30 ? 202 TVN A CAH 1 
HETATM 852 O OAI . TVN B 2 .   ? 2.594   -12.623 -3.181  1.00 17.31 ? 202 TVN A OAI 1 
HETATM 853 N NAJ . TVN B 2 .   ? 3.027   -10.725 -2.035  1.00 17.33 ? 202 TVN A NAJ 1 
HETATM 854 C CAK . TVN B 2 .   ? 3.052   -11.338 -0.694  1.00 17.37 ? 202 TVN A CAK 1 
HETATM 855 C CAW . TVN B 2 .   ? 3.282   -10.257 0.366   1.00 19.00 ? 202 TVN A CAW 1 
HETATM 856 C CAX . TVN B 2 .   ? 4.582   -9.496  0.097   1.00 20.30 ? 202 TVN A CAX 1 
HETATM 857 C CAY . TVN B 2 .   ? 3.319   -10.849 1.778   1.00 18.67 ? 202 TVN A CAY 1 
HETATM 858 C CAL . TVN B 2 .   ? 1.787   -12.141 -0.378  1.00 18.16 ? 202 TVN A CAL 1 
HETATM 859 O OAM . TVN B 2 .   ? 1.871   -13.242 0.167   1.00 17.93 ? 202 TVN A OAM 1 
HETATM 860 N NAN . TVN B 2 .   ? 0.638   -11.573 -0.728  1.00 15.91 ? 202 TVN A NAN 1 
HETATM 861 C CAO . TVN B 2 .   ? -0.659  -12.219 -0.474  1.00 17.82 ? 202 TVN A CAO 1 
HETATM 862 C CAT . TVN B 2 .   ? -1.188  -12.921 -1.726  1.00 19.04 ? 202 TVN A CAT 1 
HETATM 863 O OAV . TVN B 2 .   ? -2.378  -13.215 -1.833  1.00 22.73 ? 202 TVN A OAV 1 
HETATM 864 N NAU . TVN B 2 .   ? -0.273  -13.191 -2.651  1.00 21.13 ? 202 TVN A NAU 1 
HETATM 865 C CAP . TVN B 2 .   ? -1.664  -11.189 0.053   1.00 16.93 ? 202 TVN A CAP 1 
HETATM 866 C CAQ . TVN B 2 .   ? -1.918  -10.049 -0.935  1.00 16.20 ? 202 TVN A CAQ 1 
HETATM 867 O OAS . TVN B 2 .   ? -1.092  -9.755  -1.801  1.00 15.02 ? 202 TVN A OAS 1 
HETATM 868 N NAR . TVN B 2 .   ? -3.081  -9.426  -0.779  1.00 15.15 ? 202 TVN A NAR 1 
HETATM 869 C C   . FMT C 3 .   ? 12.053  9.554   5.895   1.00 22.82 ? 201 FMT A C   1 
HETATM 870 O O1  . FMT C 3 .   ? 12.365  8.983   4.827   1.00 22.03 ? 201 FMT A O1  1 
HETATM 871 O O2  . FMT C 3 .   ? 11.434  9.036   6.848   1.00 23.83 ? 201 FMT A O2  1 
HETATM 872 O O   . HOH D 4 .   ? -13.909 -2.427  -6.048  1.00 25.10 ? 203 HOH A O   1 
HETATM 873 O O   . HOH D 4 .   ? -13.485 2.583   -3.857  1.00 14.73 ? 204 HOH A O   1 
HETATM 874 O O   . HOH D 4 .   ? -7.799  -3.901  -6.596  1.00 16.34 ? 205 HOH A O   1 
HETATM 875 O O   . HOH D 4 .   ? 10.036  7.078   6.017   1.00 17.70 ? 206 HOH A O   1 
HETATM 876 O O   . HOH D 4 .   ? -6.184  -2.176  12.811  1.00 16.15 ? 207 HOH A O   1 
HETATM 877 O O   . HOH D 4 .   ? -0.654  -9.052  -11.691 1.00 17.64 ? 208 HOH A O   1 
HETATM 878 O O   . HOH D 4 .   ? 3.437   -11.946 4.813   1.00 20.03 ? 209 HOH A O   1 
HETATM 879 O O   . HOH D 4 .   ? 11.192  8.390   -0.996  1.00 22.13 ? 210 HOH A O   1 
HETATM 880 O O   . HOH D 4 .   ? 6.833   -8.536  -3.301  1.00 23.00 ? 211 HOH A O   1 
HETATM 881 O O   . HOH D 4 .   ? 18.847  8.329   5.539   1.00 18.56 ? 212 HOH A O   1 
HETATM 882 O O   . HOH D 4 .   ? 2.221   7.067   2.247   1.00 23.18 ? 213 HOH A O   1 
HETATM 883 O O   . HOH D 4 .   ? 2.171   -3.008  -12.136 1.00 17.95 ? 214 HOH A O   1 
HETATM 884 O O   . HOH D 4 .   ? 12.088  1.321   10.399  1.00 30.82 ? 215 HOH A O   1 
HETATM 885 O O   . HOH D 4 .   ? 7.591   7.478   7.168   1.00 24.00 ? 216 HOH A O   1 
HETATM 886 O O   . HOH D 4 .   ? -7.098  -7.129  4.814   1.00 16.66 ? 217 HOH A O   1 
HETATM 887 O O   . HOH D 4 .   ? -19.500 -7.904  0.768   1.00 24.77 ? 218 HOH A O   1 
HETATM 888 O O   . HOH D 4 .   ? 4.538   -1.910  -13.294 1.00 18.46 ? 219 HOH A O   1 
HETATM 889 O O   . HOH D 4 .   ? -10.428 1.246   8.680   1.00 22.03 ? 220 HOH A O   1 
HETATM 890 O O   . HOH D 4 .   ? 1.495   7.882   9.367   1.00 23.22 ? 221 HOH A O   1 
HETATM 891 O O   . HOH D 4 .   ? -4.864  -0.469  -12.675 1.00 23.65 ? 222 HOH A O   1 
HETATM 892 O O   . HOH D 4 .   ? -15.520 -0.681  5.532   1.00 25.26 ? 223 HOH A O   1 
HETATM 893 O O   . HOH D 4 .   ? 6.167   -0.794  10.841  1.00 24.60 ? 224 HOH A O   1 
HETATM 894 O O   . HOH D 4 .   ? -6.998  -9.465  7.294   1.00 23.56 ? 225 HOH A O   1 
HETATM 895 O O   . HOH D 4 .   ? 8.035   -1.986  -13.168 1.00 21.70 ? 226 HOH A O   1 
HETATM 896 O O   . HOH D 4 .   ? -5.189  7.394   5.222   1.00 18.58 ? 227 HOH A O   1 
HETATM 897 O O   . HOH D 4 .   ? -11.011 -11.850 -4.859  1.00 24.50 ? 228 HOH A O   1 
HETATM 898 O O   . HOH D 4 .   ? -6.810  -8.980  11.099  1.00 36.42 ? 229 HOH A O   1 
HETATM 899 O O   . HOH D 4 .   ? 12.349  3.132   -11.233 1.00 21.31 ? 230 HOH A O   1 
HETATM 900 O O   . HOH D 4 .   ? 16.035  3.970   -4.750  1.00 22.44 ? 231 HOH A O   1 
HETATM 901 O O   . HOH D 4 .   ? 8.504   2.287   11.221  1.00 32.11 ? 232 HOH A O   1 
HETATM 902 O O   . HOH D 4 .   ? -9.517  -14.526 2.529   1.00 32.13 ? 233 HOH A O   1 
HETATM 903 O O   . HOH D 4 .   ? 0.132   5.689   10.315  1.00 25.79 ? 234 HOH A O   1 
HETATM 904 O O   . HOH D 4 .   ? -17.603 2.240   5.727   1.00 35.09 ? 235 HOH A O   1 
HETATM 905 O O   . HOH D 4 .   ? 5.477   -10.481 4.515   1.00 28.00 ? 236 HOH A O   1 
HETATM 906 O O   . HOH D 4 .   ? 0.586   -11.606 -11.140 1.00 35.26 ? 237 HOH A O   1 
HETATM 907 O O   . HOH D 4 .   ? -12.022 -13.399 -3.125  1.00 31.51 ? 238 HOH A O   1 
HETATM 908 O O   . HOH D 4 .   ? 4.621   -6.419  -12.479 1.00 27.97 ? 239 HOH A O   1 
HETATM 909 O O   . HOH D 4 .   ? -4.257  -14.550 0.028   1.00 47.76 ? 240 HOH A O   1 
HETATM 910 O O   . HOH D 4 .   ? 10.958  -2.955  11.361  1.00 30.16 ? 241 HOH A O   1 
HETATM 911 O O   . HOH D 4 .   ? -10.816 5.322   7.119   1.00 32.65 ? 242 HOH A O   1 
HETATM 912 O O   . HOH D 4 .   ? 8.132   -2.598  11.110  1.00 41.63 ? 243 HOH A O   1 
HETATM 913 O O   . HOH D 4 .   ? 6.032   0.583   -16.769 1.00 32.25 ? 244 HOH A O   1 
HETATM 914 O O   . HOH D 4 .   ? -3.103  0.190   -15.300 1.00 31.83 ? 245 HOH A O   1 
HETATM 915 O O   . HOH D 4 .   ? -8.105  8.768   6.376   1.00 16.59 ? 246 HOH A O   1 
HETATM 916 O O   . HOH D 4 .   ? 5.191   1.702   10.806  1.00 34.96 ? 247 HOH A O   1 
HETATM 917 O O   . HOH D 4 .   ? 9.798   -6.027  -8.407  1.00 43.81 ? 248 HOH A O   1 
HETATM 918 O O   . HOH D 4 .   ? -6.188  -14.572 1.848   1.00 34.87 ? 249 HOH A O   1 
HETATM 919 O O   . HOH D 4 .   ? 6.375   -0.190  14.010  1.00 37.48 ? 250 HOH A O   1 
HETATM 920 O O   . HOH D 4 .   ? 4.934   9.315   8.489   1.00 44.68 ? 251 HOH A O   1 
HETATM 921 O O   . HOH D 4 .   ? -2.244  10.874  5.996   1.00 35.58 ? 252 HOH A O   1 
HETATM 922 O O   . HOH D 4 .   ? 10.977  3.062   12.024  1.00 36.35 ? 253 HOH A O   1 
HETATM 923 O O   . HOH D 4 .   ? -9.555  -5.382  -12.892 1.00 29.87 ? 254 HOH A O   1 
HETATM 924 O O   . HOH D 4 .   ? -12.345 7.133   5.637   1.00 38.47 ? 255 HOH A O   1 
HETATM 925 O O   . HOH D 4 .   ? -14.380 -4.783  8.244   1.00 21.09 ? 256 HOH A O   1 
HETATM 926 O O   . HOH D 4 .   ? -6.024  1.766   12.398  1.00 21.57 ? 257 HOH A O   1 
HETATM 927 O O   . HOH D 4 .   ? 3.478   -5.281  17.127  1.00 25.17 ? 258 HOH A O   1 
HETATM 928 O O   . HOH D 4 .   ? 8.135   -0.652  -15.618 1.00 36.29 ? 259 HOH A O   1 
HETATM 929 O O   . HOH D 4 .   ? 2.961   -14.441 4.084   1.00 26.93 ? 260 HOH A O   1 
HETATM 930 O O   . HOH D 4 .   ? -11.238 3.752   9.235   1.00 32.33 ? 261 HOH A O   1 
HETATM 931 O O   . HOH D 4 .   ? -1.662  15.493  1.372   1.00 34.62 ? 262 HOH A O   1 
HETATM 932 O O   . HOH D 4 .   ? 6.356   -8.289  -11.500 1.00 48.14 ? 263 HOH A O   1 
HETATM 933 O O   . HOH D 4 .   ? -1.711  -0.817  -18.007 1.00 41.43 ? 264 HOH A O   1 
HETATM 934 O O   . HOH D 4 .   ? -4.548  10.262  4.932   1.00 42.06 ? 265 HOH A O   1 
HETATM 935 O O   . HOH D 4 .   ? 16.794  0.662   1.025   1.00 39.82 ? 266 HOH A O   1 
HETATM 936 O O   . HOH D 4 .   ? -3.078  -11.837 8.402   1.00 40.60 ? 267 HOH A O   1 
HETATM 937 O O   . HOH D 4 .   ? 2.568   9.331   -9.377  1.00 33.76 ? 268 HOH A O   1 
HETATM 938 O O   . HOH D 4 .   ? 5.961   -4.066  -13.808 1.00 31.92 ? 269 HOH A O   1 
HETATM 939 O O   . HOH D 4 .   ? 13.928  -0.733  1.246   1.00 34.48 ? 270 HOH A O   1 
HETATM 940 O O   . HOH D 4 .   ? 9.011   -4.567  -13.331 1.00 40.36 ? 271 HOH A O   1 
HETATM 941 O O   . HOH D 4 .   ? -3.771  -14.721 -3.884  1.00 31.43 ? 272 HOH A O   1 
HETATM 942 O O   . HOH D 4 .   ? -15.875 -3.189  -7.952  1.00 37.17 ? 273 HOH A O   1 
HETATM 943 O O   . HOH D 4 .   ? -14.359 -13.781 -4.298  1.00 35.96 ? 274 HOH A O   1 
HETATM 944 O O   . HOH D 4 .   ? 14.859  -1.449  -1.173  1.00 35.04 ? 275 HOH A O   1 
HETATM 945 O O   . HOH D 4 .   ? 12.421  2.843   -13.780 1.00 48.13 ? 276 HOH A O   1 
HETATM 946 O O   . HOH D 4 .   ? -5.263  13.378  3.833   1.00 51.69 ? 277 HOH A O   1 
HETATM 947 O O   . HOH D 4 .   ? 11.437  9.293   -5.936  1.00 47.00 ? 278 HOH A O   1 
HETATM 948 O O   . HOH D 4 .   ? -9.544  0.988   11.213  1.00 42.60 ? 279 HOH A O   1 
HETATM 949 O O   . HOH D 4 .   ? -2.684  -9.100  9.174   1.00 33.83 ? 280 HOH A O   1 
HETATM 950 O O   . HOH D 4 .   ? -5.870  -12.073 8.900   1.00 47.85 ? 281 HOH A O   1 
HETATM 951 O O   . HOH D 4 .   ? -5.536  -16.278 4.049   1.00 52.51 ? 282 HOH A O   1 
HETATM 952 O O   . HOH D 4 .   ? -4.855  -3.185  16.092  1.00 41.91 ? 283 HOH A O   1 
HETATM 953 O O   . HOH D 4 .   ? 3.575   7.236   -14.355 1.00 41.62 ? 284 HOH A O   1 
HETATM 954 O O   . HOH D 4 .   ? -9.977  -7.481  -8.383  1.00 42.65 ? 285 HOH A O   1 
HETATM 955 O O   . HOH D 4 .   ? 8.130   -16.402 8.270   1.00 32.54 ? 286 HOH A O   1 
HETATM 956 O O   . HOH D 4 .   ? 1.533   0.090   -10.796 1.00 17.40 ? 287 HOH A O   1 
HETATM 957 O O   . HOH D 4 .   ? -1.117  -6.831  13.753  1.00 20.39 ? 288 HOH A O   1 
HETATM 958 O O   . HOH D 4 .   ? -10.842 -7.467  -13.618 1.00 52.60 ? 289 HOH A O   1 
HETATM 959 O O   . HOH D 4 .   ? -0.910  -14.419 -5.461  1.00 48.55 ? 290 HOH A O   1 
HETATM 960 O O   . HOH D 4 .   ? 8.057   9.784   9.060   1.00 51.95 ? 291 HOH A O   1 
HETATM 961 O O   . HOH D 4 .   ? 6.065   -15.915 10.364  1.00 30.54 ? 292 HOH A O   1 
HETATM 962 O O   . HOH D 4 .   ? -9.682  -9.387  -6.492  1.00 28.37 ? 293 HOH A O   1 
HETATM 963 O O   . HOH D 4 .   ? 2.076   -17.475 7.533   1.00 55.91 ? 294 HOH A O   1 
HETATM 964 O O   . HOH D 4 .   ? -7.850  -2.964  14.560  1.00 39.90 ? 295 HOH A O   1 
HETATM 965 O O   . HOH D 4 .   ? 16.472  2.798   3.767   1.00 47.52 ? 296 HOH A O   1 
HETATM 966 O O   . HOH D 4 .   ? 1.638   9.178   -12.177 1.00 56.79 ? 297 HOH A O   1 
HETATM 967 O O   . HOH D 4 .   ? 16.726  5.825   3.346   1.00 44.50 ? 298 HOH A O   1 
HETATM 968 O O   . HOH D 4 .   ? -15.510 -15.924 -5.157  1.00 49.34 ? 299 HOH A O   1 
HETATM 969 O O   . HOH D 4 .   ? 7.403   12.240  7.364   1.00 56.65 ? 300 HOH A O   1 
HETATM 970 O O   . HOH D 4 .   ? 18.549  2.562   2.203   1.00 47.39 ? 301 HOH A O   1 
HETATM 971 O O   . HOH D 4 .   ? -9.282  3.693   11.356  1.00 47.62 ? 302 HOH A O   1 
HETATM 972 O O   . HOH D 4 .   ? -12.107 -7.907  -9.825  1.00 42.41 ? 303 HOH A O   1 
HETATM 973 O O   . HOH D 4 .   ? -8.222  -0.340  13.123  1.00 47.03 ? 304 HOH A O   1 
HETATM 974 O O   . HOH D 4 .   ? 1.112   -16.332 4.327   1.00 53.04 ? 305 HOH A O   1 
HETATM 975 O O   . HOH D 4 .   ? -5.724  8.081   9.043   1.00 36.51 ? 306 HOH A O   1 
HETATM 976 O O   . HOH D 4 .   ? 1.091   5.642   12.928  1.00 38.46 ? 307 HOH A O   1 
HETATM 977 O O   . HOH D 4 .   ? 17.058  1.424   -5.296  1.00 33.43 ? 308 HOH A O   1 
HETATM 978 O O   . HOH D 4 .   ? -5.380  -8.625  8.918   1.00 38.99 ? 309 HOH A O   1 
HETATM 979 O O   . HOH D 4 .   ? 9.946   -4.290  -10.303 1.00 45.48 ? 310 HOH A O   1 
HETATM 980 O O   . HOH D 4 .   ? 15.530  7.584   -6.748  1.00 42.21 ? 311 HOH A O   1 
HETATM 981 O O   . HOH D 4 .   ? 6.873   -3.132  13.972  1.00 32.99 ? 312 HOH A O   1 
HETATM 982 O O   . HOH D 4 .   ? 3.948   -14.503 1.667   1.00 40.76 ? 313 HOH A O   1 
HETATM 983 O O   . HOH D 4 .   ? -14.098 2.001   8.637   1.00 44.75 ? 314 HOH A O   1 
HETATM 984 O O   . HOH D 4 .   ? 13.984  -3.754  9.577   1.00 40.55 ? 315 HOH A O   1 
HETATM 985 O O   . HOH D 4 .   ? -21.037 -10.998 -6.871  1.00 52.94 ? 316 HOH A O   1 
HETATM 986 O O   . HOH D 4 .   ? 10.853  -6.248  -4.357  1.00 43.20 ? 317 HOH A O   1 
HETATM 987 O O   . HOH D 4 .   ? 13.160  -4.532  12.184  1.00 46.10 ? 318 HOH A O   1 
HETATM 988 O O   . HOH D 4 .   ? -0.694  -7.933  15.783  1.00 33.94 ? 319 HOH A O   1 
HETATM 989 O O   . HOH D 4 .   ? -1.974  -9.356  13.396  1.00 31.79 ? 320 HOH A O   1 
HETATM 990 O O   . HOH D 4 .   ? 13.666  -6.850  4.191   1.00 41.96 ? 321 HOH A O   1 
HETATM 991 O O   . HOH D 4 .   ? 8.036   6.943   -2.185  1.00 31.89 ? 322 HOH A O   1 
HETATM 992 O O   . HOH D 4 .   ? 13.221  -5.042  -3.145  1.00 44.81 ? 323 HOH A O   1 
# 
